data_4RVO
#
_entry.id   4RVO
#
_cell.length_a   127.237
_cell.length_b   210.223
_cell.length_c   71.504
_cell.angle_alpha   90.000
_cell.angle_beta   90.000
_cell.angle_gamma   90.000
#
_symmetry.space_group_name_H-M   'P 21 21 2'
#
loop_
_entity.id
_entity.type
_entity.pdbx_description
1 polymer 'Phenylacetate-coenzyme A ligase'
2 non-polymer 'ZINC ION'
3 non-polymer "ADENOSINE-5'-DIPHOSPHATE"
4 non-polymer 'POTASSIUM ION'
5 non-polymer 'UNKNOWN LIGAND'
6 non-polymer 'SULFATE ION'
7 non-polymer 'TETRAETHYLENE GLYCOL'
8 non-polymer DI(HYDROXYETHYL)ETHER
9 non-polymer 'TRIETHYLENE GLYCOL'
10 non-polymer 1,2-ETHANEDIOL
11 water water
#
_entity_poly.entity_id   1
_entity_poly.type   'polypeptide(L)'
_entity_poly.pdbx_seq_one_letter_code
;G(MSE)STQYWEEEIEI(MSE)SREKLQELQLQRLKKTINIAANSPYYKEVFSKNGITGDSIQSLDDIRKIPFTTKSD
(MSE)RANYPFGLVAGD(MSE)KRDGVRIHSSSGTTGNPTVIVHSQHDLDSWANLVARCLY(MSE)VGIRKTDVFQNSSG
YG(MSE)FTGGLGFQYGAERLGCLTVPAAAGNSKRQIKFISDFKTTALHAIPSYAIRLAEVFQEEGIDPRETTLKTLVIG
AEPHTDEQRRKIER(MSE)LNVKAYNSFG(MSE)TE(MSE)NGPGVAFECQEQNG(MSE)HFWEDCYLVEIIDPETGEPV
PEGEIGELVLTTLDRE(MSE)(MSE)PLIRYRTRDLTRILPGKCPCGRTHLRIDRIKGRSDD(MSE)FIIKGVNIFP
(MSE)QVEKILVQFPELGSNYLITLETVNNQDE(MSE)IVEVELSDLSTDNYIELEKIRRDIIRQLKDEILVTPKVKLVK
KGSLPQSEGKAVRVKDLRDNK
;
_entity_poly.pdbx_strand_id   A,B,C,D
#
# COMPACT_ATOMS: atom_id res chain seq x y z
N GLY A 1 33.20 -47.31 -24.94
CA GLY A 1 33.72 -47.44 -26.29
C GLY A 1 32.96 -48.42 -27.15
N SER A 3 29.95 -49.66 -26.51
CA SER A 3 28.52 -49.34 -26.49
C SER A 3 28.28 -47.82 -26.47
N THR A 4 29.27 -47.01 -26.92
CA THR A 4 29.12 -45.55 -26.92
C THR A 4 28.26 -45.08 -28.13
N GLN A 5 27.34 -44.13 -27.89
CA GLN A 5 26.47 -43.57 -28.94
C GLN A 5 26.92 -42.16 -29.31
N TYR A 6 26.96 -41.86 -30.63
CA TYR A 6 27.45 -40.58 -31.11
C TYR A 6 26.37 -39.81 -31.88
N TRP A 7 26.33 -38.48 -31.70
CA TRP A 7 25.42 -37.60 -32.47
C TRP A 7 25.87 -37.55 -33.94
N GLU A 8 27.19 -37.41 -34.18
CA GLU A 8 27.79 -37.45 -35.52
C GLU A 8 29.01 -38.37 -35.51
N GLU A 9 28.79 -39.71 -35.55
CA GLU A 9 29.85 -40.71 -35.41
C GLU A 9 31.03 -40.42 -36.36
N GLU A 10 30.75 -40.20 -37.66
CA GLU A 10 31.80 -40.03 -38.67
C GLU A 10 32.80 -38.89 -38.28
N ILE A 11 32.30 -37.83 -37.65
CA ILE A 11 33.16 -36.70 -37.25
C ILE A 11 33.80 -36.96 -35.85
N GLU A 12 33.01 -37.49 -34.91
CA GLU A 12 33.45 -37.63 -33.51
C GLU A 12 34.57 -38.72 -33.33
N ILE A 13 34.61 -39.75 -34.21
CA ILE A 13 35.67 -40.78 -34.13
C ILE A 13 36.56 -40.72 -35.41
N SER A 15 39.55 -40.22 -37.92
CA SER A 15 41.00 -40.39 -37.71
C SER A 15 41.70 -39.03 -37.65
N ARG A 16 42.78 -38.94 -36.85
CA ARG A 16 43.54 -37.69 -36.69
C ARG A 16 44.00 -37.14 -38.08
N GLU A 17 44.40 -38.05 -39.00
CA GLU A 17 44.86 -37.65 -40.34
C GLU A 17 43.73 -36.97 -41.13
N LYS A 18 42.51 -37.56 -41.13
CA LYS A 18 41.37 -37.01 -41.86
C LYS A 18 40.78 -35.80 -41.12
N LEU A 19 40.96 -35.75 -39.80
CA LEU A 19 40.53 -34.62 -38.99
C LEU A 19 41.40 -33.38 -39.30
N GLN A 20 42.73 -33.59 -39.45
CA GLN A 20 43.66 -32.52 -39.82
C GLN A 20 43.41 -32.05 -41.27
N GLU A 21 43.04 -33.00 -42.14
CA GLU A 21 42.68 -32.70 -43.53
C GLU A 21 41.42 -31.81 -43.57
N LEU A 22 40.45 -32.09 -42.67
CA LEU A 22 39.23 -31.31 -42.57
C LEU A 22 39.53 -29.90 -42.01
N GLN A 23 40.43 -29.83 -40.99
CA GLN A 23 40.82 -28.55 -40.38
C GLN A 23 41.47 -27.63 -41.41
N LEU A 24 42.40 -28.19 -42.24
CA LEU A 24 43.14 -27.40 -43.23
C LEU A 24 42.20 -26.85 -44.30
N GLN A 25 41.25 -27.69 -44.77
CA GLN A 25 40.28 -27.27 -45.76
C GLN A 25 39.43 -26.09 -45.24
N ARG A 26 38.95 -26.20 -43.98
CA ARG A 26 38.11 -25.17 -43.37
C ARG A 26 38.94 -23.94 -42.96
N LEU A 27 40.24 -24.13 -42.65
CA LEU A 27 41.13 -23.02 -42.29
C LEU A 27 41.36 -22.10 -43.48
N LYS A 28 41.62 -22.69 -44.68
CA LYS A 28 41.79 -21.92 -45.93
C LYS A 28 40.51 -21.13 -46.25
N LYS A 29 39.34 -21.81 -46.13
CA LYS A 29 38.02 -21.20 -46.37
C LYS A 29 37.79 -20.00 -45.41
N THR A 30 38.20 -20.15 -44.12
CA THR A 30 38.03 -19.12 -43.10
C THR A 30 38.93 -17.91 -43.39
N ILE A 31 40.19 -18.14 -43.80
CA ILE A 31 41.13 -17.07 -44.12
C ILE A 31 40.62 -16.26 -45.33
N ASN A 32 40.05 -16.95 -46.36
CA ASN A 32 39.55 -16.28 -47.55
C ASN A 32 38.29 -15.45 -47.24
N ILE A 33 37.44 -15.93 -46.30
CA ILE A 33 36.26 -15.18 -45.88
C ILE A 33 36.66 -13.96 -45.03
N ALA A 34 37.50 -14.17 -43.99
CA ALA A 34 37.96 -13.11 -43.09
C ALA A 34 38.67 -11.97 -43.87
N ALA A 35 39.26 -12.29 -45.04
CA ALA A 35 39.95 -11.30 -45.88
C ALA A 35 38.99 -10.20 -46.37
N ASN A 36 37.66 -10.48 -46.34
CA ASN A 36 36.65 -9.52 -46.77
C ASN A 36 36.30 -8.51 -45.67
N SER A 37 36.67 -8.83 -44.39
CA SER A 37 36.43 -7.92 -43.28
C SER A 37 37.45 -6.77 -43.29
N PRO A 38 37.05 -5.56 -42.91
CA PRO A 38 38.01 -4.44 -42.91
C PRO A 38 39.23 -4.70 -42.01
N TYR A 39 39.01 -5.38 -40.85
CA TYR A 39 40.09 -5.64 -39.90
C TYR A 39 41.14 -6.60 -40.47
N TYR A 40 40.71 -7.82 -40.88
CA TYR A 40 41.66 -8.83 -41.35
C TYR A 40 42.24 -8.47 -42.72
N LYS A 41 41.53 -7.63 -43.50
CA LYS A 41 42.06 -7.16 -44.79
C LYS A 41 43.34 -6.31 -44.56
N GLU A 42 43.34 -5.47 -43.50
CA GLU A 42 44.52 -4.67 -43.10
C GLU A 42 45.62 -5.58 -42.50
N VAL A 43 45.23 -6.52 -41.61
CA VAL A 43 46.18 -7.45 -40.99
C VAL A 43 46.89 -8.31 -42.07
N PHE A 44 46.13 -8.81 -43.07
CA PHE A 44 46.68 -9.64 -44.14
C PHE A 44 47.55 -8.79 -45.07
N SER A 45 47.20 -7.51 -45.25
CA SER A 45 47.98 -6.59 -46.09
C SER A 45 49.32 -6.24 -45.41
N LYS A 46 49.30 -6.03 -44.08
CA LYS A 46 50.50 -5.65 -43.32
C LYS A 46 51.47 -6.83 -43.19
N ASN A 47 50.95 -8.07 -43.07
CA ASN A 47 51.79 -9.23 -42.79
C ASN A 47 51.93 -10.14 -44.05
N GLY A 48 51.52 -9.63 -45.21
CA GLY A 48 51.66 -10.33 -46.49
C GLY A 48 50.94 -11.67 -46.54
N ILE A 49 49.74 -11.74 -45.97
CA ILE A 49 48.96 -12.97 -45.98
C ILE A 49 48.11 -13.03 -47.24
N THR A 50 48.36 -14.02 -48.09
CA THR A 50 47.61 -14.21 -49.32
C THR A 50 46.82 -15.54 -49.27
N GLY A 51 46.12 -15.86 -50.35
CA GLY A 51 45.39 -17.12 -50.47
C GLY A 51 46.30 -18.32 -50.61
N ASP A 52 47.63 -18.07 -50.68
CA ASP A 52 48.63 -19.15 -50.83
C ASP A 52 49.52 -19.26 -49.58
N SER A 53 49.32 -18.36 -48.59
CA SER A 53 50.13 -18.35 -47.37
C SER A 53 49.89 -19.60 -46.51
N ILE A 54 48.63 -20.10 -46.48
CA ILE A 54 48.31 -21.29 -45.68
C ILE A 54 48.32 -22.54 -46.57
N GLN A 55 49.35 -23.39 -46.40
CA GLN A 55 49.47 -24.66 -47.12
C GLN A 55 49.40 -25.82 -46.13
N SER A 56 49.71 -25.55 -44.85
CA SER A 56 49.61 -26.53 -43.77
C SER A 56 48.99 -25.90 -42.54
N LEU A 57 48.62 -26.72 -41.53
CA LEU A 57 48.03 -26.21 -40.30
C LEU A 57 49.04 -25.38 -39.49
N ASP A 58 50.35 -25.65 -39.70
CA ASP A 58 51.41 -24.92 -39.00
C ASP A 58 51.58 -23.51 -39.57
N ASP A 59 51.10 -23.28 -40.83
CA ASP A 59 51.22 -21.98 -41.50
C ASP A 59 50.34 -20.92 -40.83
N ILE A 60 49.44 -21.33 -39.91
CA ILE A 60 48.57 -20.38 -39.21
C ILE A 60 49.42 -19.43 -38.34
N ARG A 61 50.62 -19.93 -37.84
CA ARG A 61 51.49 -19.11 -37.00
CA ARG A 61 51.52 -19.13 -37.01
C ARG A 61 52.09 -17.93 -37.78
N LYS A 62 51.80 -17.85 -39.11
CA LYS A 62 52.21 -16.70 -39.92
C LYS A 62 51.32 -15.51 -39.60
N ILE A 63 50.06 -15.79 -39.22
CA ILE A 63 49.08 -14.75 -38.90
C ILE A 63 49.26 -14.27 -37.44
N PRO A 64 49.24 -12.94 -37.18
CA PRO A 64 49.37 -12.46 -35.80
C PRO A 64 48.12 -12.80 -34.97
N PHE A 65 48.23 -12.70 -33.65
CA PHE A 65 47.09 -12.97 -32.76
C PHE A 65 46.05 -11.87 -32.84
N THR A 66 44.76 -12.23 -32.62
CA THR A 66 43.69 -11.27 -32.47
C THR A 66 43.38 -11.11 -30.99
N THR A 67 43.49 -9.87 -30.48
CA THR A 67 43.30 -9.59 -29.06
C THR A 67 41.97 -8.89 -28.82
N LYS A 68 41.48 -8.94 -27.54
CA LYS A 68 40.28 -8.24 -27.13
C LYS A 68 40.43 -6.72 -27.41
N SER A 69 41.65 -6.18 -27.21
CA SER A 69 41.96 -4.77 -27.47
C SER A 69 41.74 -4.42 -28.96
N ASP A 70 42.14 -5.33 -29.89
CA ASP A 70 41.95 -5.13 -31.32
C ASP A 70 40.48 -5.13 -31.68
N ARG A 72 37.98 -4.34 -29.58
CA ARG A 72 37.44 -3.08 -29.03
C ARG A 72 37.76 -1.91 -29.96
N ALA A 73 38.96 -1.94 -30.60
CA ALA A 73 39.39 -0.88 -31.51
C ALA A 73 38.55 -0.87 -32.78
N ASN A 74 38.05 -2.04 -33.20
CA ASN A 74 37.28 -2.15 -34.44
C ASN A 74 35.76 -2.29 -34.14
N TYR A 75 35.34 -1.92 -32.91
CA TYR A 75 33.95 -1.98 -32.50
C TYR A 75 33.08 -1.03 -33.36
N PRO A 76 31.89 -1.49 -33.84
CA PRO A 76 31.24 -2.76 -33.53
C PRO A 76 31.40 -3.84 -34.64
N PHE A 77 31.56 -3.42 -35.93
CA PHE A 77 31.51 -4.37 -37.04
C PHE A 77 32.80 -4.39 -37.90
N GLY A 78 33.93 -4.01 -37.29
CA GLY A 78 35.22 -4.01 -37.98
C GLY A 78 35.70 -5.40 -38.42
N LEU A 79 35.26 -6.47 -37.72
CA LEU A 79 35.68 -7.84 -38.06
C LEU A 79 34.57 -8.62 -38.82
N VAL A 80 33.48 -7.93 -39.22
CA VAL A 80 32.40 -8.58 -39.99
C VAL A 80 32.87 -8.81 -41.45
N ALA A 81 32.82 -10.08 -41.90
CA ALA A 81 33.33 -10.46 -43.22
C ALA A 81 32.20 -10.68 -44.24
N GLY A 82 31.04 -11.15 -43.75
CA GLY A 82 29.90 -11.45 -44.62
C GLY A 82 28.99 -10.27 -44.90
N ASP A 83 27.87 -10.52 -45.62
CA ASP A 83 26.88 -9.48 -45.91
C ASP A 83 25.88 -9.39 -44.75
N LYS A 85 23.73 -7.05 -43.84
CA LYS A 85 22.39 -6.54 -44.17
C LYS A 85 21.48 -7.67 -44.72
N ARG A 86 22.05 -8.59 -45.52
CA ARG A 86 21.28 -9.65 -46.17
C ARG A 86 21.29 -10.97 -45.36
N ASP A 87 22.45 -11.32 -44.75
CA ASP A 87 22.63 -12.64 -44.18
C ASP A 87 22.75 -12.61 -42.62
N GLY A 88 23.00 -11.43 -42.05
CA GLY A 88 23.12 -11.28 -40.59
C GLY A 88 21.79 -11.46 -39.87
N VAL A 89 21.73 -12.41 -38.91
CA VAL A 89 20.46 -12.73 -38.25
C VAL A 89 20.54 -12.53 -36.69
N ARG A 90 21.76 -12.34 -36.12
CA ARG A 90 21.86 -12.10 -34.66
C ARG A 90 23.15 -11.41 -34.27
N ILE A 91 23.06 -10.57 -33.19
CA ILE A 91 24.22 -9.95 -32.55
C ILE A 91 24.30 -10.40 -31.10
N HIS A 92 25.48 -10.79 -30.65
CA HIS A 92 25.72 -11.03 -29.25
C HIS A 92 26.76 -10.08 -28.73
N SER A 93 26.41 -9.33 -27.69
CA SER A 93 27.28 -8.30 -27.15
C SER A 93 27.59 -8.56 -25.67
N SER A 94 28.82 -8.25 -25.24
CA SER A 94 29.18 -8.34 -23.83
C SER A 94 28.65 -7.11 -23.07
N SER A 95 28.77 -7.11 -21.73
CA SER A 95 28.23 -6.04 -20.89
C SER A 95 28.98 -4.72 -21.07
N GLY A 96 28.34 -3.62 -20.66
CA GLY A 96 29.02 -2.34 -20.53
C GLY A 96 28.49 -1.20 -21.37
N THR A 97 28.67 0.04 -20.84
CA THR A 97 28.36 1.29 -21.56
CA THR A 97 28.34 1.29 -21.55
C THR A 97 29.51 2.29 -21.38
N THR A 98 30.42 2.01 -20.40
CA THR A 98 31.59 2.87 -20.12
C THR A 98 32.74 2.61 -21.14
N GLY A 99 32.72 1.43 -21.78
CA GLY A 99 33.67 1.07 -22.81
C GLY A 99 33.02 0.37 -24.00
N ASN A 100 33.81 0.07 -25.04
CA ASN A 100 33.29 -0.64 -26.22
C ASN A 100 33.22 -2.15 -25.92
N PRO A 101 32.00 -2.73 -25.90
CA PRO A 101 31.89 -4.15 -25.58
C PRO A 101 32.32 -5.07 -26.76
N THR A 102 32.24 -6.37 -26.55
CA THR A 102 32.55 -7.35 -27.59
C THR A 102 31.30 -7.65 -28.38
N VAL A 103 31.39 -7.62 -29.70
CA VAL A 103 30.23 -7.90 -30.53
C VAL A 103 30.53 -9.06 -31.51
N ILE A 104 29.67 -10.11 -31.48
CA ILE A 104 29.78 -11.24 -32.41
C ILE A 104 28.53 -11.29 -33.28
N VAL A 105 28.68 -11.23 -34.60
CA VAL A 105 27.53 -11.25 -35.51
C VAL A 105 27.42 -12.62 -36.18
N HIS A 106 26.20 -13.21 -36.21
CA HIS A 106 26.00 -14.54 -36.77
C HIS A 106 25.10 -14.51 -37.98
N SER A 107 25.37 -15.40 -38.96
CA SER A 107 24.44 -15.69 -40.04
C SER A 107 23.61 -16.92 -39.67
N GLN A 108 22.61 -17.28 -40.50
CA GLN A 108 21.78 -18.45 -40.22
C GLN A 108 22.64 -19.73 -40.19
N HIS A 109 23.65 -19.81 -41.08
CA HIS A 109 24.60 -20.92 -41.09
C HIS A 109 25.31 -21.01 -39.73
N ASP A 110 25.78 -19.85 -39.21
CA ASP A 110 26.52 -19.78 -37.94
C ASP A 110 25.65 -20.24 -36.77
N LEU A 111 24.34 -19.87 -36.77
CA LEU A 111 23.42 -20.30 -35.70
C LEU A 111 23.18 -21.81 -35.78
N ASP A 112 23.04 -22.35 -37.02
CA ASP A 112 22.82 -23.80 -37.24
C ASP A 112 24.04 -24.61 -36.79
N SER A 113 25.26 -24.15 -37.16
CA SER A 113 26.52 -24.80 -36.74
C SER A 113 26.65 -24.78 -35.22
N TRP A 114 26.27 -23.66 -34.60
CA TRP A 114 26.32 -23.48 -33.17
C TRP A 114 25.29 -24.38 -32.46
N ALA A 115 24.08 -24.47 -33.01
CA ALA A 115 23.02 -25.33 -32.45
C ALA A 115 23.38 -26.80 -32.58
N ASN A 116 24.05 -27.18 -33.69
CA ASN A 116 24.47 -28.56 -33.92
C ASN A 116 25.54 -28.98 -32.90
N LEU A 117 26.50 -28.08 -32.58
CA LEU A 117 27.56 -28.36 -31.60
C LEU A 117 26.98 -28.57 -30.21
N VAL A 118 25.97 -27.73 -29.81
CA VAL A 118 25.35 -27.86 -28.50
C VAL A 118 24.53 -29.18 -28.43
N ALA A 119 23.85 -29.54 -29.54
CA ALA A 119 23.10 -30.79 -29.62
C ALA A 119 24.05 -31.99 -29.52
N ARG A 120 25.23 -31.90 -30.17
CA ARG A 120 26.27 -32.93 -30.11
C ARG A 120 26.76 -33.12 -28.68
N CYS A 121 26.97 -32.00 -27.94
CA CYS A 121 27.41 -32.02 -26.54
C CYS A 121 26.36 -32.73 -25.65
N LEU A 122 25.08 -32.29 -25.74
CA LEU A 122 24.01 -32.85 -24.90
C LEU A 122 23.84 -34.36 -25.17
N TYR A 123 23.91 -34.77 -26.45
CA TYR A 123 23.77 -36.19 -26.82
C TYR A 123 24.94 -37.00 -26.26
N VAL A 125 26.61 -36.70 -23.47
CA VAL A 125 26.52 -36.98 -22.05
C VAL A 125 25.24 -37.79 -21.72
N GLY A 126 24.51 -38.24 -22.76
CA GLY A 126 23.39 -39.16 -22.61
C GLY A 126 22.02 -38.51 -22.65
N ILE A 127 21.97 -37.19 -22.91
CA ILE A 127 20.69 -36.50 -23.00
C ILE A 127 20.02 -36.83 -24.34
N ARG A 128 18.71 -37.15 -24.30
CA ARG A 128 17.95 -37.54 -25.49
C ARG A 128 16.70 -36.67 -25.64
N LYS A 129 15.96 -36.82 -26.77
CA LYS A 129 14.75 -36.02 -27.04
C LYS A 129 13.64 -36.31 -25.98
N THR A 130 13.75 -37.47 -25.28
CA THR A 130 12.77 -37.87 -24.26
C THR A 130 13.01 -37.13 -22.93
N ASP A 131 14.09 -36.35 -22.86
CA ASP A 131 14.44 -35.64 -21.65
C ASP A 131 13.76 -34.28 -21.57
N VAL A 132 13.50 -33.79 -20.33
CA VAL A 132 12.95 -32.46 -20.08
C VAL A 132 14.10 -31.53 -19.67
N PHE A 133 14.55 -30.68 -20.59
CA PHE A 133 15.75 -29.85 -20.38
C PHE A 133 15.38 -28.46 -19.83
N GLN A 134 15.90 -28.12 -18.63
CA GLN A 134 15.65 -26.81 -18.02
C GLN A 134 16.92 -25.94 -18.07
N ASN A 135 16.79 -24.71 -18.57
CA ASN A 135 17.95 -23.83 -18.71
C ASN A 135 17.86 -22.65 -17.71
N SER A 136 18.70 -22.68 -16.64
CA SER A 136 18.71 -21.63 -15.62
C SER A 136 19.73 -20.53 -15.98
N SER A 137 20.28 -20.58 -17.21
CA SER A 137 21.18 -19.54 -17.70
C SER A 137 20.38 -18.32 -18.11
N GLY A 138 20.99 -17.15 -17.98
CA GLY A 138 20.38 -15.92 -18.42
C GLY A 138 20.18 -15.88 -19.92
N TYR A 139 19.07 -15.35 -20.36
CA TYR A 139 18.80 -15.22 -21.79
C TYR A 139 19.19 -13.82 -22.27
N GLY A 140 18.57 -13.35 -23.33
CA GLY A 140 18.92 -12.08 -23.94
C GLY A 140 20.28 -12.14 -24.63
N PHE A 142 23.15 -12.95 -23.25
CA PHE A 142 23.96 -14.07 -22.76
C PHE A 142 23.84 -15.27 -23.69
N THR A 143 24.97 -15.77 -24.18
CA THR A 143 24.98 -16.85 -25.19
C THR A 143 24.48 -18.19 -24.60
N GLY A 144 24.53 -18.32 -23.26
CA GLY A 144 24.08 -19.54 -22.57
C GLY A 144 22.59 -19.79 -22.70
N GLY A 145 21.81 -18.71 -22.81
CA GLY A 145 20.36 -18.80 -22.94
C GLY A 145 19.92 -19.35 -24.29
N LEU A 146 20.08 -18.54 -25.35
CA LEU A 146 19.69 -18.94 -26.71
C LEU A 146 20.56 -20.11 -27.23
N GLY A 147 21.79 -20.22 -26.73
CA GLY A 147 22.72 -21.27 -27.11
C GLY A 147 22.21 -22.67 -26.78
N PHE A 148 21.85 -22.90 -25.51
CA PHE A 148 21.32 -24.20 -25.10
C PHE A 148 19.88 -24.36 -25.55
N GLN A 149 19.13 -23.23 -25.69
CA GLN A 149 17.74 -23.29 -26.17
C GLN A 149 17.67 -23.91 -27.57
N TYR A 150 18.51 -23.41 -28.51
CA TYR A 150 18.53 -23.89 -29.89
C TYR A 150 19.10 -25.30 -29.96
N GLY A 151 20.13 -25.58 -29.14
CA GLY A 151 20.74 -26.90 -29.07
C GLY A 151 19.80 -27.98 -28.55
N ALA A 152 19.11 -27.70 -27.44
CA ALA A 152 18.17 -28.66 -26.83
C ALA A 152 16.94 -28.91 -27.74
N GLU A 153 16.45 -27.84 -28.42
CA GLU A 153 15.34 -27.98 -29.37
C GLU A 153 15.80 -28.80 -30.59
N ARG A 154 17.06 -28.57 -31.05
CA ARG A 154 17.66 -29.33 -32.16
C ARG A 154 17.71 -30.83 -31.81
N LEU A 155 18.04 -31.16 -30.55
CA LEU A 155 18.05 -32.55 -30.07
C LEU A 155 16.61 -33.08 -29.95
N GLY A 156 15.67 -32.22 -29.58
CA GLY A 156 14.26 -32.58 -29.48
C GLY A 156 13.73 -32.64 -28.06
N CYS A 157 14.52 -32.11 -27.08
CA CYS A 157 14.12 -32.10 -25.66
C CYS A 157 12.88 -31.25 -25.46
N LEU A 158 12.09 -31.57 -24.42
CA LEU A 158 11.06 -30.68 -23.95
C LEU A 158 11.71 -29.57 -23.13
N THR A 159 11.95 -28.41 -23.74
CA THR A 159 12.75 -27.36 -23.10
C THR A 159 11.93 -26.55 -22.11
N VAL A 160 12.57 -26.13 -21.01
CA VAL A 160 11.97 -25.27 -20.02
C VAL A 160 12.83 -23.98 -19.91
N PRO A 161 12.52 -22.95 -20.72
CA PRO A 161 13.35 -21.72 -20.68
C PRO A 161 13.12 -20.91 -19.38
N ALA A 162 13.58 -21.46 -18.24
CA ALA A 162 13.36 -20.84 -16.93
C ALA A 162 14.14 -19.53 -16.79
N ALA A 163 15.31 -19.43 -17.45
CA ALA A 163 16.21 -18.27 -17.33
C ALA A 163 16.81 -18.18 -15.88
N ALA A 164 17.46 -17.06 -15.57
CA ALA A 164 18.21 -16.91 -14.34
C ALA A 164 17.32 -16.63 -13.11
N GLY A 165 17.82 -17.03 -11.94
CA GLY A 165 17.23 -16.66 -10.64
C GLY A 165 15.90 -17.29 -10.31
N ASN A 166 15.24 -16.78 -9.22
CA ASN A 166 13.95 -17.28 -8.73
C ASN A 166 14.03 -18.79 -8.40
N SER A 167 14.85 -19.14 -7.39
CA SER A 167 15.09 -20.53 -6.97
C SER A 167 13.78 -21.30 -6.74
N LYS A 168 12.80 -20.68 -6.04
CA LYS A 168 11.50 -21.33 -5.77
C LYS A 168 10.76 -21.70 -7.08
N ARG A 169 10.91 -20.87 -8.12
CA ARG A 169 10.29 -21.15 -9.42
C ARG A 169 11.05 -22.24 -10.18
N GLN A 170 12.39 -22.29 -10.01
CA GLN A 170 13.23 -23.35 -10.60
C GLN A 170 12.82 -24.72 -10.04
N ILE A 171 12.59 -24.79 -8.71
CA ILE A 171 12.19 -26.03 -8.04
C ILE A 171 10.75 -26.41 -8.45
N LYS A 172 9.86 -25.40 -8.62
CA LYS A 172 8.48 -25.64 -9.05
C LYS A 172 8.46 -26.27 -10.46
N PHE A 173 9.29 -25.74 -11.38
CA PHE A 173 9.36 -26.26 -12.74
C PHE A 173 9.86 -27.72 -12.75
N ILE A 174 10.92 -28.01 -11.96
CA ILE A 174 11.47 -29.37 -11.87
C ILE A 174 10.41 -30.37 -11.34
N SER A 175 9.62 -29.94 -10.31
CA SER A 175 8.61 -30.79 -9.69
C SER A 175 7.39 -31.00 -10.61
N ASP A 176 6.87 -29.91 -11.22
CA ASP A 176 5.66 -29.96 -12.02
C ASP A 176 5.91 -30.52 -13.44
N PHE A 177 7.04 -30.12 -14.08
CA PHE A 177 7.30 -30.50 -15.48
C PHE A 177 8.16 -31.77 -15.54
N LYS A 178 8.56 -32.33 -14.37
CA LYS A 178 9.39 -33.55 -14.28
C LYS A 178 10.70 -33.38 -15.07
N THR A 179 11.45 -32.29 -14.79
CA THR A 179 12.73 -32.00 -15.43
C THR A 179 13.74 -33.13 -15.16
N THR A 180 14.48 -33.55 -16.21
CA THR A 180 15.48 -34.62 -16.07
C THR A 180 16.90 -34.07 -16.31
N ALA A 181 17.01 -32.99 -17.13
CA ALA A 181 18.30 -32.36 -17.42
C ALA A 181 18.27 -30.87 -17.08
N LEU A 182 19.30 -30.38 -16.36
CA LEU A 182 19.34 -28.99 -15.91
C LEU A 182 20.66 -28.33 -16.27
N HIS A 183 20.62 -27.11 -16.86
CA HIS A 183 21.82 -26.33 -17.09
C HIS A 183 21.92 -25.20 -16.06
N ALA A 184 22.98 -25.23 -15.25
CA ALA A 184 23.19 -24.23 -14.19
C ALA A 184 24.67 -24.06 -13.92
N ILE A 185 25.07 -22.90 -13.39
CA ILE A 185 26.45 -22.71 -12.95
C ILE A 185 26.67 -23.49 -11.65
N PRO A 186 27.89 -24.02 -11.43
CA PRO A 186 28.10 -24.91 -10.27
C PRO A 186 27.54 -24.33 -8.95
N SER A 187 27.80 -23.03 -8.67
CA SER A 187 27.36 -22.40 -7.41
C SER A 187 25.81 -22.35 -7.30
N TYR A 188 25.09 -22.21 -8.44
CA TYR A 188 23.63 -22.14 -8.40
C TYR A 188 23.01 -23.53 -8.24
N ALA A 189 23.71 -24.59 -8.74
CA ALA A 189 23.25 -25.97 -8.55
C ALA A 189 23.25 -26.35 -7.06
N ILE A 190 24.19 -25.78 -6.29
CA ILE A 190 24.26 -25.98 -4.85
C ILE A 190 23.13 -25.19 -4.17
N ARG A 191 22.86 -23.96 -4.65
CA ARG A 191 21.78 -23.12 -4.13
C ARG A 191 20.42 -23.81 -4.30
N LEU A 192 20.16 -24.42 -5.49
CA LEU A 192 18.90 -25.11 -5.77
C LEU A 192 18.72 -26.31 -4.82
N ALA A 193 19.80 -27.07 -4.56
CA ALA A 193 19.74 -28.20 -3.63
C ALA A 193 19.40 -27.73 -2.22
N GLU A 194 19.93 -26.55 -1.84
CA GLU A 194 19.67 -25.93 -0.55
C GLU A 194 18.19 -25.47 -0.45
N VAL A 195 17.67 -24.86 -1.54
CA VAL A 195 16.29 -24.37 -1.57
C VAL A 195 15.30 -25.56 -1.58
N PHE A 196 15.68 -26.71 -2.22
CA PHE A 196 14.87 -27.93 -2.16
C PHE A 196 14.61 -28.37 -0.70
N GLN A 197 15.68 -28.37 0.14
CA GLN A 197 15.58 -28.73 1.56
C GLN A 197 14.74 -27.71 2.32
N GLU A 198 14.88 -26.40 1.99
CA GLU A 198 14.10 -25.33 2.62
C GLU A 198 12.60 -25.53 2.39
N GLU A 199 12.23 -26.03 1.20
CA GLU A 199 10.82 -26.22 0.83
C GLU A 199 10.31 -27.64 1.24
N GLY A 200 11.15 -28.40 1.93
CA GLY A 200 10.79 -29.72 2.41
C GLY A 200 10.81 -30.81 1.35
N ILE A 201 11.73 -30.70 0.37
CA ILE A 201 11.88 -31.70 -0.67
C ILE A 201 13.29 -32.30 -0.62
N ASP A 202 13.40 -33.65 -0.65
CA ASP A 202 14.72 -34.32 -0.69
C ASP A 202 15.38 -34.07 -2.06
N PRO A 203 16.52 -33.31 -2.08
CA PRO A 203 17.14 -32.98 -3.39
C PRO A 203 17.68 -34.21 -4.12
N ARG A 204 17.81 -35.34 -3.40
CA ARG A 204 18.30 -36.59 -3.99
C ARG A 204 17.14 -37.41 -4.62
N GLU A 205 15.88 -37.01 -4.34
CA GLU A 205 14.73 -37.76 -4.81
C GLU A 205 13.85 -36.93 -5.76
N THR A 206 14.46 -36.30 -6.77
CA THR A 206 13.71 -35.57 -7.80
C THR A 206 13.81 -36.33 -9.14
N THR A 207 13.23 -35.77 -10.21
CA THR A 207 13.28 -36.39 -11.52
C THR A 207 14.62 -36.07 -12.24
N LEU A 208 15.47 -35.22 -11.60
CA LEU A 208 16.77 -34.82 -12.17
C LEU A 208 17.71 -36.02 -12.34
N LYS A 209 18.35 -36.14 -13.51
CA LYS A 209 19.30 -37.22 -13.77
C LYS A 209 20.65 -36.67 -14.24
N THR A 210 20.63 -35.63 -15.09
CA THR A 210 21.85 -35.07 -15.68
C THR A 210 21.95 -33.57 -15.41
N LEU A 211 23.15 -33.07 -15.09
CA LEU A 211 23.38 -31.65 -14.92
C LEU A 211 24.50 -31.17 -15.81
N VAL A 212 24.33 -30.00 -16.41
CA VAL A 212 25.37 -29.39 -17.23
C VAL A 212 25.84 -28.12 -16.55
N ILE A 213 27.13 -28.06 -16.17
CA ILE A 213 27.65 -26.92 -15.39
C ILE A 213 28.90 -26.32 -16.07
N GLY A 214 28.97 -25.00 -16.09
CA GLY A 214 30.12 -24.28 -16.63
C GLY A 214 30.11 -22.80 -16.32
N ALA A 215 30.69 -21.97 -17.23
CA ALA A 215 30.69 -20.50 -17.13
C ALA A 215 31.75 -19.97 -16.11
N GLU A 216 32.09 -20.78 -15.08
CA GLU A 216 33.07 -20.34 -14.08
C GLU A 216 33.96 -21.50 -13.64
N PRO A 217 35.20 -21.22 -13.16
CA PRO A 217 36.08 -22.31 -12.75
C PRO A 217 35.56 -23.00 -11.50
N HIS A 218 35.65 -24.34 -11.48
CA HIS A 218 35.23 -25.15 -10.35
C HIS A 218 36.05 -26.43 -10.30
N THR A 219 36.35 -26.91 -9.09
CA THR A 219 37.17 -28.12 -8.93
C THR A 219 36.35 -29.37 -9.20
N ASP A 220 37.04 -30.52 -9.40
CA ASP A 220 36.37 -31.80 -9.60
C ASP A 220 35.62 -32.21 -8.34
N GLU A 221 36.16 -31.81 -7.14
CA GLU A 221 35.54 -32.12 -5.85
C GLU A 221 34.23 -31.35 -5.67
N GLN A 222 34.19 -30.08 -6.18
CA GLN A 222 32.96 -29.27 -6.14
C GLN A 222 31.88 -29.93 -6.98
N ARG A 223 32.27 -30.50 -8.13
CA ARG A 223 31.32 -31.18 -9.01
C ARG A 223 30.79 -32.45 -8.35
N ARG A 224 31.69 -33.23 -7.69
CA ARG A 224 31.29 -34.46 -7.01
C ARG A 224 30.37 -34.15 -5.84
N LYS A 225 30.57 -32.98 -5.18
CA LYS A 225 29.69 -32.51 -4.10
C LYS A 225 28.28 -32.24 -4.67
N ILE A 226 28.20 -31.62 -5.87
CA ILE A 226 26.92 -31.36 -6.54
C ILE A 226 26.22 -32.69 -6.89
N GLU A 227 27.00 -33.68 -7.36
CA GLU A 227 26.46 -35.01 -7.74
C GLU A 227 25.86 -35.73 -6.53
N ARG A 228 26.45 -35.56 -5.33
CA ARG A 228 25.95 -36.22 -4.11
C ARG A 228 24.69 -35.52 -3.61
N LEU A 230 22.32 -33.81 -5.29
CA LEU A 230 21.14 -33.93 -6.14
C LEU A 230 20.98 -35.36 -6.71
N ASN A 231 21.92 -36.28 -6.38
CA ASN A 231 21.91 -37.66 -6.92
C ASN A 231 21.84 -37.62 -8.46
N VAL A 232 22.76 -36.87 -9.09
CA VAL A 232 22.80 -36.70 -10.56
C VAL A 232 24.20 -36.93 -11.08
N LYS A 233 24.35 -36.93 -12.41
CA LYS A 233 25.65 -36.89 -13.05
C LYS A 233 25.88 -35.52 -13.65
N ALA A 234 26.94 -34.80 -13.19
CA ALA A 234 27.22 -33.43 -13.63
C ALA A 234 28.39 -33.39 -14.59
N TYR A 235 28.25 -32.63 -15.69
CA TYR A 235 29.29 -32.58 -16.72
C TYR A 235 29.77 -31.16 -16.96
N ASN A 236 31.11 -31.00 -17.13
CA ASN A 236 31.71 -29.68 -17.34
C ASN A 236 31.44 -29.18 -18.75
N SER A 237 30.97 -27.92 -18.87
CA SER A 237 30.63 -27.30 -20.14
C SER A 237 31.44 -26.02 -20.35
N PHE A 238 32.25 -25.98 -21.41
CA PHE A 238 33.06 -24.80 -21.70
C PHE A 238 32.52 -24.05 -22.90
N GLY A 239 32.72 -22.75 -22.92
CA GLY A 239 32.36 -21.91 -24.03
C GLY A 239 32.62 -20.45 -23.76
N THR A 241 31.55 -16.27 -25.66
CA THR A 241 30.77 -15.54 -26.67
C THR A 241 31.52 -15.49 -28.02
N GLU A 242 32.85 -15.18 -27.98
CA GLU A 242 33.68 -15.08 -29.19
C GLU A 242 33.63 -16.37 -30.02
N ASN A 244 31.02 -18.44 -30.18
CA ASN A 244 29.55 -18.77 -30.25
C ASN A 244 28.93 -18.68 -28.89
N GLY A 245 29.49 -19.43 -27.96
CA GLY A 245 28.93 -19.57 -26.61
C GLY A 245 29.10 -20.99 -26.11
N PRO A 246 28.01 -21.66 -25.69
CA PRO A 246 28.14 -23.07 -25.29
C PRO A 246 28.38 -23.99 -26.51
N GLY A 247 28.88 -25.19 -26.25
CA GLY A 247 29.12 -26.18 -27.29
C GLY A 247 30.54 -26.18 -27.82
N VAL A 248 31.45 -25.39 -27.19
CA VAL A 248 32.84 -25.29 -27.64
C VAL A 248 33.66 -26.51 -27.13
N ALA A 249 33.70 -26.72 -25.79
CA ALA A 249 34.34 -27.89 -25.19
C ALA A 249 33.43 -28.50 -24.13
N PHE A 250 33.41 -29.82 -24.03
CA PHE A 250 32.45 -30.53 -23.19
C PHE A 250 33.00 -31.87 -22.75
N GLU A 251 32.78 -32.24 -21.46
CA GLU A 251 33.18 -33.56 -20.96
C GLU A 251 32.37 -34.66 -21.63
N CYS A 252 32.95 -35.87 -21.76
CA CYS A 252 32.19 -37.03 -22.17
C CYS A 252 31.71 -37.78 -20.91
N GLN A 253 31.15 -38.98 -21.07
CA GLN A 253 30.64 -39.72 -19.91
C GLN A 253 31.80 -40.27 -19.04
N GLU A 254 33.07 -40.14 -19.52
CA GLU A 254 34.25 -40.53 -18.73
C GLU A 254 34.58 -39.48 -17.67
N GLN A 255 34.05 -38.24 -17.85
CA GLN A 255 34.28 -37.11 -16.92
C GLN A 255 35.79 -36.91 -16.66
N ASN A 256 36.60 -36.96 -17.73
CA ASN A 256 38.05 -36.76 -17.63
C ASN A 256 38.53 -35.92 -18.80
N GLY A 257 38.51 -34.60 -18.61
CA GLY A 257 38.87 -33.66 -19.66
C GLY A 257 37.72 -33.34 -20.58
N HIS A 259 36.29 -32.61 -24.24
CA HIS A 259 36.54 -32.77 -25.68
C HIS A 259 36.30 -31.45 -26.40
N PHE A 260 37.34 -30.95 -27.11
CA PHE A 260 37.22 -29.76 -27.95
C PHE A 260 36.87 -30.17 -29.36
N TRP A 261 35.75 -29.64 -29.92
CA TRP A 261 35.32 -30.04 -31.25
C TRP A 261 36.21 -29.40 -32.33
N GLU A 262 37.20 -30.19 -32.80
CA GLU A 262 38.25 -29.70 -33.68
C GLU A 262 37.77 -29.52 -35.13
N ASP A 263 36.54 -29.94 -35.44
CA ASP A 263 35.99 -29.72 -36.78
C ASP A 263 35.50 -28.25 -36.92
N CYS A 264 35.28 -27.56 -35.77
CA CYS A 264 34.78 -26.18 -35.78
C CYS A 264 35.77 -25.22 -35.11
N TYR A 265 36.82 -25.76 -34.48
CA TYR A 265 37.82 -24.90 -33.81
C TYR A 265 39.22 -25.46 -34.00
N LEU A 266 40.21 -24.56 -34.26
CA LEU A 266 41.62 -24.94 -34.29
C LEU A 266 42.28 -24.51 -32.98
N VAL A 267 42.75 -25.48 -32.19
CA VAL A 267 43.21 -25.22 -30.83
C VAL A 267 44.73 -25.04 -30.79
N GLU A 268 45.19 -23.96 -30.12
CA GLU A 268 46.62 -23.72 -29.86
C GLU A 268 46.82 -23.41 -28.38
N ILE A 269 47.86 -24.01 -27.78
CA ILE A 269 48.25 -23.69 -26.41
C ILE A 269 49.54 -22.92 -26.46
N ILE A 270 49.49 -21.64 -26.10
CA ILE A 270 50.58 -20.71 -26.33
C ILE A 270 51.20 -20.25 -24.99
N ASP A 271 52.52 -20.01 -24.97
CA ASP A 271 53.18 -19.43 -23.80
C ASP A 271 52.91 -17.92 -23.77
N PRO A 272 52.24 -17.39 -22.71
CA PRO A 272 51.87 -15.95 -22.71
C PRO A 272 53.09 -15.02 -22.76
N GLU A 273 54.27 -15.54 -22.41
CA GLU A 273 55.49 -14.73 -22.43
C GLU A 273 56.06 -14.63 -23.86
N THR A 274 56.47 -15.78 -24.45
CA THR A 274 57.11 -15.81 -25.76
C THR A 274 56.09 -15.62 -26.91
N GLY A 275 54.88 -16.14 -26.73
CA GLY A 275 53.88 -16.17 -27.79
C GLY A 275 54.07 -17.38 -28.71
N GLU A 276 54.89 -18.36 -28.25
CA GLU A 276 55.18 -19.59 -28.99
C GLU A 276 54.42 -20.78 -28.39
N PRO A 277 54.19 -21.86 -29.19
CA PRO A 277 53.47 -23.03 -28.62
C PRO A 277 54.21 -23.66 -27.44
N VAL A 278 53.47 -24.05 -26.38
CA VAL A 278 54.08 -24.68 -25.20
C VAL A 278 54.46 -26.13 -25.54
N PRO A 279 55.43 -26.75 -24.79
CA PRO A 279 55.68 -28.19 -24.98
C PRO A 279 54.40 -29.00 -24.77
N GLU A 280 54.20 -30.05 -25.61
CA GLU A 280 52.96 -30.84 -25.61
C GLU A 280 52.56 -31.28 -24.17
N GLY A 281 51.44 -30.75 -23.69
CA GLY A 281 50.88 -31.15 -22.40
C GLY A 281 51.10 -30.16 -21.27
N GLU A 282 51.84 -29.05 -21.55
CA GLU A 282 52.10 -28.04 -20.52
CA GLU A 282 52.10 -28.04 -20.52
C GLU A 282 51.00 -26.98 -20.50
N ILE A 283 50.85 -26.27 -19.36
CA ILE A 283 49.83 -25.24 -19.21
C ILE A 283 50.24 -23.95 -19.94
N GLY A 284 49.35 -23.43 -20.75
CA GLY A 284 49.55 -22.19 -21.47
C GLY A 284 48.25 -21.48 -21.78
N GLU A 285 48.32 -20.45 -22.61
CA GLU A 285 47.12 -19.70 -22.97
C GLU A 285 46.40 -20.35 -24.14
N LEU A 286 45.09 -20.48 -24.03
CA LEU A 286 44.26 -21.06 -25.05
C LEU A 286 44.04 -20.05 -26.20
N VAL A 287 44.50 -20.38 -27.41
CA VAL A 287 44.37 -19.52 -28.59
C VAL A 287 43.53 -20.26 -29.63
N LEU A 288 42.41 -19.64 -30.07
CA LEU A 288 41.42 -20.35 -30.86
C LEU A 288 41.14 -19.68 -32.20
N THR A 289 40.89 -20.51 -33.24
CA THR A 289 40.48 -20.05 -34.56
C THR A 289 39.18 -20.76 -34.95
N THR A 290 38.14 -19.99 -35.33
CA THR A 290 36.87 -20.59 -35.77
C THR A 290 37.08 -21.26 -37.14
N LEU A 291 36.44 -22.42 -37.35
CA LEU A 291 36.60 -23.15 -38.61
C LEU A 291 35.25 -23.31 -39.37
N ASP A 292 34.11 -22.99 -38.72
CA ASP A 292 32.79 -23.15 -39.38
C ASP A 292 31.95 -21.84 -39.31
N ARG A 293 32.59 -20.71 -38.93
CA ARG A 293 31.91 -19.41 -38.90
C ARG A 293 32.15 -18.62 -40.19
N GLU A 294 31.11 -17.93 -40.71
CA GLU A 294 31.19 -17.25 -42.01
C GLU A 294 30.94 -15.72 -41.89
N PRO A 297 34.30 -14.62 -38.71
CA PRO A 297 35.28 -15.58 -38.20
C PRO A 297 36.34 -14.90 -37.34
N LEU A 298 36.91 -15.63 -36.39
CA LEU A 298 38.00 -15.12 -35.56
C LEU A 298 39.21 -15.97 -35.74
N ILE A 299 40.37 -15.34 -36.04
CA ILE A 299 41.59 -16.07 -36.31
C ILE A 299 42.60 -15.86 -35.17
N ARG A 300 43.09 -16.97 -34.58
CA ARG A 300 44.09 -16.97 -33.49
C ARG A 300 43.70 -15.97 -32.38
N TYR A 301 42.47 -16.10 -31.85
CA TYR A 301 42.00 -15.22 -30.80
C TYR A 301 42.61 -15.61 -29.46
N ARG A 302 43.22 -14.64 -28.76
CA ARG A 302 43.80 -14.87 -27.43
C ARG A 302 42.71 -14.82 -26.37
N THR A 303 42.23 -15.99 -25.93
CA THR A 303 41.15 -16.11 -24.93
C THR A 303 41.58 -15.57 -23.55
N ARG A 304 42.90 -15.65 -23.26
CA ARG A 304 43.47 -15.31 -21.94
C ARG A 304 43.13 -16.39 -20.91
N ASP A 305 42.48 -17.49 -21.36
CA ASP A 305 42.21 -18.65 -20.50
C ASP A 305 43.42 -19.55 -20.42
N LEU A 306 43.72 -20.05 -19.23
CA LEU A 306 44.87 -20.93 -19.05
C LEU A 306 44.43 -22.37 -18.89
N THR A 307 45.00 -23.27 -19.73
CA THR A 307 44.68 -24.71 -19.66
C THR A 307 45.81 -25.53 -20.34
N ARG A 308 45.57 -26.83 -20.50
CA ARG A 308 46.53 -27.73 -21.15
C ARG A 308 45.78 -28.83 -21.88
N ILE A 309 46.44 -29.45 -22.86
CA ILE A 309 45.86 -30.57 -23.59
C ILE A 309 46.21 -31.88 -22.86
N LEU A 310 45.17 -32.61 -22.42
CA LEU A 310 45.36 -33.86 -21.68
C LEU A 310 45.86 -34.97 -22.59
N PRO A 311 46.98 -35.61 -22.22
CA PRO A 311 47.54 -36.64 -23.10
C PRO A 311 46.77 -37.96 -23.01
N GLY A 312 46.96 -38.81 -24.02
CA GLY A 312 46.35 -40.12 -24.06
C GLY A 312 45.02 -40.15 -24.76
N LYS A 313 44.67 -41.31 -25.35
CA LYS A 313 43.39 -41.51 -26.03
C LYS A 313 42.28 -41.62 -24.99
N CYS A 314 41.04 -41.22 -25.35
CA CYS A 314 39.93 -41.34 -24.41
C CYS A 314 39.19 -42.68 -24.63
N PRO A 315 38.75 -43.34 -23.52
CA PRO A 315 38.05 -44.64 -23.68
C PRO A 315 36.69 -44.52 -24.39
N CYS A 316 36.12 -43.28 -24.51
CA CYS A 316 34.82 -43.10 -25.18
C CYS A 316 34.96 -43.31 -26.73
N GLY A 317 36.20 -43.32 -27.21
CA GLY A 317 36.50 -43.57 -28.61
C GLY A 317 36.64 -42.32 -29.46
N ARG A 318 36.28 -41.15 -28.90
CA ARG A 318 36.35 -39.90 -29.64
C ARG A 318 37.80 -39.44 -29.81
N THR A 319 38.14 -38.96 -31.02
CA THR A 319 39.51 -38.61 -31.38
C THR A 319 39.80 -37.12 -31.15
N HIS A 320 38.75 -36.33 -30.87
CA HIS A 320 38.91 -34.90 -30.62
C HIS A 320 39.65 -34.66 -29.31
N LEU A 321 40.64 -33.73 -29.31
CA LEU A 321 41.51 -33.51 -28.14
C LEU A 321 40.71 -33.11 -26.89
N ARG A 322 41.27 -33.36 -25.71
CA ARG A 322 40.66 -32.99 -24.43
C ARG A 322 41.51 -31.97 -23.73
N ILE A 323 40.87 -30.90 -23.23
CA ILE A 323 41.57 -29.91 -22.42
C ILE A 323 41.27 -30.14 -20.94
N ASP A 324 42.19 -29.71 -20.08
CA ASP A 324 41.98 -29.78 -18.63
C ASP A 324 41.05 -28.63 -18.20
N ARG A 325 40.65 -28.63 -16.92
CA ARG A 325 39.82 -27.57 -16.37
C ARG A 325 40.49 -26.21 -16.54
N ILE A 326 39.70 -25.16 -16.80
CA ILE A 326 40.22 -23.79 -16.81
C ILE A 326 40.27 -23.29 -15.38
N LYS A 327 41.47 -23.14 -14.82
CA LYS A 327 41.60 -22.80 -13.41
C LYS A 327 41.88 -21.30 -13.20
N GLY A 328 42.30 -20.60 -14.27
CA GLY A 328 42.62 -19.18 -14.19
C GLY A 328 42.82 -18.50 -15.52
N ARG A 329 43.17 -17.20 -15.49
CA ARG A 329 43.37 -16.39 -16.69
C ARG A 329 44.70 -15.61 -16.65
N SER A 330 45.18 -15.15 -17.82
CA SER A 330 46.42 -14.40 -17.91
C SER A 330 46.15 -12.87 -17.89
N ASP A 331 44.86 -12.47 -17.82
CA ASP A 331 44.50 -11.04 -17.73
C ASP A 331 43.91 -10.72 -16.32
N ASP A 332 43.27 -9.53 -16.16
CA ASP A 332 42.77 -9.09 -14.83
C ASP A 332 41.25 -9.37 -14.66
N PHE A 334 37.73 -11.15 -13.75
CA PHE A 334 37.21 -12.09 -12.75
C PHE A 334 35.76 -12.49 -13.07
N ILE A 335 35.35 -13.68 -12.62
CA ILE A 335 34.01 -14.20 -12.89
C ILE A 335 33.24 -14.39 -11.58
N ILE A 336 32.08 -13.73 -11.46
CA ILE A 336 31.21 -13.88 -10.31
C ILE A 336 29.79 -14.23 -10.79
N LYS A 337 29.19 -15.29 -10.21
CA LYS A 337 27.86 -15.76 -10.60
C LYS A 337 27.83 -16.12 -12.13
N GLY A 338 28.99 -16.55 -12.65
CA GLY A 338 29.11 -16.96 -14.05
C GLY A 338 29.25 -15.79 -15.02
N VAL A 339 29.31 -14.56 -14.49
CA VAL A 339 29.38 -13.36 -15.33
C VAL A 339 30.80 -12.80 -15.35
N ASN A 340 31.36 -12.57 -16.56
CA ASN A 340 32.69 -12.00 -16.73
C ASN A 340 32.70 -10.52 -16.45
N ILE A 341 33.60 -10.05 -15.57
CA ILE A 341 33.68 -8.63 -15.21
C ILE A 341 35.14 -8.16 -15.23
N PHE A 342 35.37 -6.95 -15.77
CA PHE A 342 36.68 -6.31 -15.70
C PHE A 342 36.69 -5.24 -14.63
N PRO A 343 37.79 -5.13 -13.84
CA PRO A 343 37.81 -4.16 -12.73
C PRO A 343 37.62 -2.71 -13.19
N GLN A 345 35.58 -1.65 -15.40
CA GLN A 345 34.14 -1.39 -15.54
C GLN A 345 33.58 -0.82 -14.24
N VAL A 346 34.09 -1.31 -13.08
CA VAL A 346 33.68 -0.83 -11.77
C VAL A 346 34.23 0.59 -11.54
N GLU A 347 35.53 0.80 -11.85
CA GLU A 347 36.18 2.08 -11.65
C GLU A 347 35.53 3.19 -12.50
N LYS A 348 35.22 2.87 -13.79
CA LYS A 348 34.62 3.85 -14.72
C LYS A 348 33.24 4.34 -14.22
N ILE A 349 32.56 3.53 -13.36
CA ILE A 349 31.29 3.93 -12.75
C ILE A 349 31.56 4.77 -11.48
N LEU A 350 32.52 4.33 -10.61
CA LEU A 350 32.82 5.00 -9.34
C LEU A 350 33.33 6.44 -9.53
N VAL A 351 34.15 6.67 -10.59
CA VAL A 351 34.77 7.99 -10.84
C VAL A 351 33.68 9.05 -11.19
N GLN A 352 32.49 8.61 -11.63
CA GLN A 352 31.38 9.53 -11.97
C GLN A 352 30.77 10.18 -10.70
N PHE A 353 31.07 9.63 -9.51
CA PHE A 353 30.53 10.15 -8.24
C PHE A 353 31.58 11.00 -7.50
N PRO A 354 31.36 12.33 -7.41
CA PRO A 354 32.37 13.20 -6.77
C PRO A 354 32.41 13.02 -5.24
N GLU A 355 31.41 12.33 -4.67
CA GLU A 355 31.36 12.07 -3.22
C GLU A 355 32.32 10.95 -2.82
N LEU A 356 32.83 10.20 -3.81
CA LEU A 356 33.73 9.07 -3.55
C LEU A 356 35.19 9.46 -3.77
N GLY A 357 36.08 8.80 -3.04
CA GLY A 357 37.52 8.94 -3.24
C GLY A 357 38.04 8.02 -4.34
N SER A 358 39.33 8.15 -4.67
CA SER A 358 39.93 7.36 -5.76
C SER A 358 40.25 5.91 -5.30
N ASN A 359 40.41 5.70 -3.97
CA ASN A 359 40.79 4.38 -3.44
C ASN A 359 39.57 3.48 -3.25
N TYR A 360 39.55 2.34 -3.97
CA TYR A 360 38.46 1.36 -3.86
C TYR A 360 39.03 -0.07 -3.80
N LEU A 361 38.24 -1.01 -3.29
CA LEU A 361 38.66 -2.41 -3.22
C LEU A 361 37.49 -3.36 -3.50
N ILE A 362 37.67 -4.25 -4.48
CA ILE A 362 36.68 -5.25 -4.82
C ILE A 362 37.08 -6.59 -4.18
N THR A 363 36.20 -7.14 -3.32
CA THR A 363 36.49 -8.39 -2.63
C THR A 363 35.48 -9.47 -3.04
N LEU A 364 35.95 -10.66 -3.38
CA LEU A 364 35.08 -11.76 -3.79
C LEU A 364 35.05 -12.84 -2.71
N GLU A 365 33.87 -13.15 -2.17
CA GLU A 365 33.74 -14.12 -1.08
C GLU A 365 32.65 -15.14 -1.38
N THR A 366 32.72 -16.31 -0.68
CA THR A 366 31.68 -17.32 -0.77
C THR A 366 30.86 -17.34 0.53
N VAL A 367 29.58 -16.92 0.46
CA VAL A 367 28.70 -16.87 1.64
C VAL A 367 27.50 -17.83 1.43
N ASN A 368 27.34 -18.82 2.36
CA ASN A 368 26.29 -19.86 2.25
C ASN A 368 26.42 -20.64 0.91
N ASN A 369 27.71 -20.90 0.49
CA ASN A 369 28.04 -21.62 -0.77
C ASN A 369 27.76 -20.75 -2.06
N GLN A 370 27.20 -19.51 -1.86
CA GLN A 370 26.93 -18.59 -2.98
C GLN A 370 28.00 -17.50 -3.07
N ASP A 371 28.38 -17.11 -4.31
CA ASP A 371 29.39 -16.08 -4.53
C ASP A 371 28.84 -14.68 -4.23
N GLU A 372 29.63 -13.84 -3.53
CA GLU A 372 29.24 -12.47 -3.23
C GLU A 372 30.34 -11.49 -3.61
N ILE A 374 31.73 -7.68 -3.05
CA ILE A 374 31.64 -6.47 -2.23
C ILE A 374 32.58 -5.40 -2.79
N VAL A 375 32.05 -4.18 -2.97
CA VAL A 375 32.83 -3.05 -3.48
C VAL A 375 32.99 -1.99 -2.37
N GLU A 376 34.19 -1.92 -1.76
CA GLU A 376 34.50 -0.90 -0.76
C GLU A 376 35.10 0.31 -1.43
N VAL A 377 34.56 1.51 -1.14
CA VAL A 377 35.07 2.74 -1.73
C VAL A 377 35.10 3.85 -0.67
N GLU A 378 36.26 4.52 -0.51
CA GLU A 378 36.42 5.59 0.47
CA GLU A 378 36.41 5.58 0.48
C GLU A 378 35.60 6.82 0.08
N LEU A 379 35.16 7.59 1.07
CA LEU A 379 34.45 8.82 0.83
C LEU A 379 35.41 9.97 0.72
N SER A 380 35.18 10.90 -0.22
CA SER A 380 35.98 12.10 -0.29
C SER A 380 35.54 13.07 0.81
N ASP A 381 36.49 13.65 1.54
CA ASP A 381 36.13 14.58 2.62
C ASP A 381 35.48 15.87 2.03
N LEU A 382 35.33 15.91 0.69
CA LEU A 382 34.63 16.99 -0.02
C LEU A 382 33.11 16.79 0.07
N SER A 383 32.67 15.57 0.49
CA SER A 383 31.25 15.21 0.56
C SER A 383 30.52 16.08 1.58
N THR A 384 29.63 16.96 1.10
CA THR A 384 28.83 17.83 1.96
C THR A 384 27.39 17.24 2.09
N ASP A 385 27.29 15.90 2.25
CA ASP A 385 26.00 15.22 2.34
C ASP A 385 25.84 14.51 3.71
N ASN A 386 24.59 14.46 4.23
CA ASN A 386 24.24 13.77 5.48
C ASN A 386 24.02 12.26 5.22
N TYR A 387 23.49 11.51 6.23
CA TYR A 387 23.28 10.06 6.08
C TYR A 387 22.27 9.75 4.96
N ILE A 388 21.06 10.34 5.02
CA ILE A 388 19.98 10.08 4.06
C ILE A 388 20.46 10.36 2.61
N GLU A 389 21.20 11.46 2.40
CA GLU A 389 21.69 11.83 1.07
C GLU A 389 22.78 10.86 0.57
N LEU A 390 23.74 10.49 1.45
CA LEU A 390 24.82 9.56 1.08
C LEU A 390 24.29 8.15 0.86
N GLU A 391 23.23 7.76 1.60
CA GLU A 391 22.61 6.44 1.42
C GLU A 391 21.88 6.37 0.07
N LYS A 392 21.23 7.49 -0.35
CA LYS A 392 20.58 7.58 -1.68
C LYS A 392 21.63 7.45 -2.79
N ILE A 393 22.86 8.00 -2.54
CA ILE A 393 23.98 7.92 -3.50
C ILE A 393 24.48 6.48 -3.57
N ARG A 394 24.61 5.80 -2.39
CA ARG A 394 25.08 4.41 -2.35
C ARG A 394 24.13 3.50 -3.15
N ARG A 395 22.81 3.70 -3.01
CA ARG A 395 21.82 2.92 -3.75
C ARG A 395 21.94 3.19 -5.27
N ASP A 396 22.29 4.44 -5.65
CA ASP A 396 22.49 4.81 -7.07
C ASP A 396 23.78 4.16 -7.62
N ILE A 397 24.80 3.99 -6.75
CA ILE A 397 26.05 3.31 -7.13
C ILE A 397 25.76 1.84 -7.42
N ILE A 398 24.99 1.17 -6.52
CA ILE A 398 24.58 -0.21 -6.71
C ILE A 398 23.81 -0.36 -8.04
N ARG A 399 22.86 0.58 -8.32
N ARG A 399 22.85 0.57 -8.31
CA ARG A 399 22.03 0.55 -9.52
CA ARG A 399 22.05 0.51 -9.54
C ARG A 399 22.89 0.69 -10.79
C ARG A 399 22.93 0.66 -10.78
N GLN A 400 23.80 1.69 -10.82
CA GLN A 400 24.65 1.95 -12.00
C GLN A 400 25.69 0.83 -12.21
N LEU A 401 26.18 0.21 -11.10
CA LEU A 401 27.08 -0.95 -11.20
C LEU A 401 26.31 -2.17 -11.72
N LYS A 402 25.07 -2.38 -11.21
CA LYS A 402 24.22 -3.50 -11.64
C LYS A 402 23.97 -3.44 -13.16
N ASP A 403 23.69 -2.23 -13.70
CA ASP A 403 23.43 -2.05 -15.13
C ASP A 403 24.68 -2.28 -15.97
N GLU A 404 25.86 -1.92 -15.42
CA GLU A 404 27.13 -2.01 -16.15
C GLU A 404 27.68 -3.46 -16.19
N ILE A 405 27.84 -4.09 -15.00
CA ILE A 405 28.53 -5.39 -14.91
C ILE A 405 27.50 -6.57 -14.91
N LEU A 406 26.17 -6.25 -14.90
CA LEU A 406 25.08 -7.25 -15.03
C LEU A 406 25.00 -8.20 -13.79
N VAL A 407 25.67 -7.85 -12.68
CA VAL A 407 25.50 -8.54 -11.39
C VAL A 407 25.22 -7.52 -10.31
N THR A 408 24.47 -7.92 -9.27
CA THR A 408 24.17 -7.00 -8.17
C THR A 408 25.30 -7.10 -7.10
N PRO A 409 26.13 -6.03 -6.97
CA PRO A 409 27.21 -6.08 -5.97
C PRO A 409 26.79 -5.46 -4.64
N LYS A 410 27.58 -5.71 -3.59
CA LYS A 410 27.37 -5.06 -2.30
C LYS A 410 28.32 -3.88 -2.17
N VAL A 411 27.77 -2.67 -2.12
CA VAL A 411 28.59 -1.46 -2.05
C VAL A 411 28.65 -0.97 -0.60
N LYS A 412 29.87 -0.75 -0.09
CA LYS A 412 30.06 -0.25 1.26
C LYS A 412 30.90 1.00 1.23
N LEU A 413 30.34 2.13 1.68
CA LEU A 413 31.07 3.39 1.76
C LEU A 413 31.91 3.42 3.02
N VAL A 414 33.26 3.40 2.87
CA VAL A 414 34.17 3.34 4.00
C VAL A 414 34.83 4.72 4.24
N LYS A 415 35.46 4.90 5.43
CA LYS A 415 36.10 6.17 5.80
C LYS A 415 37.36 6.42 4.94
N LYS A 416 37.68 7.70 4.67
CA LYS A 416 38.86 8.06 3.88
C LYS A 416 40.14 7.63 4.61
N GLY A 417 40.92 6.76 3.96
CA GLY A 417 42.17 6.25 4.54
C GLY A 417 42.03 4.90 5.25
N SER A 418 40.80 4.36 5.28
CA SER A 418 40.53 3.07 5.94
C SER A 418 41.03 1.89 5.11
N LEU A 419 40.92 1.99 3.76
CA LEU A 419 41.37 0.92 2.85
C LEU A 419 42.91 0.84 2.85
N PRO A 420 43.48 -0.40 2.79
CA PRO A 420 44.95 -0.53 2.87
C PRO A 420 45.67 0.11 1.69
N GLN A 421 46.88 0.66 1.94
CA GLN A 421 47.65 1.36 0.93
C GLN A 421 48.19 0.38 -0.12
N SER A 422 47.60 0.42 -1.34
CA SER A 422 47.99 -0.47 -2.43
C SER A 422 49.46 -0.27 -2.80
N GLU A 423 50.03 -1.23 -3.53
CA GLU A 423 51.43 -1.13 -3.97
C GLU A 423 51.59 -0.01 -5.02
N GLY A 424 50.48 0.61 -5.41
CA GLY A 424 50.45 1.65 -6.42
C GLY A 424 50.02 1.13 -7.78
N LYS A 425 49.83 -0.20 -7.87
CA LYS A 425 49.39 -0.86 -9.10
C LYS A 425 47.85 -0.96 -9.14
N ALA A 426 47.29 -1.29 -10.33
CA ALA A 426 45.84 -1.38 -10.53
C ALA A 426 45.24 -2.63 -9.84
N VAL A 427 46.10 -3.53 -9.30
CA VAL A 427 45.65 -4.76 -8.63
C VAL A 427 44.72 -4.40 -7.45
N ARG A 428 43.39 -4.44 -7.69
CA ARG A 428 42.41 -4.07 -6.68
C ARG A 428 41.28 -5.14 -6.56
N VAL A 429 41.62 -6.43 -6.83
CA VAL A 429 40.65 -7.52 -6.70
C VAL A 429 41.20 -8.61 -5.74
N LYS A 430 40.63 -8.67 -4.52
CA LYS A 430 41.03 -9.66 -3.53
C LYS A 430 40.04 -10.83 -3.51
N ASP A 431 40.38 -11.93 -4.21
CA ASP A 431 39.50 -13.09 -4.29
C ASP A 431 39.71 -14.02 -3.10
N LEU A 432 38.66 -14.23 -2.28
CA LEU A 432 38.73 -15.09 -1.10
C LEU A 432 37.81 -16.31 -1.25
N ARG A 433 37.94 -17.03 -2.38
CA ARG A 433 37.11 -18.21 -2.66
C ARG A 433 37.98 -19.47 -2.83
N ASP A 434 37.42 -20.66 -2.51
CA ASP A 434 38.15 -21.93 -2.60
C ASP A 434 37.58 -22.80 -3.71
N THR B 4 0.08 -3.50 -52.23
CA THR B 4 0.58 -4.00 -50.95
C THR B 4 1.52 -5.20 -51.16
N GLN B 5 2.44 -5.44 -50.19
CA GLN B 5 3.41 -6.55 -50.28
C GLN B 5 3.16 -7.53 -49.13
N TYR B 6 2.99 -8.82 -49.46
CA TYR B 6 2.54 -9.81 -48.51
C TYR B 6 3.62 -10.87 -48.22
N TRP B 7 3.64 -11.38 -46.98
CA TRP B 7 4.51 -12.49 -46.58
C TRP B 7 3.98 -13.81 -47.19
N GLU B 8 2.65 -14.04 -47.07
CA GLU B 8 1.97 -15.19 -47.69
C GLU B 8 0.71 -14.71 -48.40
N GLU B 9 0.90 -14.16 -49.63
CA GLU B 9 -0.19 -13.54 -50.39
C GLU B 9 -1.43 -14.46 -50.49
N GLU B 10 -1.21 -15.74 -50.88
CA GLU B 10 -2.30 -16.69 -51.11
C GLU B 10 -3.25 -16.80 -49.87
N ILE B 11 -2.67 -16.71 -48.66
CA ILE B 11 -3.46 -16.84 -47.42
C ILE B 11 -4.03 -15.46 -46.99
N GLU B 12 -3.19 -14.40 -47.06
CA GLU B 12 -3.55 -13.08 -46.53
C GLU B 12 -4.71 -12.40 -47.35
N ILE B 13 -4.82 -12.70 -48.64
CA ILE B 13 -5.92 -12.11 -49.45
C ILE B 13 -6.88 -13.24 -49.96
N SER B 15 -9.97 -15.60 -50.51
CA SER B 15 -11.41 -15.28 -50.49
C SER B 15 -12.08 -15.80 -49.21
N ARG B 16 -13.09 -15.08 -48.71
CA ARG B 16 -13.81 -15.47 -47.49
C ARG B 16 -14.36 -16.92 -47.60
N GLU B 17 -14.84 -17.31 -48.80
CA GLU B 17 -15.38 -18.65 -49.04
C GLU B 17 -14.30 -19.73 -48.84
N LYS B 18 -13.07 -19.52 -49.40
CA LYS B 18 -11.97 -20.48 -49.29
C LYS B 18 -11.31 -20.39 -47.91
N LEU B 19 -11.42 -19.22 -47.25
CA LEU B 19 -10.89 -19.02 -45.90
C LEU B 19 -11.78 -19.77 -44.87
N GLN B 20 -13.12 -19.80 -45.11
CA GLN B 20 -14.06 -20.56 -44.28
C GLN B 20 -13.88 -22.05 -44.51
N GLU B 21 -13.59 -22.45 -45.77
CA GLU B 21 -13.34 -23.83 -46.14
C GLU B 21 -12.07 -24.34 -45.44
N LEU B 22 -11.04 -23.46 -45.35
CA LEU B 22 -9.79 -23.78 -44.65
C LEU B 22 -10.02 -23.90 -43.15
N GLN B 23 -10.85 -22.98 -42.57
CA GLN B 23 -11.16 -23.00 -41.14
C GLN B 23 -11.88 -24.28 -40.74
N LEU B 24 -12.87 -24.71 -41.54
CA LEU B 24 -13.66 -25.91 -41.25
C LEU B 24 -12.78 -27.16 -41.29
N GLN B 25 -11.89 -27.26 -42.30
CA GLN B 25 -10.97 -28.38 -42.41
C GLN B 25 -10.05 -28.48 -41.17
N ARG B 26 -9.49 -27.33 -40.73
CA ARG B 26 -8.58 -27.29 -39.58
C ARG B 26 -9.35 -27.42 -38.25
N LEU B 27 -10.63 -27.00 -38.22
CA LEU B 27 -11.46 -27.11 -37.02
C LEU B 27 -11.74 -28.59 -36.71
N LYS B 28 -12.12 -29.39 -37.75
CA LYS B 28 -12.35 -30.83 -37.60
C LYS B 28 -11.07 -31.53 -37.13
N LYS B 29 -9.91 -31.11 -37.68
CA LYS B 29 -8.60 -31.67 -37.32
C LYS B 29 -8.29 -31.37 -35.83
N THR B 30 -8.46 -30.10 -35.41
CA THR B 30 -8.20 -29.67 -34.03
C THR B 30 -9.10 -30.46 -33.03
N ILE B 31 -10.39 -30.68 -33.38
CA ILE B 31 -11.31 -31.42 -32.51
C ILE B 31 -10.86 -32.88 -32.36
N ASN B 32 -10.38 -33.50 -33.46
CA ASN B 32 -9.92 -34.89 -33.43
C ASN B 32 -8.63 -35.03 -32.61
N ILE B 33 -7.74 -34.02 -32.68
CA ILE B 33 -6.50 -34.04 -31.90
C ILE B 33 -6.81 -33.82 -30.40
N ALA B 34 -7.58 -32.75 -30.08
CA ALA B 34 -7.93 -32.41 -28.69
C ALA B 34 -8.65 -33.57 -27.98
N ALA B 35 -9.34 -34.45 -28.76
CA ALA B 35 -10.05 -35.60 -28.20
C ALA B 35 -9.08 -36.59 -27.50
N ASN B 36 -7.77 -36.49 -27.81
CA ASN B 36 -6.76 -37.35 -27.20
C ASN B 36 -6.31 -36.82 -25.81
N SER B 37 -6.60 -35.51 -25.51
CA SER B 37 -6.25 -34.94 -24.20
C SER B 37 -7.20 -35.42 -23.11
N PRO B 38 -6.71 -35.67 -21.87
CA PRO B 38 -7.62 -36.15 -20.81
C PRO B 38 -8.78 -35.19 -20.57
N TYR B 39 -8.52 -33.86 -20.67
CA TYR B 39 -9.54 -32.85 -20.42
C TYR B 39 -10.67 -32.89 -21.49
N TYR B 40 -10.31 -32.72 -22.77
CA TYR B 40 -11.34 -32.65 -23.82
C TYR B 40 -11.95 -34.02 -24.12
N LYS B 41 -11.25 -35.11 -23.75
CA LYS B 41 -11.82 -36.45 -23.91
C LYS B 41 -13.07 -36.58 -23.03
N GLU B 42 -13.01 -36.04 -21.79
CA GLU B 42 -14.14 -36.03 -20.87
C GLU B 42 -15.21 -35.02 -21.35
N VAL B 43 -14.79 -33.81 -21.78
CA VAL B 43 -15.71 -32.75 -22.23
C VAL B 43 -16.51 -33.24 -23.46
N PHE B 44 -15.82 -33.81 -24.47
CA PHE B 44 -16.48 -34.29 -25.70
C PHE B 44 -17.42 -35.46 -25.40
N SER B 45 -17.00 -36.39 -24.53
CA SER B 45 -17.84 -37.54 -24.19
C SER B 45 -19.12 -37.10 -23.46
N LYS B 46 -18.99 -36.14 -22.51
CA LYS B 46 -20.13 -35.61 -21.75
C LYS B 46 -21.08 -34.82 -22.68
N ASN B 47 -20.53 -34.15 -23.72
CA ASN B 47 -21.34 -33.30 -24.59
C ASN B 47 -21.58 -33.95 -25.98
N GLY B 48 -21.34 -35.26 -26.06
CA GLY B 48 -21.58 -36.04 -27.27
C GLY B 48 -20.91 -35.48 -28.51
N ILE B 49 -19.66 -34.99 -28.35
CA ILE B 49 -18.89 -34.43 -29.47
C ILE B 49 -18.09 -35.55 -30.15
N THR B 50 -18.48 -35.90 -31.39
CA THR B 50 -17.79 -36.95 -32.17
C THR B 50 -17.10 -36.32 -33.39
N GLY B 51 -16.49 -37.16 -34.23
CA GLY B 51 -15.83 -36.70 -35.44
C GLY B 51 -16.80 -36.25 -36.51
N ASP B 52 -18.12 -36.42 -36.25
CA ASP B 52 -19.17 -36.05 -37.18
C ASP B 52 -20.03 -34.88 -36.64
N SER B 53 -19.72 -34.40 -35.41
CA SER B 53 -20.45 -33.29 -34.79
C SER B 53 -20.22 -31.99 -35.53
N ILE B 54 -19.01 -31.80 -36.06
CA ILE B 54 -18.66 -30.59 -36.79
C ILE B 54 -18.86 -30.79 -38.30
N GLN B 55 -19.92 -30.18 -38.85
CA GLN B 55 -20.17 -30.22 -40.29
C GLN B 55 -20.07 -28.81 -40.87
N SER B 56 -20.29 -27.79 -40.01
CA SER B 56 -20.17 -26.39 -40.39
C SER B 56 -19.43 -25.62 -39.30
N LEU B 57 -19.01 -24.37 -39.60
CA LEU B 57 -18.30 -23.55 -38.61
C LEU B 57 -19.22 -23.15 -37.44
N ASP B 58 -20.55 -23.18 -37.67
CA ASP B 58 -21.53 -22.86 -36.63
C ASP B 58 -21.67 -24.00 -35.62
N ASP B 59 -21.28 -25.23 -36.02
CA ASP B 59 -21.39 -26.41 -35.15
C ASP B 59 -20.38 -26.36 -33.97
N ILE B 60 -19.46 -25.35 -33.97
CA ILE B 60 -18.50 -25.19 -32.87
C ILE B 60 -19.24 -24.79 -31.57
N ARG B 61 -20.44 -24.16 -31.71
CA ARG B 61 -21.23 -23.73 -30.56
C ARG B 61 -21.84 -24.95 -29.83
N LYS B 62 -21.66 -26.19 -30.38
CA LYS B 62 -22.06 -27.43 -29.69
C LYS B 62 -21.09 -27.72 -28.54
N ILE B 63 -19.84 -27.29 -28.68
CA ILE B 63 -18.79 -27.51 -27.70
C ILE B 63 -18.86 -26.44 -26.58
N PRO B 64 -18.73 -26.83 -25.29
CA PRO B 64 -18.72 -25.83 -24.21
C PRO B 64 -17.45 -24.99 -24.22
N PHE B 65 -17.46 -23.86 -23.52
CA PHE B 65 -16.29 -22.98 -23.44
C PHE B 65 -15.22 -23.58 -22.53
N THR B 66 -13.95 -23.25 -22.80
CA THR B 66 -12.84 -23.60 -21.92
C THR B 66 -12.40 -22.33 -21.17
N THR B 67 -12.35 -22.40 -19.84
CA THR B 67 -12.05 -21.20 -19.05
C THR B 67 -10.65 -21.27 -18.46
N LYS B 68 -10.22 -20.16 -17.83
CA LYS B 68 -8.98 -20.10 -17.07
C LYS B 68 -9.08 -21.03 -15.86
N SER B 69 -10.29 -21.10 -15.25
CA SER B 69 -10.55 -22.00 -14.11
C SER B 69 -10.39 -23.46 -14.53
N ASP B 70 -10.83 -23.81 -15.77
CA ASP B 70 -10.67 -25.16 -16.29
C ASP B 70 -9.19 -25.52 -16.46
N ARG B 72 -6.64 -24.05 -14.79
CA ARG B 72 -6.07 -24.14 -13.44
C ARG B 72 -6.37 -25.50 -12.82
N ALA B 73 -7.58 -26.02 -13.07
CA ALA B 73 -8.02 -27.31 -12.54
C ALA B 73 -7.25 -28.47 -13.14
N ASN B 74 -6.84 -28.34 -14.43
CA ASN B 74 -6.15 -29.41 -15.13
C ASN B 74 -4.64 -29.12 -15.26
N TYR B 75 -4.13 -28.18 -14.45
CA TYR B 75 -2.71 -27.83 -14.42
C TYR B 75 -1.85 -29.05 -13.97
N PRO B 76 -0.73 -29.36 -14.67
CA PRO B 76 -0.11 -28.56 -15.74
C PRO B 76 -0.40 -29.12 -17.16
N PHE B 77 -0.65 -30.44 -17.30
CA PHE B 77 -0.70 -31.07 -18.63
C PHE B 77 -2.05 -31.80 -18.91
N GLY B 78 -3.13 -31.36 -18.25
CA GLY B 78 -4.46 -31.96 -18.45
C GLY B 78 -5.03 -31.77 -19.85
N LEU B 79 -4.59 -30.71 -20.56
CA LEU B 79 -5.08 -30.40 -21.90
C LEU B 79 -4.03 -30.79 -23.00
N VAL B 80 -2.96 -31.52 -22.62
CA VAL B 80 -1.96 -31.96 -23.60
C VAL B 80 -2.55 -33.14 -24.43
N ALA B 81 -2.58 -32.98 -25.78
CA ALA B 81 -3.20 -33.96 -26.67
C ALA B 81 -2.17 -34.84 -27.39
N GLY B 82 -1.00 -34.27 -27.66
CA GLY B 82 0.07 -34.97 -28.39
C GLY B 82 1.00 -35.78 -27.48
N ASP B 83 2.05 -36.39 -28.08
CA ASP B 83 3.03 -37.16 -27.32
C ASP B 83 4.12 -36.22 -26.80
N LYS B 85 6.42 -36.51 -24.42
CA LYS B 85 7.74 -37.08 -24.18
C LYS B 85 8.56 -37.13 -25.49
N ARG B 86 7.88 -37.40 -26.60
CA ARG B 86 8.53 -37.61 -27.88
C ARG B 86 8.58 -36.31 -28.70
N ASP B 87 7.45 -35.59 -28.77
CA ASP B 87 7.28 -34.49 -29.72
C ASP B 87 7.26 -33.10 -29.06
N GLY B 88 7.12 -33.07 -27.73
CA GLY B 88 7.15 -31.81 -26.96
C GLY B 88 8.53 -31.18 -26.95
N VAL B 89 8.65 -29.92 -27.42
CA VAL B 89 9.96 -29.27 -27.53
C VAL B 89 10.03 -27.95 -26.67
N ARG B 90 8.88 -27.46 -26.15
CA ARG B 90 8.94 -26.25 -25.30
C ARG B 90 7.71 -26.11 -24.39
N ILE B 91 7.94 -25.53 -23.19
CA ILE B 91 6.88 -25.13 -22.25
C ILE B 91 6.95 -23.63 -22.02
N HIS B 92 5.82 -22.92 -22.15
CA HIS B 92 5.77 -21.50 -21.81
C HIS B 92 4.80 -21.23 -20.64
N SER B 93 5.11 -20.19 -19.82
CA SER B 93 4.28 -19.80 -18.67
C SER B 93 3.79 -18.36 -18.80
N SER B 94 2.49 -18.12 -18.50
CA SER B 94 1.91 -16.78 -18.57
C SER B 94 2.34 -15.93 -17.36
N SER B 95 2.31 -14.59 -17.51
CA SER B 95 2.68 -13.66 -16.44
C SER B 95 1.51 -13.47 -15.45
N THR B 98 -0.25 -13.89 -9.44
CA THR B 98 -1.45 -14.71 -9.30
C THR B 98 -1.07 -16.13 -8.71
N GLY B 99 -2.02 -17.08 -8.78
CA GLY B 99 -1.81 -18.44 -8.28
C GLY B 99 -0.89 -19.28 -9.15
N ASN B 100 -1.40 -20.43 -9.67
CA ASN B 100 -0.62 -21.26 -10.60
C ASN B 100 -0.72 -20.72 -12.03
N PRO B 101 0.41 -20.21 -12.61
CA PRO B 101 0.34 -19.66 -13.97
C PRO B 101 0.05 -20.75 -15.01
N THR B 102 -0.61 -20.38 -16.12
CA THR B 102 -0.98 -21.36 -17.15
C THR B 102 0.23 -21.84 -17.93
N VAL B 103 0.17 -23.09 -18.39
CA VAL B 103 1.24 -23.75 -19.10
C VAL B 103 0.77 -24.13 -20.49
N ILE B 104 1.56 -23.75 -21.50
CA ILE B 104 1.29 -24.13 -22.89
C ILE B 104 2.46 -24.96 -23.41
N VAL B 105 2.19 -26.17 -23.89
CA VAL B 105 3.26 -27.05 -24.40
C VAL B 105 3.22 -27.05 -25.93
N HIS B 106 4.39 -26.88 -26.57
CA HIS B 106 4.49 -26.79 -28.03
C HIS B 106 5.28 -27.95 -28.60
N SER B 107 4.88 -28.41 -29.80
CA SER B 107 5.72 -29.31 -30.62
C SER B 107 6.52 -28.47 -31.62
N GLN B 108 7.42 -29.12 -32.39
CA GLN B 108 8.23 -28.38 -33.37
C GLN B 108 7.32 -27.72 -34.44
N HIS B 109 6.24 -28.42 -34.84
CA HIS B 109 5.24 -27.86 -35.74
C HIS B 109 4.63 -26.59 -35.17
N ASP B 110 4.27 -26.62 -33.86
CA ASP B 110 3.65 -25.49 -33.18
C ASP B 110 4.59 -24.29 -33.14
N LEU B 111 5.91 -24.52 -32.90
CA LEU B 111 6.89 -23.43 -32.88
C LEU B 111 7.06 -22.83 -34.27
N ASP B 112 7.07 -23.69 -35.33
CA ASP B 112 7.22 -23.23 -36.72
C ASP B 112 6.00 -22.39 -37.14
N SER B 113 4.77 -22.87 -36.82
CA SER B 113 3.54 -22.14 -37.13
C SER B 113 3.51 -20.79 -36.41
N TRP B 114 3.99 -20.78 -35.15
CA TRP B 114 4.06 -19.57 -34.34
C TRP B 114 5.09 -18.58 -34.94
N ALA B 115 6.32 -19.05 -35.24
CA ALA B 115 7.37 -18.21 -35.84
C ALA B 115 6.92 -17.64 -37.19
N ASN B 116 6.19 -18.44 -37.99
CA ASN B 116 5.69 -17.97 -39.29
C ASN B 116 4.68 -16.82 -39.12
N LEU B 117 3.77 -16.93 -38.12
CA LEU B 117 2.77 -15.89 -37.87
C LEU B 117 3.43 -14.57 -37.44
N VAL B 118 4.50 -14.65 -36.64
CA VAL B 118 5.22 -13.46 -36.17
C VAL B 118 5.93 -12.78 -37.34
N ALA B 119 6.57 -13.59 -38.24
CA ALA B 119 7.25 -13.06 -39.43
C ALA B 119 6.24 -12.44 -40.39
N ARG B 120 5.04 -13.05 -40.51
CA ARG B 120 3.95 -12.50 -41.31
C ARG B 120 3.55 -11.11 -40.79
N CYS B 121 3.42 -10.97 -39.44
CA CYS B 121 3.07 -9.70 -38.79
C CYS B 121 4.12 -8.63 -39.08
N LEU B 122 5.43 -8.93 -38.79
CA LEU B 122 6.52 -7.96 -39.00
C LEU B 122 6.60 -7.51 -40.48
N TYR B 123 6.45 -8.47 -41.41
CA TYR B 123 6.49 -8.17 -42.84
C TYR B 123 5.31 -7.25 -43.26
N VAL B 125 3.85 -4.86 -41.56
CA VAL B 125 4.02 -3.46 -41.15
C VAL B 125 5.29 -2.85 -41.84
N GLY B 126 5.90 -3.59 -42.76
CA GLY B 126 6.98 -3.08 -43.61
C GLY B 126 8.40 -3.47 -43.17
N ILE B 127 8.51 -4.35 -42.17
CA ILE B 127 9.84 -4.78 -41.70
C ILE B 127 10.40 -5.87 -42.66
N ARG B 128 11.69 -5.73 -43.03
CA ARG B 128 12.34 -6.64 -43.98
C ARG B 128 13.60 -7.25 -43.37
N LYS B 129 14.26 -8.18 -44.10
CA LYS B 129 15.48 -8.84 -43.62
CA LYS B 129 15.48 -8.84 -43.62
C LYS B 129 16.62 -7.80 -43.48
N THR B 130 16.49 -6.63 -44.14
CA THR B 130 17.52 -5.58 -44.10
C THR B 130 17.41 -4.74 -42.82
N ASP B 131 16.37 -4.97 -42.01
CA ASP B 131 16.15 -4.21 -40.78
C ASP B 131 16.95 -4.79 -39.62
N VAL B 132 17.31 -3.93 -38.65
CA VAL B 132 17.93 -4.35 -37.42
C VAL B 132 16.87 -4.37 -36.31
N PHE B 133 16.40 -5.57 -35.94
CA PHE B 133 15.26 -5.72 -35.02
C PHE B 133 15.75 -5.89 -33.57
N GLN B 134 15.35 -4.97 -32.67
CA GLN B 134 15.72 -5.04 -31.25
C GLN B 134 14.49 -5.42 -30.40
N ASN B 135 14.63 -6.48 -29.58
CA ASN B 135 13.50 -6.97 -28.75
C ASN B 135 13.76 -6.64 -27.27
N SER B 136 13.01 -5.66 -26.72
CA SER B 136 13.15 -5.25 -25.32
C SER B 136 12.18 -6.03 -24.41
N SER B 137 11.52 -7.06 -24.96
CA SER B 137 10.65 -7.92 -24.19
C SER B 137 11.47 -8.90 -23.34
N GLY B 138 10.93 -9.24 -22.17
CA GLY B 138 11.58 -10.20 -21.28
C GLY B 138 11.80 -11.55 -21.94
N TYR B 139 12.99 -12.13 -21.72
CA TYR B 139 13.36 -13.42 -22.33
C TYR B 139 13.38 -14.52 -21.27
N GLY B 140 12.70 -15.63 -21.57
CA GLY B 140 12.61 -16.78 -20.67
C GLY B 140 11.33 -17.55 -20.85
N PHE B 142 8.43 -16.09 -20.73
CA PHE B 142 7.50 -15.16 -21.37
C PHE B 142 7.62 -15.22 -22.88
N THR B 143 6.47 -15.34 -23.57
CA THR B 143 6.41 -15.67 -25.00
C THR B 143 6.90 -14.50 -25.91
N GLY B 144 6.97 -13.29 -25.36
CA GLY B 144 7.40 -12.12 -26.11
C GLY B 144 8.85 -12.19 -26.54
N GLY B 145 9.70 -12.80 -25.70
CA GLY B 145 11.12 -12.95 -25.97
C GLY B 145 11.41 -13.89 -27.11
N LEU B 146 11.26 -15.20 -26.87
CA LEU B 146 11.53 -16.22 -27.89
C LEU B 146 10.56 -16.10 -29.09
N GLY B 147 9.35 -15.61 -28.82
CA GLY B 147 8.32 -15.45 -29.84
C GLY B 147 8.69 -14.50 -30.94
N PHE B 148 9.20 -13.30 -30.56
CA PHE B 148 9.66 -12.32 -31.55
C PHE B 148 11.06 -12.66 -32.07
N GLN B 149 11.87 -13.38 -31.27
CA GLN B 149 13.22 -13.79 -31.68
C GLN B 149 13.15 -14.75 -32.87
N TYR B 150 12.29 -15.78 -32.78
CA TYR B 150 12.14 -16.77 -33.85
C TYR B 150 11.49 -16.16 -35.09
N GLY B 151 10.52 -15.27 -34.88
CA GLY B 151 9.84 -14.57 -35.99
C GLY B 151 10.77 -13.67 -36.78
N ALA B 152 11.55 -12.83 -36.07
CA ALA B 152 12.48 -11.90 -36.72
C ALA B 152 13.62 -12.64 -37.43
N GLU B 153 14.12 -13.75 -36.84
CA GLU B 153 15.15 -14.57 -37.49
C GLU B 153 14.59 -15.26 -38.72
N ARG B 154 13.34 -15.77 -38.61
CA ARG B 154 12.63 -16.40 -39.75
C ARG B 154 12.52 -15.42 -40.92
N LEU B 155 12.24 -14.13 -40.63
CA LEU B 155 12.16 -13.08 -41.65
C LEU B 155 13.58 -12.74 -42.19
N GLY B 156 14.58 -12.80 -41.31
CA GLY B 156 15.97 -12.60 -41.69
C GLY B 156 16.58 -11.32 -41.15
N CYS B 157 15.88 -10.66 -40.19
CA CYS B 157 16.39 -9.42 -39.56
C CYS B 157 17.68 -9.68 -38.82
N LEU B 158 18.51 -8.64 -38.69
CA LEU B 158 19.64 -8.67 -37.78
C LEU B 158 19.11 -8.42 -36.37
N THR B 159 18.90 -9.49 -35.61
CA THR B 159 18.21 -9.38 -34.32
C THR B 159 19.15 -8.91 -33.22
N VAL B 160 18.62 -8.10 -32.30
CA VAL B 160 19.35 -7.63 -31.12
C VAL B 160 18.58 -8.09 -29.86
N PRO B 161 18.88 -9.31 -29.34
CA PRO B 161 18.09 -9.82 -28.18
C PRO B 161 18.46 -9.08 -26.89
N ALA B 162 18.09 -7.78 -26.81
CA ALA B 162 18.45 -6.93 -25.68
C ALA B 162 17.76 -7.39 -24.40
N ALA B 163 16.53 -7.98 -24.51
CA ALA B 163 15.71 -8.37 -23.37
C ALA B 163 15.23 -7.15 -22.58
N ALA B 164 14.69 -7.36 -21.37
CA ALA B 164 14.05 -6.30 -20.60
C ALA B 164 15.07 -5.40 -19.86
N GLY B 165 14.69 -4.14 -19.68
CA GLY B 165 15.42 -3.21 -18.81
C GLY B 165 16.73 -2.69 -19.35
N ASN B 166 17.51 -1.99 -18.46
CA ASN B 166 18.81 -1.40 -18.79
C ASN B 166 18.67 -0.41 -19.95
N SER B 167 17.95 0.70 -19.73
CA SER B 167 17.67 1.69 -20.76
C SER B 167 18.95 2.23 -21.41
N LYS B 168 20.01 2.50 -20.59
CA LYS B 168 21.29 3.01 -21.11
C LYS B 168 21.90 2.03 -22.13
N ARG B 169 21.73 0.71 -21.89
CA ARG B 169 22.25 -0.32 -22.79
C ARG B 169 21.35 -0.43 -24.04
N GLN B 170 20.02 -0.27 -23.85
CA GLN B 170 19.06 -0.27 -24.97
C GLN B 170 19.39 0.85 -25.96
N ILE B 171 19.66 2.07 -25.44
CA ILE B 171 19.99 3.24 -26.24
C ILE B 171 21.35 3.05 -26.93
N LYS B 172 22.30 2.41 -26.23
CA LYS B 172 23.63 2.13 -26.79
C LYS B 172 23.52 1.19 -27.99
N PHE B 173 22.68 0.13 -27.87
CA PHE B 173 22.46 -0.82 -28.95
C PHE B 173 21.85 -0.13 -30.18
N ILE B 174 20.81 0.72 -29.96
CA ILE B 174 20.16 1.46 -31.07
C ILE B 174 21.18 2.36 -31.79
N SER B 175 22.03 3.06 -31.04
CA SER B 175 23.01 4.00 -31.60
C SER B 175 24.14 3.26 -32.34
N ASP B 176 24.71 2.20 -31.72
CA ASP B 176 25.88 1.51 -32.25
C ASP B 176 25.51 0.50 -33.35
N PHE B 177 24.38 -0.23 -33.18
CA PHE B 177 24.00 -1.28 -34.15
C PHE B 177 23.04 -0.74 -35.21
N LYS B 178 22.69 0.57 -35.12
CA LYS B 178 21.77 1.22 -36.07
C LYS B 178 20.42 0.47 -36.16
N THR B 179 19.78 0.24 -34.98
CA THR B 179 18.48 -0.44 -34.91
C THR B 179 17.42 0.35 -35.70
N THR B 180 16.58 -0.36 -36.48
CA THR B 180 15.52 0.29 -37.27
C THR B 180 14.14 -0.13 -36.79
N ALA B 181 14.03 -1.35 -36.20
CA ALA B 181 12.77 -1.86 -35.67
C ALA B 181 12.91 -2.25 -34.18
N LEU B 182 11.96 -1.81 -33.34
CA LEU B 182 12.03 -2.05 -31.88
C LEU B 182 10.72 -2.61 -31.35
N HIS B 183 10.81 -3.69 -30.56
CA HIS B 183 9.63 -4.23 -29.87
C HIS B 183 9.67 -3.84 -28.39
N ALA B 184 8.68 -3.06 -27.96
CA ALA B 184 8.61 -2.60 -26.57
C ALA B 184 7.16 -2.38 -26.15
N ILE B 185 6.87 -2.48 -24.84
CA ILE B 185 5.54 -2.14 -24.35
C ILE B 185 5.37 -0.62 -24.38
N PRO B 186 4.13 -0.12 -24.65
CA PRO B 186 3.97 1.34 -24.83
C PRO B 186 4.69 2.17 -23.75
N SER B 187 4.54 1.79 -22.45
CA SER B 187 5.11 2.56 -21.34
C SER B 187 6.68 2.59 -21.40
N TYR B 188 7.31 1.50 -21.89
CA TYR B 188 8.78 1.44 -21.95
C TYR B 188 9.31 2.22 -23.17
N ALA B 189 8.51 2.32 -24.25
CA ALA B 189 8.88 3.12 -25.42
C ALA B 189 8.98 4.60 -25.03
N ILE B 190 8.14 5.04 -24.10
CA ILE B 190 8.17 6.41 -23.58
C ILE B 190 9.39 6.60 -22.67
N ARG B 191 9.70 5.57 -21.85
CA ARG B 191 10.87 5.59 -20.97
C ARG B 191 12.17 5.71 -21.78
N LEU B 192 12.29 4.93 -22.89
CA LEU B 192 13.48 4.96 -23.75
C LEU B 192 13.67 6.36 -24.36
N ALA B 193 12.56 6.99 -24.82
CA ALA B 193 12.62 8.34 -25.38
C ALA B 193 13.09 9.35 -24.33
N GLU B 194 12.65 9.17 -23.05
CA GLU B 194 13.07 10.05 -21.96
CA GLU B 194 13.07 10.04 -21.94
C GLU B 194 14.56 9.85 -21.64
N VAL B 195 15.04 8.59 -21.66
CA VAL B 195 16.46 8.28 -21.38
C VAL B 195 17.36 8.82 -22.51
N PHE B 196 16.88 8.78 -23.79
CA PHE B 196 17.62 9.39 -24.91
C PHE B 196 17.95 10.84 -24.60
N GLN B 197 16.93 11.62 -24.12
CA GLN B 197 17.12 13.03 -23.79
C GLN B 197 18.08 13.19 -22.60
N GLU B 198 17.98 12.29 -21.60
CA GLU B 198 18.87 12.32 -20.42
C GLU B 198 20.34 12.13 -20.83
N GLU B 199 20.58 11.30 -21.87
CA GLU B 199 21.94 10.99 -22.33
C GLU B 199 22.41 12.00 -23.43
N GLY B 200 21.58 13.00 -23.71
CA GLY B 200 21.92 14.05 -24.67
C GLY B 200 21.76 13.63 -26.12
N ILE B 201 20.77 12.77 -26.40
CA ILE B 201 20.48 12.33 -27.76
C ILE B 201 19.04 12.70 -28.13
N ASP B 202 18.84 13.31 -29.32
CA ASP B 202 17.50 13.64 -29.80
C ASP B 202 16.73 12.34 -30.17
N PRO B 203 15.65 12.00 -29.43
CA PRO B 203 14.96 10.72 -29.70
C PRO B 203 14.28 10.70 -31.09
N ARG B 204 14.14 11.87 -31.72
CA ARG B 204 13.56 11.97 -33.07
C ARG B 204 14.62 11.77 -34.16
N GLU B 205 15.91 11.76 -33.78
CA GLU B 205 17.00 11.67 -34.76
C GLU B 205 17.83 10.39 -34.55
N THR B 206 17.16 9.23 -34.44
CA THR B 206 17.84 7.94 -34.38
C THR B 206 17.58 7.15 -35.66
N THR B 207 18.10 5.93 -35.75
CA THR B 207 17.91 5.07 -36.92
C THR B 207 16.54 4.33 -36.85
N LEU B 208 15.81 4.52 -35.73
CA LEU B 208 14.50 3.86 -35.54
C LEU B 208 13.49 4.31 -36.59
N LYS B 209 12.76 3.36 -37.19
CA LYS B 209 11.73 3.67 -38.18
C LYS B 209 10.38 3.05 -37.78
N THR B 210 10.41 1.80 -37.25
CA THR B 210 9.18 1.09 -36.92
C THR B 210 9.20 0.62 -35.47
N LEU B 211 8.05 0.75 -34.77
CA LEU B 211 7.90 0.25 -33.41
C LEU B 211 6.75 -0.73 -33.31
N VAL B 212 6.94 -1.81 -32.57
CA VAL B 212 5.89 -2.79 -32.32
C VAL B 212 5.54 -2.75 -30.85
N ILE B 213 4.32 -2.30 -30.52
CA ILE B 213 3.91 -2.15 -29.12
C ILE B 213 2.67 -3.03 -28.80
N GLY B 214 2.66 -3.63 -27.62
CA GLY B 214 1.55 -4.47 -27.19
C GLY B 214 1.54 -4.74 -25.71
N ALA B 215 0.95 -5.91 -25.30
CA ALA B 215 0.85 -6.35 -23.89
C ALA B 215 -0.10 -5.43 -23.08
N GLU B 216 0.17 -4.11 -23.06
CA GLU B 216 -0.64 -3.14 -22.28
C GLU B 216 -1.79 -2.60 -23.12
N PRO B 217 -3.02 -2.47 -22.54
CA PRO B 217 -4.06 -1.71 -23.23
C PRO B 217 -3.69 -0.23 -23.29
N HIS B 218 -3.80 0.38 -24.48
CA HIS B 218 -3.39 1.78 -24.67
C HIS B 218 -4.29 2.47 -25.68
N THR B 219 -4.37 3.79 -25.61
CA THR B 219 -5.22 4.54 -26.54
C THR B 219 -4.46 4.84 -27.83
N ASP B 220 -5.20 5.18 -28.90
CA ASP B 220 -4.59 5.56 -30.18
C ASP B 220 -3.78 6.84 -30.01
N GLU B 221 -4.25 7.76 -29.12
CA GLU B 221 -3.57 9.02 -28.87
CA GLU B 221 -3.57 9.02 -28.87
C GLU B 221 -2.23 8.79 -28.17
N GLN B 222 -2.17 7.78 -27.26
CA GLN B 222 -0.90 7.42 -26.59
C GLN B 222 0.10 6.88 -27.61
N ARG B 223 -0.39 6.12 -28.61
CA ARG B 223 0.44 5.59 -29.68
C ARG B 223 0.98 6.74 -30.55
N ARG B 224 0.11 7.73 -30.88
CA ARG B 224 0.51 8.90 -31.69
C ARG B 224 1.55 9.73 -30.93
N LYS B 225 1.44 9.79 -29.57
CA LYS B 225 2.41 10.48 -28.72
C LYS B 225 3.78 9.78 -28.82
N ILE B 226 3.79 8.43 -28.82
CA ILE B 226 5.03 7.65 -28.95
C ILE B 226 5.65 7.89 -30.35
N GLU B 227 4.78 7.96 -31.40
CA GLU B 227 5.23 8.23 -32.77
C GLU B 227 5.93 9.59 -32.89
N ARG B 228 5.42 10.62 -32.17
CA ARG B 228 5.99 11.98 -32.23
C ARG B 228 7.31 12.05 -31.44
N LEU B 230 9.61 9.66 -30.91
CA LEU B 230 10.72 8.92 -31.51
C LEU B 230 10.75 9.08 -33.04
N ASN B 231 9.80 9.85 -33.61
CA ASN B 231 9.70 10.03 -35.09
C ASN B 231 9.64 8.64 -35.79
N VAL B 232 8.70 7.78 -35.36
CA VAL B 232 8.56 6.42 -35.90
C VAL B 232 7.09 6.13 -36.24
N LYS B 233 6.84 4.97 -36.88
CA LYS B 233 5.50 4.43 -37.04
C LYS B 233 5.30 3.27 -36.07
N ALA B 234 4.33 3.39 -35.16
CA ALA B 234 4.10 2.37 -34.14
C ALA B 234 2.87 1.55 -34.49
N TYR B 235 2.93 0.22 -34.25
CA TYR B 235 1.84 -0.68 -34.61
C TYR B 235 1.41 -1.51 -33.42
N ASN B 236 0.08 -1.71 -33.27
CA ASN B 236 -0.46 -2.47 -32.15
C ASN B 236 -0.28 -3.97 -32.36
N SER B 237 0.27 -4.67 -31.35
CA SER B 237 0.54 -6.10 -31.40
C SER B 237 -0.22 -6.84 -30.31
N PHE B 238 -1.13 -7.74 -30.69
CA PHE B 238 -1.91 -8.50 -29.71
C PHE B 238 -1.43 -9.95 -29.64
N GLY B 239 -1.60 -10.54 -28.49
CA GLY B 239 -1.28 -11.93 -28.28
C GLY B 239 -1.39 -12.36 -26.83
N THR B 241 -0.21 -15.97 -24.06
CA THR B 241 0.46 -17.27 -23.90
C THR B 241 -0.41 -18.40 -24.45
N GLU B 242 -1.74 -18.38 -24.12
CA GLU B 242 -2.66 -19.45 -24.53
C GLU B 242 -2.69 -19.62 -26.06
N ASN B 244 -0.16 -19.06 -28.27
CA ASN B 244 1.27 -19.02 -28.69
C ASN B 244 2.00 -17.86 -28.00
N GLY B 245 1.49 -16.65 -28.21
CA GLY B 245 2.10 -15.44 -27.69
C GLY B 245 1.93 -14.29 -28.64
N PRO B 246 3.05 -13.75 -29.19
CA PRO B 246 2.90 -12.74 -30.24
C PRO B 246 2.52 -13.38 -31.58
N GLY B 247 1.98 -12.56 -32.49
CA GLY B 247 1.61 -13.01 -33.83
C GLY B 247 0.16 -13.42 -33.98
N VAL B 248 -0.64 -13.21 -32.92
CA VAL B 248 -2.06 -13.58 -32.91
C VAL B 248 -2.87 -12.55 -33.73
N ALA B 249 -2.84 -11.28 -33.31
CA ALA B 249 -3.49 -10.18 -34.03
C ALA B 249 -2.55 -9.01 -34.13
N PHE B 250 -2.63 -8.27 -35.23
CA PHE B 250 -1.64 -7.24 -35.54
C PHE B 250 -2.22 -6.20 -36.48
N GLU B 251 -1.94 -4.91 -36.23
CA GLU B 251 -2.37 -3.84 -37.14
C GLU B 251 -1.67 -3.96 -38.49
N CYS B 252 -2.32 -3.49 -39.57
CA CYS B 252 -1.65 -3.33 -40.86
C CYS B 252 -1.14 -1.89 -40.96
N GLN B 253 -0.66 -1.49 -42.13
CA GLN B 253 -0.11 -0.14 -42.29
C GLN B 253 -1.25 0.94 -42.29
N GLU B 254 -2.55 0.48 -42.31
CA GLU B 254 -3.71 1.39 -42.18
C GLU B 254 -3.87 1.86 -40.72
N GLN B 255 -3.29 1.11 -39.75
CA GLN B 255 -3.38 1.43 -38.31
C GLN B 255 -4.86 1.62 -37.89
N ASN B 256 -5.74 0.73 -38.37
CA ASN B 256 -7.17 0.77 -38.05
C ASN B 256 -7.69 -0.64 -37.81
N GLY B 257 -7.59 -1.09 -36.57
CA GLY B 257 -7.98 -2.44 -36.20
C GLY B 257 -6.86 -3.45 -36.42
N HIS B 259 -5.63 -7.07 -37.59
CA HIS B 259 -5.98 -8.26 -38.37
C HIS B 259 -5.74 -9.53 -37.58
N PHE B 260 -6.77 -10.34 -37.41
CA PHE B 260 -6.68 -11.62 -36.74
C PHE B 260 -6.44 -12.71 -37.78
N TRP B 261 -5.35 -13.49 -37.64
CA TRP B 261 -5.02 -14.50 -38.66
C TRP B 261 -5.96 -15.70 -38.54
N GLU B 262 -7.01 -15.72 -39.38
CA GLU B 262 -8.11 -16.68 -39.27
C GLU B 262 -7.72 -18.07 -39.79
N ASP B 263 -6.54 -18.20 -40.40
CA ASP B 263 -6.07 -19.51 -40.84
C ASP B 263 -5.54 -20.33 -39.63
N CYS B 264 -5.20 -19.63 -38.51
CA CYS B 264 -4.64 -20.29 -37.33
C CYS B 264 -5.56 -20.09 -36.10
N TYR B 265 -6.60 -19.23 -36.21
CA TYR B 265 -7.50 -18.98 -35.09
C TYR B 265 -8.95 -18.82 -35.57
N LEU B 266 -9.91 -19.40 -34.83
CA LEU B 266 -11.33 -19.17 -35.07
C LEU B 266 -11.86 -18.16 -34.04
N VAL B 267 -12.29 -16.98 -34.50
CA VAL B 267 -12.64 -15.88 -33.61
C VAL B 267 -14.16 -15.84 -33.33
N GLU B 268 -14.53 -15.70 -32.05
CA GLU B 268 -15.93 -15.50 -31.63
C GLU B 268 -16.03 -14.34 -30.66
N ILE B 269 -17.05 -13.49 -30.80
CA ILE B 269 -17.32 -12.44 -29.81
C ILE B 269 -18.61 -12.78 -29.08
N ILE B 270 -18.48 -13.33 -27.86
CA ILE B 270 -19.60 -13.92 -27.15
C ILE B 270 -20.11 -12.97 -26.03
N ASP B 271 -21.46 -12.95 -25.81
CA ASP B 271 -22.07 -12.19 -24.72
C ASP B 271 -21.83 -12.92 -23.38
N PRO B 272 -21.10 -12.27 -22.43
CA PRO B 272 -20.75 -12.98 -21.18
C PRO B 272 -21.98 -13.44 -20.37
N GLU B 273 -23.15 -12.82 -20.63
CA GLU B 273 -24.39 -13.16 -19.92
C GLU B 273 -25.04 -14.41 -20.53
N THR B 274 -25.47 -14.33 -21.81
CA THR B 274 -26.19 -15.44 -22.48
C THR B 274 -25.24 -16.58 -22.88
N GLY B 275 -24.01 -16.25 -23.23
CA GLY B 275 -23.07 -17.22 -23.76
C GLY B 275 -23.26 -17.45 -25.24
N GLU B 276 -24.00 -16.53 -25.88
CA GLU B 276 -24.29 -16.60 -27.32
C GLU B 276 -23.48 -15.53 -28.07
N PRO B 277 -23.26 -15.71 -29.41
CA PRO B 277 -22.54 -14.66 -30.17
C PRO B 277 -23.28 -13.32 -30.11
N VAL B 278 -22.52 -12.21 -29.94
CA VAL B 278 -23.11 -10.87 -29.87
C VAL B 278 -23.61 -10.44 -31.26
N PRO B 279 -24.56 -9.46 -31.34
CA PRO B 279 -24.92 -8.92 -32.67
C PRO B 279 -23.68 -8.41 -33.41
N GLU B 280 -23.60 -8.69 -34.72
CA GLU B 280 -22.41 -8.37 -35.53
C GLU B 280 -21.90 -6.93 -35.27
N GLY B 281 -20.70 -6.82 -34.68
CA GLY B 281 -20.04 -5.54 -34.46
C GLY B 281 -20.15 -4.99 -33.04
N GLU B 282 -20.86 -5.72 -32.15
CA GLU B 282 -21.02 -5.29 -30.74
C GLU B 282 -19.84 -5.76 -29.88
N ILE B 283 -19.62 -5.08 -28.73
CA ILE B 283 -18.55 -5.43 -27.82
C ILE B 283 -18.96 -6.65 -26.97
N GLY B 284 -18.08 -7.65 -26.91
CA GLY B 284 -18.28 -8.84 -26.11
C GLY B 284 -16.98 -9.48 -25.70
N GLU B 285 -17.03 -10.68 -25.15
CA GLU B 285 -15.82 -11.38 -24.76
C GLU B 285 -15.19 -12.08 -25.96
N LEU B 286 -13.88 -11.88 -26.16
CA LEU B 286 -13.13 -12.56 -27.22
C LEU B 286 -12.94 -14.06 -26.89
N VAL B 287 -13.53 -14.95 -27.71
CA VAL B 287 -13.45 -16.41 -27.49
C VAL B 287 -12.72 -17.03 -28.67
N LEU B 288 -11.61 -17.75 -28.38
CA LEU B 288 -10.71 -18.19 -29.45
C LEU B 288 -10.51 -19.71 -29.48
N THR B 289 -10.36 -20.26 -30.70
CA THR B 289 -10.04 -21.67 -30.91
C THR B 289 -8.80 -21.76 -31.81
N THR B 290 -7.75 -22.48 -31.35
CA THR B 290 -6.54 -22.69 -32.16
C THR B 290 -6.88 -23.60 -33.34
N LEU B 291 -6.27 -23.34 -34.51
CA LEU B 291 -6.56 -24.14 -35.70
C LEU B 291 -5.31 -24.86 -36.22
N ASP B 292 -4.10 -24.37 -35.84
CA ASP B 292 -2.86 -24.96 -36.36
C ASP B 292 -1.96 -25.51 -35.21
N ARG B 293 -2.52 -25.65 -33.99
CA ARG B 293 -1.78 -26.23 -32.85
C ARG B 293 -2.09 -27.72 -32.71
N GLU B 294 -1.06 -28.54 -32.38
CA GLU B 294 -1.20 -29.99 -32.35
C GLU B 294 -0.88 -30.58 -30.96
N PRO B 297 -3.94 -28.06 -28.32
CA PRO B 297 -4.92 -27.13 -28.88
C PRO B 297 -5.89 -26.64 -27.81
N LEU B 298 -6.43 -25.43 -27.99
CA LEU B 298 -7.44 -24.89 -27.09
C LEU B 298 -8.72 -24.60 -27.85
N ILE B 299 -9.85 -25.11 -27.36
CA ILE B 299 -11.12 -24.97 -28.06
C ILE B 299 -12.06 -23.99 -27.31
N ARG B 300 -12.55 -22.96 -28.02
CA ARG B 300 -13.47 -21.94 -27.47
C ARG B 300 -12.96 -21.41 -26.10
N TYR B 301 -11.71 -20.95 -26.05
CA TYR B 301 -11.14 -20.43 -24.82
C TYR B 301 -11.66 -19.02 -24.52
N ARG B 302 -12.20 -18.82 -23.31
CA ARG B 302 -12.68 -17.50 -22.89
C ARG B 302 -11.50 -16.64 -22.42
N THR B 303 -11.04 -15.72 -23.28
CA THR B 303 -9.81 -14.93 -23.04
C THR B 303 -9.95 -13.96 -21.86
N ARG B 304 -11.22 -13.60 -21.51
CA ARG B 304 -11.51 -12.54 -20.51
C ARG B 304 -11.23 -11.14 -21.13
N ASP B 305 -10.81 -11.09 -22.43
CA ASP B 305 -10.58 -9.84 -23.14
C ASP B 305 -11.87 -9.33 -23.77
N LEU B 306 -12.16 -8.02 -23.62
CA LEU B 306 -13.36 -7.42 -24.21
C LEU B 306 -13.00 -6.58 -25.43
N THR B 307 -13.61 -6.90 -26.59
CA THR B 307 -13.38 -6.17 -27.83
C THR B 307 -14.55 -6.43 -28.81
N ARG B 308 -14.40 -5.99 -30.06
CA ARG B 308 -15.43 -6.16 -31.08
C ARG B 308 -14.79 -6.38 -32.45
N ILE B 309 -15.53 -6.97 -33.38
CA ILE B 309 -15.04 -7.14 -34.74
C ILE B 309 -15.41 -5.91 -35.55
N LEU B 310 -14.38 -5.21 -36.07
CA LEU B 310 -14.61 -4.01 -36.87
C LEU B 310 -15.17 -4.38 -38.22
N PRO B 311 -16.35 -3.84 -38.58
CA PRO B 311 -16.99 -4.27 -39.82
C PRO B 311 -16.33 -3.66 -41.04
N GLY B 312 -16.55 -4.29 -42.19
CA GLY B 312 -16.03 -3.80 -43.45
C GLY B 312 -14.68 -4.37 -43.80
N LYS B 313 -14.40 -4.48 -45.10
CA LYS B 313 -13.12 -4.92 -45.57
C LYS B 313 -12.08 -3.81 -45.43
N CYS B 314 -10.81 -4.18 -45.30
CA CYS B 314 -9.74 -3.23 -45.08
C CYS B 314 -9.14 -2.78 -46.42
N PRO B 315 -8.71 -1.49 -46.51
CA PRO B 315 -8.10 -1.00 -47.77
C PRO B 315 -6.77 -1.69 -48.12
N CYS B 316 -6.12 -2.40 -47.14
CA CYS B 316 -4.83 -3.07 -47.41
C CYS B 316 -5.05 -4.33 -48.32
N GLY B 317 -6.30 -4.75 -48.47
CA GLY B 317 -6.66 -5.87 -49.33
C GLY B 317 -6.75 -7.22 -48.61
N ARG B 318 -6.31 -7.26 -47.34
CA ARG B 318 -6.36 -8.51 -46.58
C ARG B 318 -7.79 -8.83 -46.15
N THR B 319 -8.18 -10.11 -46.26
CA THR B 319 -9.54 -10.55 -46.05
C THR B 319 -9.76 -11.02 -44.58
N HIS B 320 -8.67 -11.14 -43.81
CA HIS B 320 -8.76 -11.57 -42.41
C HIS B 320 -9.40 -10.48 -41.56
N LEU B 321 -10.37 -10.86 -40.68
CA LEU B 321 -11.15 -9.90 -39.88
C LEU B 321 -10.23 -9.02 -38.98
N ARG B 322 -10.74 -7.85 -38.59
CA ARG B 322 -10.02 -6.94 -37.70
C ARG B 322 -10.77 -6.77 -36.38
N ILE B 323 -10.05 -6.82 -35.26
CA ILE B 323 -10.65 -6.52 -33.97
C ILE B 323 -10.28 -5.11 -33.53
N ASP B 324 -11.13 -4.47 -32.72
CA ASP B 324 -10.84 -3.16 -32.17
C ASP B 324 -9.81 -3.29 -31.03
N ARG B 325 -9.30 -2.15 -30.51
CA ARG B 325 -8.41 -2.16 -29.36
C ARG B 325 -9.03 -2.91 -28.18
N ILE B 326 -8.22 -3.65 -27.41
CA ILE B 326 -8.72 -4.31 -26.21
C ILE B 326 -8.99 -3.26 -25.15
N LYS B 327 -10.29 -2.94 -24.93
CA LYS B 327 -10.69 -1.94 -23.95
C LYS B 327 -10.20 -2.31 -22.56
N GLY B 328 -10.18 -3.61 -22.27
CA GLY B 328 -9.66 -4.12 -21.03
C GLY B 328 -10.03 -5.56 -20.75
N ARG B 329 -9.37 -6.18 -19.75
CA ARG B 329 -9.69 -7.52 -19.30
C ARG B 329 -10.83 -7.48 -18.30
N SER B 330 -11.49 -8.65 -18.06
CA SER B 330 -12.58 -8.75 -17.08
CA SER B 330 -12.59 -8.74 -17.09
C SER B 330 -12.05 -8.56 -15.66
N ASP B 331 -10.79 -8.99 -15.42
CA ASP B 331 -10.15 -8.86 -14.10
C ASP B 331 -9.66 -7.41 -13.85
N ASP B 332 -9.39 -6.65 -14.94
CA ASP B 332 -8.93 -5.26 -14.84
C ASP B 332 -10.07 -4.34 -14.34
N PHE B 334 -12.93 -2.71 -12.12
CA PHE B 334 -13.09 -2.52 -10.68
C PHE B 334 -14.47 -1.94 -10.36
N ILE B 335 -14.95 -2.16 -9.13
CA ILE B 335 -16.29 -1.75 -8.72
C ILE B 335 -16.21 -0.68 -7.58
N ILE B 336 -16.67 0.55 -7.85
CA ILE B 336 -16.67 1.61 -6.85
C ILE B 336 -18.06 2.21 -6.71
N LYS B 337 -18.60 2.24 -5.46
CA LYS B 337 -19.94 2.75 -5.18
C LYS B 337 -21.02 1.98 -6.02
N GLY B 338 -20.74 0.70 -6.31
CA GLY B 338 -21.66 -0.17 -7.05
C GLY B 338 -21.62 0.05 -8.56
N VAL B 339 -20.70 0.93 -9.04
CA VAL B 339 -20.60 1.24 -10.47
C VAL B 339 -19.38 0.52 -11.08
N ASN B 340 -19.61 -0.24 -12.18
CA ASN B 340 -18.53 -0.94 -12.89
C ASN B 340 -17.72 0.04 -13.72
N ILE B 341 -16.39 0.10 -13.49
CA ILE B 341 -15.53 1.07 -14.18
C ILE B 341 -14.26 0.37 -14.72
N PHE B 342 -13.90 0.66 -15.98
CA PHE B 342 -12.69 0.16 -16.60
C PHE B 342 -11.59 1.22 -16.57
N PRO B 343 -10.31 0.80 -16.31
CA PRO B 343 -9.23 1.80 -16.22
C PRO B 343 -9.03 2.57 -17.53
N GLN B 345 -11.30 3.78 -19.44
CA GLN B 345 -12.24 4.91 -19.44
C GLN B 345 -11.59 6.16 -18.84
N VAL B 346 -10.71 5.95 -17.82
CA VAL B 346 -9.98 7.03 -17.16
C VAL B 346 -8.85 7.52 -18.07
N GLU B 347 -8.10 6.58 -18.67
CA GLU B 347 -7.00 6.90 -19.56
C GLU B 347 -7.48 7.68 -20.80
N LYS B 348 -8.63 7.25 -21.40
CA LYS B 348 -9.18 7.90 -22.61
C LYS B 348 -9.49 9.41 -22.38
N ILE B 349 -9.70 9.81 -21.10
CA ILE B 349 -9.95 11.22 -20.77
C ILE B 349 -8.61 11.95 -20.47
N LEU B 350 -7.67 11.27 -19.79
CA LEU B 350 -6.40 11.88 -19.43
C LEU B 350 -5.54 12.21 -20.67
N VAL B 351 -5.60 11.34 -21.72
CA VAL B 351 -4.75 11.48 -22.93
C VAL B 351 -5.12 12.75 -23.74
N GLN B 352 -6.36 13.27 -23.60
CA GLN B 352 -6.77 14.45 -24.37
C GLN B 352 -6.33 15.76 -23.67
N PHE B 353 -5.47 15.65 -22.63
CA PHE B 353 -4.84 16.81 -21.99
C PHE B 353 -3.32 16.77 -22.21
N PRO B 354 -2.78 17.67 -23.08
CA PRO B 354 -1.33 17.62 -23.38
C PRO B 354 -0.46 18.06 -22.20
N GLU B 355 -1.08 18.66 -21.17
CA GLU B 355 -0.34 19.12 -19.97
C GLU B 355 -0.01 17.93 -19.05
N LEU B 356 -0.65 16.77 -19.28
CA LEU B 356 -0.46 15.59 -18.45
C LEU B 356 0.52 14.62 -19.09
N GLY B 357 1.24 13.87 -18.26
CA GLY B 357 2.12 12.80 -18.72
C GLY B 357 1.38 11.50 -18.94
N SER B 358 2.07 10.49 -19.47
CA SER B 358 1.42 9.20 -19.77
C SER B 358 1.31 8.32 -18.52
N ASN B 359 2.12 8.61 -17.46
CA ASN B 359 2.10 7.80 -16.24
C ASN B 359 0.99 8.26 -15.28
N TYR B 360 0.03 7.36 -14.98
CA TYR B 360 -1.06 7.66 -14.04
C TYR B 360 -1.30 6.45 -13.12
N LEU B 361 -1.95 6.69 -11.97
CA LEU B 361 -2.25 5.62 -11.00
C LEU B 361 -3.61 5.83 -10.36
N ILE B 362 -4.49 4.84 -10.46
CA ILE B 362 -5.79 4.86 -9.78
C ILE B 362 -5.67 4.09 -8.46
N THR B 363 -6.02 4.74 -7.34
CA THR B 363 -5.96 4.08 -6.04
C THR B 363 -7.35 4.04 -5.41
N LEU B 364 -7.76 2.86 -4.95
CA LEU B 364 -9.08 2.67 -4.34
C LEU B 364 -8.94 2.46 -2.83
N GLU B 365 -9.61 3.30 -2.03
CA GLU B 365 -9.51 3.22 -0.56
C GLU B 365 -10.87 3.29 0.09
N THR B 366 -10.98 2.80 1.35
CA THR B 366 -12.21 2.89 2.14
C THR B 366 -12.06 3.94 3.25
N VAL B 367 -12.80 5.06 3.15
CA VAL B 367 -12.72 6.14 4.13
C VAL B 367 -14.10 6.37 4.78
N ASN B 368 -14.18 6.22 6.14
CA ASN B 368 -15.43 6.37 6.91
C ASN B 368 -16.53 5.37 6.41
N ASN B 369 -16.11 4.09 6.16
CA ASN B 369 -17.02 3.01 5.67
C ASN B 369 -17.53 3.30 4.22
N GLN B 370 -16.96 4.32 3.53
CA GLN B 370 -17.34 4.66 2.15
C GLN B 370 -16.14 4.53 1.20
N ASP B 371 -16.40 4.04 -0.03
CA ASP B 371 -15.34 3.86 -1.04
C ASP B 371 -14.92 5.19 -1.65
N GLU B 372 -13.59 5.41 -1.80
CA GLU B 372 -13.06 6.64 -2.41
C GLU B 372 -12.09 6.30 -3.54
N ILE B 374 -9.09 7.76 -6.01
CA ILE B 374 -8.12 8.83 -6.27
C ILE B 374 -7.36 8.54 -7.58
N VAL B 375 -7.26 9.55 -8.48
CA VAL B 375 -6.55 9.40 -9.74
C VAL B 375 -5.31 10.31 -9.74
N GLU B 376 -4.12 9.71 -9.57
CA GLU B 376 -2.85 10.46 -9.64
C GLU B 376 -2.31 10.45 -11.06
N VAL B 377 -1.94 11.61 -11.58
CA VAL B 377 -1.41 11.70 -12.93
C VAL B 377 -0.24 12.71 -12.96
N GLU B 378 0.90 12.31 -13.55
CA GLU B 378 2.09 13.16 -13.63
C GLU B 378 1.88 14.30 -14.62
N LEU B 379 2.56 15.42 -14.38
CA LEU B 379 2.52 16.55 -15.31
C LEU B 379 3.63 16.42 -16.33
N SER B 380 3.35 16.76 -17.60
CA SER B 380 4.38 16.73 -18.65
C SER B 380 5.27 17.96 -18.53
N ASP B 381 6.57 17.81 -18.86
CA ASP B 381 7.55 18.91 -18.77
C ASP B 381 7.19 20.06 -19.73
N LEU B 382 6.34 19.78 -20.75
CA LEU B 382 5.92 20.79 -21.74
C LEU B 382 4.89 21.79 -21.14
N SER B 383 4.34 21.48 -19.94
CA SER B 383 3.36 22.36 -19.28
C SER B 383 4.01 23.70 -18.88
N THR B 384 3.62 24.79 -19.57
CA THR B 384 4.12 26.13 -19.27
C THR B 384 3.05 26.92 -18.49
N ASP B 385 1.94 26.25 -18.13
CA ASP B 385 0.82 26.86 -17.42
C ASP B 385 1.18 27.14 -15.96
N ASN B 386 0.61 28.21 -15.39
CA ASN B 386 0.78 28.55 -13.99
C ASN B 386 -0.23 27.78 -13.11
N TYR B 387 -0.35 28.13 -11.80
CA TYR B 387 -1.25 27.42 -10.88
C TYR B 387 -2.72 27.55 -11.32
N ILE B 388 -3.21 28.80 -11.51
CA ILE B 388 -4.61 29.07 -11.85
C ILE B 388 -5.01 28.31 -13.14
N GLU B 389 -4.13 28.30 -14.16
CA GLU B 389 -4.42 27.63 -15.44
C GLU B 389 -4.46 26.09 -15.27
N LEU B 390 -3.47 25.52 -14.52
CA LEU B 390 -3.41 24.07 -14.30
C LEU B 390 -4.55 23.59 -13.38
N GLU B 391 -4.99 24.44 -12.44
CA GLU B 391 -6.11 24.10 -11.54
C GLU B 391 -7.43 24.07 -12.33
N LYS B 392 -7.60 25.00 -13.31
CA LYS B 392 -8.76 25.00 -14.20
C LYS B 392 -8.82 23.71 -15.01
N ILE B 393 -7.63 23.20 -15.42
CA ILE B 393 -7.53 21.94 -16.16
C ILE B 393 -7.90 20.77 -15.23
N ARG B 394 -7.38 20.77 -13.98
CA ARG B 394 -7.67 19.73 -12.99
C ARG B 394 -9.19 19.61 -12.75
N ARG B 395 -9.91 20.76 -12.67
CA ARG B 395 -11.37 20.78 -12.47
C ARG B 395 -12.09 20.22 -13.71
N ASP B 396 -11.56 20.51 -14.92
CA ASP B 396 -12.12 19.98 -16.16
C ASP B 396 -11.93 18.46 -16.23
N ILE B 397 -10.75 17.96 -15.74
CA ILE B 397 -10.45 16.53 -15.70
C ILE B 397 -11.47 15.82 -14.77
N ILE B 398 -11.73 16.38 -13.55
CA ILE B 398 -12.72 15.82 -12.60
C ILE B 398 -14.13 15.82 -13.24
N ARG B 399 -14.46 16.89 -13.99
CA ARG B 399 -15.77 17.04 -14.63
C ARG B 399 -15.98 15.97 -15.73
N GLN B 400 -15.01 15.85 -16.67
CA GLN B 400 -15.13 14.91 -17.78
C GLN B 400 -15.11 13.46 -17.28
N LEU B 401 -14.42 13.19 -16.14
CA LEU B 401 -14.38 11.86 -15.52
C LEU B 401 -15.73 11.51 -14.89
N LYS B 402 -16.31 12.45 -14.10
CA LYS B 402 -17.61 12.24 -13.43
C LYS B 402 -18.70 11.93 -14.45
N ASP B 403 -18.62 12.52 -15.65
CA ASP B 403 -19.59 12.28 -16.72
C ASP B 403 -19.37 10.92 -17.39
N GLU B 404 -18.10 10.47 -17.47
CA GLU B 404 -17.74 9.23 -18.15
C GLU B 404 -18.00 7.98 -17.27
N ILE B 405 -17.45 7.97 -16.03
CA ILE B 405 -17.49 6.79 -15.16
C ILE B 405 -18.71 6.84 -14.18
N LEU B 406 -19.53 7.92 -14.25
CA LEU B 406 -20.75 8.08 -13.44
C LEU B 406 -20.43 8.10 -11.90
N VAL B 407 -19.15 8.35 -11.55
CA VAL B 407 -18.71 8.49 -10.15
C VAL B 407 -17.71 9.66 -10.06
N THR B 408 -17.77 10.45 -8.97
CA THR B 408 -16.89 11.61 -8.81
C THR B 408 -15.54 11.18 -8.18
N PRO B 409 -14.42 11.24 -8.96
CA PRO B 409 -13.13 10.82 -8.42
C PRO B 409 -12.32 12.00 -7.87
N LYS B 410 -11.27 11.70 -7.09
CA LYS B 410 -10.35 12.73 -6.63
C LYS B 410 -9.12 12.75 -7.53
N VAL B 411 -8.92 13.84 -8.27
CA VAL B 411 -7.79 13.95 -9.21
C VAL B 411 -6.66 14.75 -8.56
N LYS B 412 -5.44 14.20 -8.57
CA LYS B 412 -4.27 14.87 -8.02
C LYS B 412 -3.16 14.93 -9.06
N LEU B 413 -2.75 16.14 -9.44
CA LEU B 413 -1.64 16.32 -10.38
C LEU B 413 -0.31 16.22 -9.65
N VAL B 414 0.47 15.17 -9.94
CA VAL B 414 1.72 14.90 -9.23
C VAL B 414 2.94 15.29 -10.10
N LYS B 415 4.15 15.35 -9.49
CA LYS B 415 5.37 15.75 -10.19
C LYS B 415 5.81 14.65 -11.19
N LYS B 416 6.43 15.06 -12.31
CA LYS B 416 6.91 14.11 -13.32
C LYS B 416 8.00 13.19 -12.74
N GLY B 417 7.73 11.88 -12.74
CA GLY B 417 8.65 10.89 -12.23
C GLY B 417 8.36 10.46 -10.80
N SER B 418 7.31 11.06 -10.16
CA SER B 418 6.94 10.74 -8.78
C SER B 418 6.25 9.36 -8.70
N LEU B 419 5.40 9.04 -9.68
CA LEU B 419 4.67 7.76 -9.69
C LEU B 419 5.62 6.60 -10.03
N PRO B 420 5.40 5.41 -9.43
CA PRO B 420 6.33 4.29 -9.66
C PRO B 420 6.22 3.72 -11.08
N GLN B 421 7.36 3.28 -11.64
CA GLN B 421 7.39 2.59 -12.92
C GLN B 421 7.63 1.10 -12.70
N SER B 422 6.68 0.24 -13.13
CA SER B 422 6.81 -1.22 -12.96
C SER B 422 7.80 -1.79 -13.96
N GLU B 423 8.48 -2.91 -13.59
CA GLU B 423 9.45 -3.56 -14.48
C GLU B 423 8.78 -4.03 -15.78
N GLY B 424 7.64 -4.71 -15.65
CA GLY B 424 6.86 -5.17 -16.80
C GLY B 424 5.69 -4.26 -17.11
N LYS B 425 4.49 -4.86 -17.34
CA LYS B 425 3.25 -4.10 -17.58
C LYS B 425 3.06 -3.06 -16.50
N ALA B 426 2.64 -1.87 -16.87
CA ALA B 426 2.38 -0.81 -15.91
C ALA B 426 1.12 -1.12 -15.09
N VAL B 427 1.19 -0.93 -13.76
CA VAL B 427 0.05 -1.14 -12.88
C VAL B 427 -0.74 0.16 -12.78
N ARG B 428 -1.99 0.17 -13.25
CA ARG B 428 -2.77 1.40 -13.29
C ARG B 428 -3.79 1.46 -12.13
N VAL B 429 -4.08 0.30 -11.50
CA VAL B 429 -5.05 0.24 -10.41
C VAL B 429 -4.42 -0.39 -9.14
N LYS B 430 -4.45 0.35 -8.00
CA LYS B 430 -3.99 -0.17 -6.70
C LYS B 430 -5.15 -0.18 -5.70
N ASP B 431 -5.82 -1.33 -5.53
CA ASP B 431 -6.99 -1.44 -4.64
C ASP B 431 -6.54 -1.71 -3.20
N LEU B 432 -6.88 -0.78 -2.28
CA LEU B 432 -6.52 -0.90 -0.86
C LEU B 432 -7.78 -1.04 0.02
N ARG B 433 -8.68 -1.98 -0.33
CA ARG B 433 -9.92 -2.20 0.41
C ARG B 433 -9.98 -3.62 0.98
N GLY C 1 -53.41 19.34 27.67
CA GLY C 1 -53.57 19.94 28.99
C GLY C 1 -54.16 18.98 30.01
N SER C 3 -54.36 15.67 29.70
CA SER C 3 -53.60 14.43 29.74
C SER C 3 -52.09 14.70 29.55
N THR C 4 -51.62 15.94 29.84
CA THR C 4 -50.21 16.30 29.71
C THR C 4 -49.40 15.78 30.92
N GLN C 5 -48.22 15.18 30.65
CA GLN C 5 -47.35 14.67 31.72
C GLN C 5 -46.12 15.57 31.89
N TYR C 6 -45.75 15.87 33.15
CA TYR C 6 -44.65 16.78 33.42
C TYR C 6 -43.52 16.09 34.19
N TRP C 7 -42.26 16.45 33.87
CA TRP C 7 -41.08 15.97 34.59
C TRP C 7 -41.05 16.59 36.00
N GLU C 8 -41.32 17.92 36.09
CA GLU C 8 -41.43 18.65 37.37
C GLU C 8 -42.69 19.51 37.36
N GLU C 9 -43.86 18.88 37.60
CA GLU C 9 -45.16 19.56 37.48
C GLU C 9 -45.21 20.89 38.26
N GLU C 10 -44.77 20.87 39.54
CA GLU C 10 -44.85 22.07 40.42
C GLU C 10 -44.15 23.30 39.77
N ILE C 11 -43.05 23.08 39.05
CA ILE C 11 -42.30 24.17 38.42
C ILE C 11 -42.89 24.50 37.02
N GLU C 12 -43.23 23.45 36.23
CA GLU C 12 -43.61 23.63 34.83
C GLU C 12 -44.99 24.35 34.68
N ILE C 13 -45.90 24.18 35.68
CA ILE C 13 -47.22 24.86 35.63
C ILE C 13 -47.35 25.88 36.80
N SER C 15 -47.64 29.19 38.91
CA SER C 15 -48.30 30.47 38.59
C SER C 15 -47.28 31.56 38.27
N ARG C 16 -47.62 32.49 37.37
CA ARG C 16 -46.72 33.57 36.96
C ARG C 16 -46.24 34.37 38.21
N GLU C 17 -47.13 34.58 39.20
CA GLU C 17 -46.79 35.32 40.43
C GLU C 17 -45.69 34.61 41.23
N LYS C 18 -45.83 33.26 41.41
CA LYS C 18 -44.85 32.48 42.18
C LYS C 18 -43.60 32.21 41.33
N LEU C 19 -43.73 32.26 39.99
CA LEU C 19 -42.61 32.11 39.07
C LEU C 19 -41.73 33.37 39.09
N GLN C 20 -42.36 34.57 39.19
CA GLN C 20 -41.64 35.84 39.30
C GLN C 20 -41.00 35.96 40.69
N GLU C 21 -41.62 35.33 41.70
CA GLU C 21 -41.09 35.30 43.07
C GLU C 21 -39.84 34.40 43.14
N LEU C 22 -39.87 33.26 42.40
CA LEU C 22 -38.74 32.34 42.32
C LEU C 22 -37.58 32.98 41.57
N GLN C 23 -37.89 33.72 40.47
CA GLN C 23 -36.85 34.39 39.67
C GLN C 23 -36.13 35.44 40.49
N LEU C 24 -36.88 36.25 41.27
CA LEU C 24 -36.29 37.33 42.08
C LEU C 24 -35.37 36.76 43.16
N GLN C 25 -35.81 35.67 43.82
CA GLN C 25 -35.01 35.00 44.85
C GLN C 25 -33.67 34.51 44.25
N ARG C 26 -33.73 33.85 43.07
CA ARG C 26 -32.55 33.29 42.42
C ARG C 26 -31.69 34.40 41.77
N LEU C 27 -32.31 35.53 41.37
CA LEU C 27 -31.57 36.66 40.77
C LEU C 27 -30.68 37.31 41.82
N LYS C 28 -31.22 37.56 43.04
CA LYS C 28 -30.44 38.12 44.14
C LYS C 28 -29.28 37.19 44.49
N LYS C 29 -29.53 35.86 44.49
CA LYS C 29 -28.50 34.85 44.78
C LYS C 29 -27.38 34.90 43.72
N THR C 30 -27.75 34.93 42.43
CA THR C 30 -26.80 34.97 41.32
C THR C 30 -25.93 36.25 41.38
N ILE C 31 -26.54 37.42 41.73
CA ILE C 31 -25.81 38.68 41.84
C ILE C 31 -24.77 38.59 43.00
N ASN C 32 -25.15 37.96 44.12
CA ASN C 32 -24.26 37.83 45.29
C ASN C 32 -23.10 36.86 44.99
N ILE C 33 -23.36 35.81 44.19
CA ILE C 33 -22.31 34.85 43.80
C ILE C 33 -21.36 35.52 42.78
N ALA C 34 -21.93 36.12 41.71
CA ALA C 34 -21.13 36.77 40.65
C ALA C 34 -20.23 37.88 41.21
N ALA C 35 -20.63 38.48 42.36
CA ALA C 35 -19.85 39.55 43.00
C ALA C 35 -18.45 39.05 43.44
N ASN C 36 -18.29 37.70 43.55
CA ASN C 36 -17.02 37.11 43.97
C ASN C 36 -16.05 36.96 42.78
N SER C 37 -16.59 37.03 41.54
CA SER C 37 -15.75 36.95 40.33
C SER C 37 -15.01 38.27 40.11
N PRO C 38 -13.74 38.23 39.61
CA PRO C 38 -13.00 39.49 39.40
C PRO C 38 -13.71 40.44 38.44
N TYR C 39 -14.38 39.88 37.39
CA TYR C 39 -15.05 40.69 36.38
C TYR C 39 -16.25 41.44 36.96
N TYR C 40 -17.23 40.71 37.54
CA TYR C 40 -18.46 41.34 38.04
C TYR C 40 -18.20 42.16 39.32
N LYS C 41 -17.11 41.86 40.05
CA LYS C 41 -16.73 42.65 41.23
C LYS C 41 -16.40 44.08 40.82
N GLU C 42 -15.70 44.24 39.67
CA GLU C 42 -15.36 45.54 39.10
C GLU C 42 -16.62 46.21 38.49
N VAL C 43 -17.45 45.40 37.76
CA VAL C 43 -18.69 45.89 37.13
C VAL C 43 -19.64 46.45 38.21
N PHE C 44 -19.83 45.69 39.31
CA PHE C 44 -20.71 46.12 40.41
C PHE C 44 -20.14 47.33 41.13
N SER C 45 -18.79 47.40 41.26
CA SER C 45 -18.13 48.53 41.93
C SER C 45 -18.26 49.82 41.10
N LYS C 46 -18.17 49.70 39.77
CA LYS C 46 -18.23 50.86 38.87
C LYS C 46 -19.65 51.42 38.75
N ASN C 47 -20.66 50.54 38.82
CA ASN C 47 -22.05 50.96 38.60
C ASN C 47 -22.86 51.00 39.93
N GLY C 48 -22.16 50.86 41.06
CA GLY C 48 -22.78 50.93 42.38
C GLY C 48 -23.80 49.84 42.65
N ILE C 49 -23.51 48.61 42.19
CA ILE C 49 -24.41 47.48 42.38
C ILE C 49 -24.10 46.78 43.70
N THR C 50 -25.03 46.81 44.65
CA THR C 50 -24.85 46.17 45.95
C THR C 50 -25.87 45.03 46.12
N GLY C 51 -25.87 44.40 47.30
CA GLY C 51 -26.83 43.35 47.63
C GLY C 51 -28.24 43.87 47.83
N ASP C 52 -28.40 45.21 47.78
CA ASP C 52 -29.70 45.86 47.98
C ASP C 52 -30.19 46.54 46.68
N SER C 53 -29.38 46.49 45.61
CA SER C 53 -29.73 47.11 44.32
C SER C 53 -30.91 46.39 43.66
N ILE C 54 -30.99 45.06 43.86
CA ILE C 54 -32.07 44.27 43.28
C ILE C 54 -33.20 44.09 44.29
N GLN C 55 -34.33 44.78 44.08
CA GLN C 55 -35.52 44.64 44.91
C GLN C 55 -36.68 44.09 44.09
N SER C 56 -36.62 44.31 42.76
CA SER C 56 -37.60 43.76 41.82
C SER C 56 -36.90 43.19 40.59
N LEU C 57 -37.63 42.45 39.75
CA LEU C 57 -37.05 41.87 38.53
C LEU C 57 -36.67 42.95 37.52
N ASP C 58 -37.32 44.14 37.61
CA ASP C 58 -37.02 45.26 36.72
C ASP C 58 -35.70 45.95 37.11
N ASP C 59 -35.23 45.74 38.36
CA ASP C 59 -33.97 46.35 38.84
C ASP C 59 -32.73 45.73 38.16
N ILE C 60 -32.92 44.65 37.36
CA ILE C 60 -31.83 44.02 36.63
C ILE C 60 -31.28 44.99 35.56
N ARG C 61 -32.13 45.95 35.08
CA ARG C 61 -31.74 46.90 34.06
CA ARG C 61 -31.75 46.92 34.06
C ARG C 61 -30.74 47.94 34.63
N LYS C 62 -30.47 47.87 35.97
CA LYS C 62 -29.44 48.72 36.60
C LYS C 62 -28.06 48.20 36.21
N ILE C 63 -27.94 46.88 35.99
CA ILE C 63 -26.69 46.21 35.65
C ILE C 63 -26.40 46.35 34.13
N PRO C 64 -25.15 46.68 33.74
CA PRO C 64 -24.84 46.76 32.30
C PRO C 64 -24.83 45.38 31.65
N PHE C 65 -24.87 45.32 30.31
CA PHE C 65 -24.85 44.06 29.58
C PHE C 65 -23.48 43.43 29.62
N THR C 66 -23.42 42.08 29.56
CA THR C 66 -22.17 41.36 29.40
C THR C 66 -22.05 40.89 27.95
N THR C 67 -20.97 41.29 27.26
CA THR C 67 -20.81 40.96 25.84
C THR C 67 -19.78 39.85 25.65
N LYS C 68 -19.74 39.28 24.43
CA LYS C 68 -18.72 38.31 24.05
C LYS C 68 -17.34 38.95 24.16
N SER C 69 -17.23 40.25 23.78
CA SER C 69 -15.98 41.02 23.84
C SER C 69 -15.48 41.14 25.29
N ASP C 70 -16.41 41.33 26.26
CA ASP C 70 -16.05 41.42 27.68
C ASP C 70 -15.50 40.08 28.18
N ARG C 72 -14.09 37.70 26.24
CA ARG C 72 -12.78 37.51 25.56
CA ARG C 72 -12.79 37.50 25.58
C ARG C 72 -11.70 38.32 26.27
N ALA C 73 -12.06 39.52 26.80
CA ALA C 73 -11.11 40.39 27.51
C ALA C 73 -10.71 39.78 28.86
N ASN C 74 -11.62 39.01 29.48
CA ASN C 74 -11.35 38.40 30.79
C ASN C 74 -11.02 36.90 30.66
N TYR C 75 -10.65 36.46 29.44
CA TYR C 75 -10.28 35.06 29.18
C TYR C 75 -9.03 34.67 29.99
N PRO C 76 -9.03 33.47 30.64
CA PRO C 76 -10.04 32.43 30.54
C PRO C 76 -11.01 32.37 31.75
N PHE C 77 -10.56 32.82 32.95
CA PHE C 77 -11.34 32.60 34.17
C PHE C 77 -11.69 33.95 34.92
N GLY C 78 -11.76 35.04 34.16
CA GLY C 78 -12.11 36.36 34.73
C GLY C 78 -13.52 36.44 35.29
N LEU C 79 -14.45 35.59 34.79
CA LEU C 79 -15.85 35.61 35.24
C LEU C 79 -16.15 34.41 36.19
N VAL C 80 -15.11 33.67 36.62
CA VAL C 80 -15.30 32.54 37.55
C VAL C 80 -15.56 33.09 38.98
N ALA C 81 -16.70 32.71 39.60
CA ALA C 81 -17.11 33.23 40.89
C ALA C 81 -16.85 32.22 42.04
N GLY C 82 -16.94 30.93 41.72
CA GLY C 82 -16.77 29.87 42.72
C GLY C 82 -15.34 29.41 42.90
N ASP C 83 -15.13 28.36 43.74
CA ASP C 83 -13.78 27.81 43.98
C ASP C 83 -13.45 26.77 42.90
N LYS C 85 -10.64 25.44 41.84
CA LYS C 85 -9.63 24.43 42.17
C LYS C 85 -10.28 23.19 42.84
N ARG C 86 -11.25 23.38 43.72
CA ARG C 86 -11.85 22.26 44.40
C ARG C 86 -13.22 21.88 43.80
N ASP C 87 -14.05 22.88 43.42
CA ASP C 87 -15.44 22.58 43.03
C ASP C 87 -15.65 22.54 41.48
N GLY C 88 -14.68 23.09 40.73
CA GLY C 88 -14.75 23.06 39.27
C GLY C 88 -14.54 21.68 38.70
N VAL C 89 -15.51 21.18 37.91
CA VAL C 89 -15.45 19.79 37.42
C VAL C 89 -15.44 19.72 35.85
N ARG C 90 -15.72 20.86 35.14
CA ARG C 90 -15.69 20.83 33.68
C ARG C 90 -15.51 22.22 33.06
N ILE C 91 -14.80 22.26 31.92
CA ILE C 91 -14.67 23.45 31.08
C ILE C 91 -15.23 23.16 29.69
N HIS C 92 -16.09 24.03 29.18
CA HIS C 92 -16.52 23.95 27.80
C HIS C 92 -16.02 25.18 27.05
N SER C 93 -15.26 24.97 26.00
CA SER C 93 -14.62 26.06 25.28
C SER C 93 -15.11 26.11 23.84
N SER C 94 -15.26 27.33 23.28
CA SER C 94 -15.60 27.48 21.87
C SER C 94 -14.35 27.25 21.01
N SER C 95 -14.50 27.19 19.68
CA SER C 95 -13.40 26.87 18.77
C SER C 95 -12.37 27.99 18.72
N GLY C 96 -11.16 27.66 18.27
CA GLY C 96 -10.16 28.66 17.95
C GLY C 96 -8.85 28.55 18.69
N THR C 97 -7.76 29.00 18.02
CA THR C 97 -6.42 29.13 18.61
C THR C 97 -5.83 30.50 18.23
N THR C 98 -6.44 31.18 17.22
CA THR C 98 -5.96 32.48 16.72
C THR C 98 -6.40 33.62 17.66
N GLY C 99 -7.49 33.40 18.38
CA GLY C 99 -8.01 34.35 19.35
C GLY C 99 -8.42 33.69 20.65
N ASN C 100 -8.86 34.48 21.62
CA ASN C 100 -9.31 33.95 22.90
C ASN C 100 -10.75 33.41 22.78
N PRO C 101 -10.94 32.07 22.94
CA PRO C 101 -12.29 31.52 22.81
C PRO C 101 -13.17 31.81 24.03
N THR C 102 -14.43 31.36 23.99
CA THR C 102 -15.34 31.49 25.11
C THR C 102 -15.18 30.30 26.01
N VAL C 103 -15.04 30.53 27.32
CA VAL C 103 -14.86 29.46 28.28
C VAL C 103 -15.95 29.52 29.34
N ILE C 104 -16.67 28.39 29.54
CA ILE C 104 -17.66 28.26 30.61
C ILE C 104 -17.22 27.18 31.58
N VAL C 105 -17.08 27.51 32.87
CA VAL C 105 -16.65 26.55 33.88
C VAL C 105 -17.84 26.11 34.73
N HIS C 106 -17.99 24.79 34.95
CA HIS C 106 -19.13 24.24 35.69
C HIS C 106 -18.68 23.55 36.96
N SER C 107 -19.51 23.65 38.01
CA SER C 107 -19.36 22.82 39.19
C SER C 107 -20.23 21.57 39.04
N GLN C 108 -20.23 20.67 40.04
CA GLN C 108 -21.09 19.48 39.97
C GLN C 108 -22.58 19.89 40.04
N HIS C 109 -22.90 20.92 40.85
CA HIS C 109 -24.26 21.47 40.91
C HIS C 109 -24.70 21.94 39.52
N ASP C 110 -23.82 22.68 38.82
CA ASP C 110 -24.11 23.24 37.49
C ASP C 110 -24.38 22.12 36.48
N LEU C 111 -23.60 21.01 36.53
CA LEU C 111 -23.80 19.88 35.63
C LEU C 111 -25.14 19.18 35.93
N ASP C 112 -25.50 19.05 37.24
CA ASP C 112 -26.76 18.41 37.66
C ASP C 112 -27.97 19.25 37.23
N SER C 113 -27.89 20.59 37.41
CA SER C 113 -28.96 21.51 36.98
C SER C 113 -29.12 21.46 35.46
N TRP C 114 -28.01 21.37 34.74
CA TRP C 114 -27.98 21.29 33.29
C TRP C 114 -28.58 19.95 32.81
N ALA C 115 -28.19 18.84 33.47
CA ALA C 115 -28.72 17.51 33.13
C ALA C 115 -30.23 17.41 33.43
N ASN C 116 -30.70 18.08 34.52
CA ASN C 116 -32.11 18.07 34.89
C ASN C 116 -32.95 18.81 33.82
N LEU C 117 -32.44 19.95 33.30
CA LEU C 117 -33.16 20.73 32.28
C LEU C 117 -33.30 19.93 30.99
N VAL C 118 -32.26 19.15 30.63
CA VAL C 118 -32.30 18.32 29.42
C VAL C 118 -33.30 17.16 29.60
N ALA C 119 -33.33 16.55 30.80
CA ALA C 119 -34.30 15.49 31.12
C ALA C 119 -35.72 16.04 31.07
N ARG C 120 -35.91 17.27 31.59
CA ARG C 120 -37.20 17.94 31.57
C ARG C 120 -37.67 18.15 30.12
N CYS C 121 -36.74 18.60 29.23
CA CYS C 121 -37.03 18.82 27.81
C CYS C 121 -37.44 17.50 27.14
N LEU C 122 -36.60 16.44 27.26
CA LEU C 122 -36.86 15.15 26.63
C LEU C 122 -38.20 14.56 27.11
N TYR C 123 -38.48 14.65 28.42
CA TYR C 123 -39.73 14.13 28.98
C TYR C 123 -40.94 14.90 28.44
N VAL C 125 -41.46 16.20 25.49
CA VAL C 125 -41.84 15.85 24.13
C VAL C 125 -42.22 14.34 24.04
N GLY C 126 -42.30 13.67 25.20
CA GLY C 126 -42.81 12.30 25.27
C GLY C 126 -41.75 11.22 25.35
N ILE C 127 -40.46 11.62 25.42
CA ILE C 127 -39.37 10.64 25.54
C ILE C 127 -39.34 10.09 26.98
N ARG C 128 -39.23 8.75 27.12
CA ARG C 128 -39.25 8.07 28.42
C ARG C 128 -38.00 7.19 28.59
N LYS C 129 -37.80 6.62 29.80
CA LYS C 129 -36.64 5.76 30.07
C LYS C 129 -36.68 4.47 29.20
N THR C 130 -37.85 4.15 28.62
CA THR C 130 -38.00 2.96 27.78
C THR C 130 -37.51 3.23 26.35
N ASP C 131 -37.16 4.50 26.05
CA ASP C 131 -36.71 4.87 24.71
C ASP C 131 -35.23 4.59 24.52
N VAL C 132 -34.83 4.32 23.28
CA VAL C 132 -33.43 4.17 22.91
C VAL C 132 -32.97 5.48 22.25
N PHE C 133 -32.21 6.30 23.01
CA PHE C 133 -31.83 7.65 22.57
C PHE C 133 -30.47 7.64 21.88
N GLN C 134 -30.43 8.08 20.61
CA GLN C 134 -29.19 8.15 19.83
C GLN C 134 -28.77 9.61 19.64
N ASN C 135 -27.51 9.94 19.98
CA ASN C 135 -27.01 11.32 19.88
C ASN C 135 -25.99 11.45 18.75
N SER C 136 -26.39 12.10 17.64
CA SER C 136 -25.50 12.28 16.48
C SER C 136 -24.74 13.61 16.59
N SER C 137 -24.85 14.29 17.74
CA SER C 137 -24.11 15.52 17.99
C SER C 137 -22.66 15.20 18.31
N GLY C 138 -21.77 16.12 17.94
CA GLY C 138 -20.37 15.99 18.27
C GLY C 138 -20.12 16.03 19.76
N TYR C 139 -19.19 15.21 20.24
CA TYR C 139 -18.85 15.19 21.65
C TYR C 139 -17.61 16.07 21.90
N GLY C 140 -16.87 15.77 22.95
CA GLY C 140 -15.73 16.59 23.35
C GLY C 140 -16.17 17.94 23.90
N PHE C 142 -17.99 20.22 22.36
CA PHE C 142 -19.37 20.56 21.96
C PHE C 142 -20.35 20.19 23.06
N THR C 143 -21.13 21.18 23.52
CA THR C 143 -22.05 21.00 24.65
C THR C 143 -23.21 20.02 24.31
N GLY C 144 -23.47 19.86 23.00
CA GLY C 144 -24.53 18.97 22.51
C GLY C 144 -24.30 17.49 22.81
N GLY C 145 -23.02 17.10 22.84
CA GLY C 145 -22.63 15.72 23.12
C GLY C 145 -22.87 15.31 24.56
N LEU C 146 -22.05 15.86 25.49
CA LEU C 146 -22.17 15.56 26.91
C LEU C 146 -23.49 16.07 27.52
N GLY C 147 -24.04 17.15 26.93
CA GLY C 147 -25.30 17.72 27.37
C GLY C 147 -26.47 16.76 27.29
N PHE C 148 -26.72 16.21 26.09
CA PHE C 148 -27.80 15.25 25.91
C PHE C 148 -27.45 13.91 26.51
N GLN C 149 -26.13 13.57 26.58
CA GLN C 149 -25.68 12.31 27.18
C GLN C 149 -26.10 12.24 28.66
N TYR C 150 -25.78 13.30 29.44
CA TYR C 150 -26.11 13.36 30.86
C TYR C 150 -27.63 13.48 31.07
N GLY C 151 -28.30 14.22 30.19
CA GLY C 151 -29.75 14.40 30.26
C GLY C 151 -30.52 13.12 29.99
N ALA C 152 -30.15 12.40 28.91
CA ALA C 152 -30.81 11.14 28.54
C ALA C 152 -30.55 10.05 29.59
N GLU C 153 -29.32 9.99 30.16
CA GLU C 153 -29.02 9.04 31.24
C GLU C 153 -29.80 9.39 32.49
N ARG C 154 -29.94 10.71 32.80
CA ARG C 154 -30.75 11.18 33.93
C ARG C 154 -32.23 10.75 33.77
N LEU C 155 -32.75 10.78 32.52
CA LEU C 155 -34.11 10.34 32.22
C LEU C 155 -34.21 8.79 32.30
N GLY C 156 -33.09 8.10 31.96
CA GLY C 156 -33.00 6.64 32.05
C GLY C 156 -33.01 5.93 30.71
N CYS C 157 -32.88 6.69 29.61
CA CYS C 157 -32.89 6.14 28.25
C CYS C 157 -31.72 5.20 28.05
N LEU C 158 -31.88 4.22 27.15
CA LEU C 158 -30.76 3.45 26.65
C LEU C 158 -30.02 4.28 25.63
N THR C 159 -28.93 4.95 26.05
CA THR C 159 -28.26 5.93 25.20
C THR C 159 -27.34 5.26 24.18
N VAL C 160 -27.27 5.84 22.98
CA VAL C 160 -26.35 5.40 21.92
C VAL C 160 -25.44 6.58 21.55
N PRO C 161 -24.28 6.73 22.25
CA PRO C 161 -23.40 7.88 21.96
C PRO C 161 -22.69 7.72 20.59
N ALA C 162 -23.46 7.82 19.50
CA ALA C 162 -22.94 7.62 18.14
C ALA C 162 -21.96 8.73 17.74
N ALA C 163 -22.18 9.96 18.29
CA ALA C 163 -21.38 11.15 17.92
C ALA C 163 -21.62 11.55 16.44
N ALA C 164 -20.81 12.46 15.91
CA ALA C 164 -21.03 13.04 14.59
C ALA C 164 -20.59 12.12 13.43
N GLY C 165 -21.26 12.25 12.28
CA GLY C 165 -20.85 11.63 11.03
C GLY C 165 -21.08 10.13 10.94
N ASN C 166 -20.53 9.51 9.84
CA ASN C 166 -20.65 8.06 9.54
C ASN C 166 -22.12 7.65 9.45
N SER C 167 -22.83 8.16 8.41
CA SER C 167 -24.27 7.92 8.23
C SER C 167 -24.59 6.42 8.18
N LYS C 168 -23.76 5.62 7.47
CA LYS C 168 -23.97 4.17 7.36
C LYS C 168 -23.98 3.52 8.76
N ARG C 169 -23.12 4.01 9.68
CA ARG C 169 -23.04 3.49 11.04
C ARG C 169 -24.25 4.00 11.87
N GLN C 170 -24.67 5.26 11.64
CA GLN C 170 -25.85 5.84 12.29
C GLN C 170 -27.09 5.00 11.99
N ILE C 171 -27.27 4.61 10.69
CA ILE C 171 -28.42 3.81 10.23
C ILE C 171 -28.31 2.38 10.79
N LYS C 172 -27.09 1.84 10.89
CA LYS C 172 -26.86 0.51 11.47
C LYS C 172 -27.28 0.48 12.94
N PHE C 173 -26.92 1.53 13.71
CA PHE C 173 -27.30 1.63 15.12
C PHE C 173 -28.83 1.68 15.28
N ILE C 174 -29.52 2.52 14.46
CA ILE C 174 -30.98 2.63 14.51
C ILE C 174 -31.65 1.27 14.22
N SER C 175 -31.14 0.53 13.22
CA SER C 175 -31.72 -0.75 12.81
C SER C 175 -31.45 -1.85 13.86
N ASP C 176 -30.19 -1.96 14.36
CA ASP C 176 -29.78 -3.04 15.25
C ASP C 176 -30.20 -2.78 16.72
N PHE C 177 -30.10 -1.51 17.19
CA PHE C 177 -30.39 -1.21 18.59
C PHE C 177 -31.85 -0.75 18.77
N LYS C 178 -32.63 -0.69 17.66
CA LYS C 178 -34.03 -0.28 17.67
C LYS C 178 -34.19 1.12 18.31
N THR C 179 -33.42 2.12 17.80
CA THR C 179 -33.47 3.50 18.27
C THR C 179 -34.88 4.09 18.08
N THR C 180 -35.40 4.79 19.10
CA THR C 180 -36.72 5.41 19.02
C THR C 180 -36.61 6.94 19.04
N ALA C 181 -35.54 7.48 19.68
CA ALA C 181 -35.32 8.93 19.77
C ALA C 181 -33.94 9.30 19.23
N LEU C 182 -33.88 10.32 18.36
CA LEU C 182 -32.62 10.72 17.73
C LEU C 182 -32.37 12.22 17.86
N HIS C 183 -31.16 12.61 18.26
CA HIS C 183 -30.77 14.01 18.28
C HIS C 183 -29.84 14.32 17.09
N ALA C 184 -30.28 15.21 16.20
CA ALA C 184 -29.50 15.57 15.00
C ALA C 184 -29.82 16.98 14.56
N ILE C 185 -28.89 17.64 13.83
CA ILE C 185 -29.18 18.94 13.23
C ILE C 185 -30.12 18.72 12.04
N PRO C 186 -31.05 19.68 11.77
CA PRO C 186 -32.06 19.46 10.73
C PRO C 186 -31.48 18.90 9.42
N SER C 187 -30.37 19.50 8.92
CA SER C 187 -29.77 19.10 7.64
C SER C 187 -29.25 17.65 7.68
N TYR C 188 -28.77 17.16 8.85
CA TYR C 188 -28.25 15.79 8.96
C TYR C 188 -29.39 14.78 9.06
N ALA C 189 -30.55 15.19 9.63
CA ALA C 189 -31.73 14.33 9.68
C ALA C 189 -32.24 14.01 8.27
N ILE C 190 -32.08 14.96 7.32
CA ILE C 190 -32.44 14.76 5.92
C ILE C 190 -31.41 13.83 5.26
N ARG C 191 -30.11 14.02 5.60
CA ARG C 191 -29.02 13.18 5.08
C ARG C 191 -29.24 11.71 5.49
N LEU C 192 -29.60 11.46 6.78
CA LEU C 192 -29.84 10.09 7.28
C LEU C 192 -31.00 9.42 6.53
N ALA C 193 -32.09 10.18 6.26
CA ALA C 193 -33.24 9.66 5.51
C ALA C 193 -32.84 9.29 4.08
N GLU C 194 -31.92 10.09 3.49
CA GLU C 194 -31.37 9.82 2.15
C GLU C 194 -30.51 8.53 2.18
N VAL C 195 -29.71 8.34 3.24
CA VAL C 195 -28.83 7.18 3.40
C VAL C 195 -29.67 5.88 3.62
N PHE C 196 -30.80 5.99 4.38
CA PHE C 196 -31.71 4.84 4.55
C PHE C 196 -32.16 4.30 3.18
N GLN C 197 -32.55 5.21 2.24
CA GLN C 197 -32.99 4.83 0.89
C GLN C 197 -31.84 4.22 0.08
N GLU C 198 -30.62 4.79 0.22
CA GLU C 198 -29.43 4.29 -0.49
C GLU C 198 -29.12 2.84 -0.06
N GLU C 199 -29.38 2.51 1.22
CA GLU C 199 -29.06 1.18 1.76
C GLU C 199 -30.27 0.21 1.60
N GLY C 200 -31.33 0.68 0.94
CA GLY C 200 -32.51 -0.14 0.66
C GLY C 200 -33.44 -0.30 1.85
N ILE C 201 -33.54 0.75 2.70
CA ILE C 201 -34.46 0.74 3.84
C ILE C 201 -35.45 1.90 3.71
N ASP C 202 -36.76 1.64 3.92
CA ASP C 202 -37.79 2.68 3.90
C ASP C 202 -37.63 3.57 5.16
N PRO C 203 -37.25 4.87 4.98
CA PRO C 203 -37.00 5.72 6.16
C PRO C 203 -38.27 5.98 6.98
N ARG C 204 -39.45 5.67 6.40
CA ARG C 204 -40.73 5.84 7.11
C ARG C 204 -41.09 4.59 7.93
N GLU C 205 -40.35 3.48 7.74
CA GLU C 205 -40.67 2.22 8.40
C GLU C 205 -39.52 1.75 9.34
N THR C 206 -39.02 2.66 10.19
CA THR C 206 -38.01 2.30 11.19
C THR C 206 -38.61 2.34 12.60
N THR C 207 -37.78 2.12 13.63
CA THR C 207 -38.22 2.16 15.02
C THR C 207 -38.25 3.62 15.54
N LEU C 208 -37.75 4.57 14.73
CA LEU C 208 -37.73 5.99 15.09
C LEU C 208 -39.16 6.51 15.36
N LYS C 209 -39.32 7.31 16.43
CA LYS C 209 -40.61 7.92 16.76
C LYS C 209 -40.46 9.42 17.00
N THR C 210 -39.37 9.83 17.69
CA THR C 210 -39.17 11.22 18.06
C THR C 210 -37.82 11.74 17.58
N LEU C 211 -37.77 12.98 17.08
CA LEU C 211 -36.50 13.59 16.69
C LEU C 211 -36.32 14.92 17.40
N VAL C 212 -35.10 15.18 17.85
CA VAL C 212 -34.77 16.46 18.48
C VAL C 212 -33.78 17.20 17.58
N ILE C 213 -34.22 18.31 17.00
CA ILE C 213 -33.40 19.06 16.04
C ILE C 213 -33.12 20.47 16.57
N GLY C 214 -31.91 20.96 16.33
CA GLY C 214 -31.50 22.29 16.77
C GLY C 214 -30.20 22.76 16.15
N ALA C 215 -29.51 23.73 16.83
CA ALA C 215 -28.20 24.28 16.39
C ALA C 215 -28.33 25.25 15.19
N GLU C 216 -28.94 24.80 14.09
CA GLU C 216 -29.05 25.66 12.93
CA GLU C 216 -29.07 25.64 12.89
C GLU C 216 -30.47 26.24 12.78
N PRO C 217 -30.57 27.52 12.34
CA PRO C 217 -31.89 28.09 12.09
C PRO C 217 -32.58 27.36 10.94
N HIS C 218 -33.85 26.99 11.14
CA HIS C 218 -34.61 26.26 10.14
C HIS C 218 -36.07 26.68 10.16
N THR C 219 -36.77 26.47 9.04
CA THR C 219 -38.19 26.84 8.94
C THR C 219 -39.09 25.72 9.46
N ASP C 220 -40.38 26.06 9.74
CA ASP C 220 -41.36 25.08 10.17
C ASP C 220 -41.63 24.07 9.04
N GLU C 221 -41.52 24.53 7.76
CA GLU C 221 -41.72 23.67 6.59
C GLU C 221 -40.59 22.64 6.50
N GLN C 222 -39.33 23.05 6.78
CA GLN C 222 -38.19 22.13 6.79
C GLN C 222 -38.38 21.04 7.83
N ARG C 223 -38.93 21.41 9.01
CA ARG C 223 -39.22 20.46 10.08
C ARG C 223 -40.30 19.46 9.63
N ARG C 224 -41.38 19.95 9.01
CA ARG C 224 -42.46 19.09 8.52
C ARG C 224 -41.97 18.16 7.43
N LYS C 225 -41.03 18.65 6.57
CA LYS C 225 -40.40 17.82 5.55
C LYS C 225 -39.63 16.63 6.20
N ILE C 226 -38.89 16.92 7.29
CA ILE C 226 -38.16 15.88 8.05
C ILE C 226 -39.17 14.89 8.71
N GLU C 227 -40.33 15.41 9.18
CA GLU C 227 -41.35 14.56 9.81
C GLU C 227 -41.97 13.59 8.79
N ARG C 228 -42.11 14.03 7.52
CA ARG C 228 -42.71 13.19 6.47
C ARG C 228 -41.72 12.14 5.97
N LEU C 230 -39.20 10.63 7.61
CA LEU C 230 -38.87 9.60 8.59
C LEU C 230 -40.11 9.10 9.37
N ASN C 231 -41.32 9.68 9.08
CA ASN C 231 -42.56 9.34 9.79
C ASN C 231 -42.35 9.48 11.33
N VAL C 232 -41.85 10.64 11.76
CA VAL C 232 -41.58 10.89 13.17
C VAL C 232 -42.14 12.24 13.57
N LYS C 233 -42.03 12.56 14.85
CA LYS C 233 -42.36 13.89 15.33
C LYS C 233 -41.08 14.60 15.72
N ALA C 234 -40.79 15.73 15.07
CA ALA C 234 -39.54 16.47 15.32
C ALA C 234 -39.80 17.70 16.16
N TYR C 235 -38.90 18.00 17.11
CA TYR C 235 -39.10 19.12 18.02
C TYR C 235 -37.88 20.05 18.01
N ASN C 236 -38.14 21.37 18.04
CA ASN C 236 -37.07 22.36 18.00
C ASN C 236 -36.38 22.46 19.36
N SER C 237 -35.03 22.39 19.35
CA SER C 237 -34.21 22.44 20.55
C SER C 237 -33.25 23.63 20.50
N PHE C 238 -33.43 24.59 21.43
CA PHE C 238 -32.55 25.76 21.51
C PHE C 238 -31.49 25.56 22.59
N GLY C 239 -30.26 25.92 22.28
CA GLY C 239 -29.15 25.74 23.20
C GLY C 239 -28.05 26.76 22.97
N THR C 241 -23.68 27.45 24.50
CA THR C 241 -22.58 27.09 25.43
C THR C 241 -22.61 28.01 26.69
N GLU C 242 -22.80 29.33 26.48
CA GLU C 242 -22.86 30.32 27.57
C GLU C 242 -23.95 29.97 28.57
N ASN C 244 -24.97 26.85 29.30
CA ASN C 244 -24.75 25.39 29.53
C ASN C 244 -24.62 24.65 28.20
N GLY C 245 -25.68 24.70 27.40
CA GLY C 245 -25.76 24.02 26.11
C GLY C 245 -27.19 23.70 25.76
N PRO C 246 -27.52 22.41 25.53
CA PRO C 246 -28.93 22.04 25.32
C PRO C 246 -29.76 22.16 26.62
N GLY C 247 -31.08 22.24 26.47
CA GLY C 247 -32.00 22.32 27.61
C GLY C 247 -32.41 23.72 27.99
N VAL C 248 -32.00 24.74 27.19
CA VAL C 248 -32.31 26.15 27.50
C VAL C 248 -33.77 26.50 27.06
N ALA C 249 -34.11 26.24 25.80
CA ALA C 249 -35.49 26.40 25.29
C ALA C 249 -35.85 25.22 24.41
N PHE C 250 -37.13 24.82 24.44
CA PHE C 250 -37.55 23.57 23.80
C PHE C 250 -39.05 23.63 23.49
N GLU C 251 -39.44 23.14 22.31
CA GLU C 251 -40.86 23.03 21.95
C GLU C 251 -41.57 22.03 22.85
N CYS C 252 -42.90 22.23 23.06
CA CYS C 252 -43.71 21.20 23.71
C CYS C 252 -44.37 20.36 22.62
N GLN C 253 -45.30 19.47 23.00
CA GLN C 253 -45.95 18.61 22.00
C GLN C 253 -46.93 19.42 21.10
N GLU C 254 -47.18 20.72 21.44
CA GLU C 254 -48.00 21.62 20.59
C GLU C 254 -47.20 22.09 19.37
N GLN C 255 -45.84 22.01 19.44
CA GLN C 255 -44.95 22.43 18.34
C GLN C 255 -45.27 23.89 17.91
N ASN C 256 -45.46 24.78 18.89
CA ASN C 256 -45.75 26.19 18.61
C ASN C 256 -45.00 27.07 19.60
N GLY C 257 -43.76 27.43 19.25
CA GLY C 257 -42.89 28.22 20.11
C GLY C 257 -42.14 27.35 21.10
N HIS C 259 -40.65 26.68 24.76
CA HIS C 259 -40.75 27.06 26.17
C HIS C 259 -39.36 27.33 26.75
N PHE C 260 -39.16 28.55 27.28
CA PHE C 260 -37.92 28.91 27.96
C PHE C 260 -38.06 28.65 29.44
N TRP C 261 -37.15 27.84 30.03
CA TRP C 261 -37.26 27.48 31.44
C TRP C 261 -36.87 28.66 32.33
N GLU C 262 -37.87 29.41 32.80
CA GLU C 262 -37.67 30.68 33.51
C GLU C 262 -37.20 30.47 34.95
N ASP C 263 -37.19 29.22 35.44
CA ASP C 263 -36.66 28.94 36.78
C ASP C 263 -35.12 28.94 36.77
N CYS C 264 -34.50 28.79 35.57
CA CYS C 264 -33.04 28.74 35.45
C CYS C 264 -32.51 29.90 34.57
N TYR C 265 -33.41 30.65 33.91
CA TYR C 265 -33.00 31.75 33.05
C TYR C 265 -33.96 32.94 33.16
N LEU C 266 -33.41 34.17 33.19
CA LEU C 266 -34.22 35.40 33.10
C LEU C 266 -34.13 35.96 31.69
N VAL C 267 -35.27 36.00 30.98
CA VAL C 267 -35.29 36.32 29.55
C VAL C 267 -35.62 37.81 29.32
N GLU C 268 -34.82 38.48 28.47
CA GLU C 268 -35.07 39.86 28.04
C GLU C 268 -34.98 39.96 26.51
N ILE C 269 -35.93 40.66 25.88
CA ILE C 269 -35.86 40.94 24.46
C ILE C 269 -35.56 42.43 24.28
N ILE C 270 -34.30 42.75 23.97
CA ILE C 270 -33.81 44.13 23.98
C ILE C 270 -33.66 44.67 22.54
N ASP C 271 -33.90 45.98 22.36
CA ASP C 271 -33.68 46.65 21.06
C ASP C 271 -32.17 46.91 20.87
N PRO C 272 -31.53 46.33 19.82
CA PRO C 272 -30.06 46.45 19.69
C PRO C 272 -29.60 47.91 19.52
N GLU C 273 -30.52 48.82 19.13
CA GLU C 273 -30.20 50.23 18.94
C GLU C 273 -30.21 50.98 20.28
N THR C 274 -31.37 51.05 20.96
CA THR C 274 -31.51 51.81 22.21
C THR C 274 -30.90 51.08 23.42
N GLY C 275 -30.95 49.75 23.40
CA GLY C 275 -30.53 48.93 24.54
C GLY C 275 -31.63 48.80 25.57
N GLU C 276 -32.87 49.16 25.17
CA GLU C 276 -34.05 49.11 26.04
C GLU C 276 -34.96 47.94 25.65
N PRO C 277 -35.84 47.46 26.58
CA PRO C 277 -36.74 46.34 26.21
C PRO C 277 -37.66 46.72 25.06
N VAL C 278 -37.89 45.78 24.13
CA VAL C 278 -38.77 46.02 22.98
C VAL C 278 -40.25 45.98 23.44
N PRO C 279 -41.17 46.61 22.67
CA PRO C 279 -42.61 46.47 23.00
C PRO C 279 -43.02 45.00 23.04
N GLU C 280 -43.87 44.61 24.02
CA GLU C 280 -44.25 43.21 24.25
C GLU C 280 -44.65 42.50 22.93
N GLY C 281 -43.83 41.52 22.52
CA GLY C 281 -44.11 40.69 21.35
C GLY C 281 -43.33 41.05 20.10
N GLU C 282 -42.50 42.13 20.17
CA GLU C 282 -41.70 42.57 19.02
C GLU C 282 -40.36 41.81 18.94
N ILE C 283 -39.75 41.76 17.73
CA ILE C 283 -38.48 41.08 17.54
C ILE C 283 -37.33 41.97 18.04
N GLY C 284 -36.46 41.38 18.86
CA GLY C 284 -35.28 42.06 19.37
C GLY C 284 -34.15 41.09 19.70
N GLU C 285 -33.11 41.59 20.36
CA GLU C 285 -31.98 40.75 20.74
C GLU C 285 -32.27 40.00 22.02
N LEU C 286 -32.02 38.69 22.03
CA LEU C 286 -32.21 37.86 23.21
C LEU C 286 -31.09 38.13 24.23
N VAL C 287 -31.46 38.60 25.43
CA VAL C 287 -30.50 38.89 26.50
C VAL C 287 -30.84 38.01 27.71
N LEU C 288 -29.85 37.21 28.18
CA LEU C 288 -30.15 36.17 29.16
C LEU C 288 -29.31 36.30 30.43
N THR C 289 -29.91 35.93 31.58
CA THR C 289 -29.23 35.86 32.87
C THR C 289 -29.44 34.49 33.48
N THR C 290 -28.34 33.78 33.84
CA THR C 290 -28.44 32.46 34.50
C THR C 290 -29.00 32.63 35.91
N LEU C 291 -29.84 31.67 36.36
CA LEU C 291 -30.47 31.76 37.68
C LEU C 291 -30.09 30.58 38.58
N ASP C 292 -29.53 29.48 38.01
CA ASP C 292 -29.20 28.30 38.80
C ASP C 292 -27.71 27.90 38.62
N ARG C 293 -26.87 28.80 38.04
CA ARG C 293 -25.43 28.55 37.89
C ARG C 293 -24.64 29.19 39.04
N GLU C 294 -23.60 28.48 39.56
CA GLU C 294 -22.88 28.94 40.75
C GLU C 294 -21.38 29.16 40.46
N PRO C 297 -21.72 32.27 36.86
CA PRO C 297 -22.99 32.83 36.39
C PRO C 297 -22.78 33.94 35.37
N LEU C 298 -23.73 34.13 34.45
CA LEU C 298 -23.67 35.20 33.47
C LEU C 298 -24.86 36.11 33.64
N ILE C 299 -24.61 37.43 33.74
CA ILE C 299 -25.68 38.39 33.99
C ILE C 299 -25.91 39.26 32.74
N ARG C 300 -27.18 39.30 32.25
CA ARG C 300 -27.59 40.09 31.07
C ARG C 300 -26.63 39.88 29.89
N TYR C 301 -26.39 38.61 29.51
CA TYR C 301 -25.49 38.31 28.41
C TYR C 301 -26.17 38.59 27.07
N ARG C 302 -25.52 39.39 26.20
CA ARG C 302 -26.03 39.68 24.88
C ARG C 302 -25.73 38.53 23.93
N THR C 303 -26.73 37.66 23.71
CA THR C 303 -26.59 36.46 22.86
C THR C 303 -26.33 36.84 21.40
N ARG C 304 -26.83 38.05 20.98
CA ARG C 304 -26.77 38.53 19.58
C ARG C 304 -27.80 37.76 18.70
N ASP C 305 -28.55 36.81 19.32
CA ASP C 305 -29.67 36.11 18.65
C ASP C 305 -30.87 37.02 18.55
N LEU C 306 -31.64 36.90 17.45
CA LEU C 306 -32.85 37.70 17.26
C LEU C 306 -34.08 36.82 17.29
N THR C 307 -35.02 37.15 18.19
CA THR C 307 -36.29 36.43 18.31
C THR C 307 -37.33 37.31 19.05
N ARG C 308 -38.48 36.72 19.40
CA ARG C 308 -39.56 37.44 20.09
C ARG C 308 -40.29 36.51 21.05
N ILE C 309 -40.99 37.08 22.03
CA ILE C 309 -41.80 36.28 22.94
C ILE C 309 -43.21 36.11 22.37
N LEU C 310 -43.63 34.86 22.11
CA LEU C 310 -44.93 34.57 21.52
C LEU C 310 -46.06 34.83 22.52
N PRO C 311 -47.06 35.64 22.12
CA PRO C 311 -48.14 35.96 23.05
C PRO C 311 -49.15 34.82 23.17
N GLY C 312 -49.95 34.87 24.24
CA GLY C 312 -50.97 33.86 24.49
C GLY C 312 -50.49 32.71 25.35
N LYS C 313 -51.42 32.12 26.13
CA LYS C 313 -51.13 30.94 26.96
C LYS C 313 -50.99 29.71 26.08
N CYS C 314 -50.20 28.71 26.52
CA CYS C 314 -50.05 27.49 25.73
C CYS C 314 -51.06 26.41 26.19
N PRO C 315 -51.65 25.65 25.23
CA PRO C 315 -52.62 24.61 25.62
C PRO C 315 -52.00 23.45 26.43
N CYS C 316 -50.64 23.32 26.45
CA CYS C 316 -49.99 22.22 27.19
C CYS C 316 -50.08 22.47 28.72
N GLY C 317 -50.46 23.71 29.10
CA GLY C 317 -50.66 24.07 30.50
C GLY C 317 -49.45 24.70 31.16
N ARG C 318 -48.28 24.65 30.48
CA ARG C 318 -47.05 25.20 31.04
C ARG C 318 -47.07 26.73 31.00
N THR C 319 -46.62 27.36 32.09
CA THR C 319 -46.70 28.80 32.27
C THR C 319 -45.40 29.51 31.83
N HIS C 320 -44.35 28.73 31.54
CA HIS C 320 -43.06 29.29 31.10
C HIS C 320 -43.19 29.88 29.70
N LEU C 321 -42.64 31.10 29.49
CA LEU C 321 -42.81 31.85 28.23
C LEU C 321 -42.29 31.06 27.02
N ARG C 322 -42.82 31.37 25.83
CA ARG C 322 -42.39 30.74 24.59
C ARG C 322 -41.75 31.75 23.67
N ILE C 323 -40.59 31.42 23.09
CA ILE C 323 -39.95 32.27 22.10
C ILE C 323 -40.22 31.73 20.69
N ASP C 324 -40.20 32.61 19.69
CA ASP C 324 -40.33 32.20 18.31
C ASP C 324 -39.00 31.61 17.81
N ARG C 325 -39.00 31.03 16.60
CA ARG C 325 -37.79 30.50 15.98
C ARG C 325 -36.71 31.57 15.90
N ILE C 326 -35.45 31.19 16.07
CA ILE C 326 -34.36 32.15 15.92
C ILE C 326 -34.17 32.48 14.44
N LYS C 327 -34.62 33.68 14.02
CA LYS C 327 -34.55 34.10 12.63
C LYS C 327 -33.09 34.28 12.20
N GLY C 328 -32.36 35.15 12.91
CA GLY C 328 -30.98 35.46 12.60
C GLY C 328 -30.26 36.11 13.76
N ARG C 329 -29.16 36.84 13.46
CA ARG C 329 -28.34 37.43 14.51
C ARG C 329 -27.99 38.89 14.21
N SER C 330 -27.56 39.64 15.26
CA SER C 330 -27.20 41.05 15.12
C SER C 330 -25.68 41.21 14.94
N ASP C 331 -24.91 40.08 14.94
CA ASP C 331 -23.47 40.12 14.71
C ASP C 331 -23.09 39.46 13.36
N ASP C 332 -21.78 39.37 13.05
CA ASP C 332 -21.29 38.85 11.76
C ASP C 332 -21.08 37.32 11.81
N PHE C 334 -21.73 33.36 11.48
CA PHE C 334 -22.52 32.48 10.62
C PHE C 334 -22.43 31.02 11.10
N ILE C 335 -23.48 30.24 10.84
CA ILE C 335 -23.52 28.84 11.28
C ILE C 335 -23.55 27.91 10.05
N ILE C 336 -22.58 27.00 9.96
CA ILE C 336 -22.54 26.02 8.89
C ILE C 336 -22.41 24.62 9.50
N LYS C 337 -23.30 23.68 9.09
CA LYS C 337 -23.31 22.30 9.63
C LYS C 337 -23.51 22.30 11.18
N GLY C 338 -24.22 23.31 11.68
CA GLY C 338 -24.52 23.44 13.11
C GLY C 338 -23.39 24.04 13.92
N VAL C 339 -22.27 24.42 13.25
CA VAL C 339 -21.11 24.95 13.95
C VAL C 339 -21.02 26.48 13.79
N ASN C 340 -20.88 27.21 14.92
CA ASN C 340 -20.76 28.66 14.93
C ASN C 340 -19.36 29.08 14.48
N ILE C 341 -19.27 29.98 13.49
CA ILE C 341 -17.97 30.46 12.98
C ILE C 341 -17.99 31.98 12.85
N PHE C 342 -16.87 32.64 13.23
CA PHE C 342 -16.68 34.07 12.98
C PHE C 342 -15.76 34.28 11.80
N PRO C 343 -16.06 35.26 10.91
CA PRO C 343 -15.21 35.44 9.70
C PRO C 343 -13.75 35.76 10.04
N GLN C 345 -11.96 34.43 12.31
CA GLN C 345 -11.24 33.16 12.54
C GLN C 345 -10.61 32.67 11.23
N VAL C 346 -11.31 32.88 10.11
CA VAL C 346 -10.81 32.51 8.78
C VAL C 346 -9.66 33.45 8.38
N GLU C 347 -9.85 34.77 8.56
CA GLU C 347 -8.85 35.77 8.21
C GLU C 347 -7.56 35.57 9.00
N LYS C 348 -7.66 35.31 10.32
CA LYS C 348 -6.50 35.16 11.20
C LYS C 348 -5.61 33.96 10.78
N ILE C 349 -6.18 32.99 10.03
CA ILE C 349 -5.41 31.86 9.49
C ILE C 349 -4.79 32.23 8.15
N LEU C 350 -5.59 32.89 7.27
CA LEU C 350 -5.15 33.27 5.93
C LEU C 350 -3.94 34.23 5.96
N VAL C 351 -3.92 35.18 6.93
CA VAL C 351 -2.85 36.20 7.02
C VAL C 351 -1.47 35.54 7.38
N GLN C 352 -1.50 34.31 7.94
CA GLN C 352 -0.26 33.59 8.30
C GLN C 352 0.49 33.09 7.05
N PHE C 353 -0.19 33.07 5.88
CA PHE C 353 0.41 32.59 4.64
C PHE C 353 0.86 33.77 3.76
N PRO C 354 2.19 33.97 3.57
CA PRO C 354 2.66 35.12 2.78
C PRO C 354 2.38 34.96 1.28
N GLU C 355 2.00 33.74 0.85
CA GLU C 355 1.68 33.48 -0.57
C GLU C 355 0.29 34.02 -0.93
N LEU C 356 -0.52 34.35 0.09
CA LEU C 356 -1.89 34.83 -0.13
C LEU C 356 -1.97 36.34 -0.02
N GLY C 357 -2.93 36.91 -0.73
CA GLY C 357 -3.25 38.32 -0.64
C GLY C 357 -4.22 38.62 0.50
N SER C 358 -4.48 39.90 0.75
CA SER C 358 -5.37 40.32 1.84
C SER C 358 -6.86 40.18 1.46
N ASN C 359 -7.16 40.12 0.14
CA ASN C 359 -8.54 40.05 -0.34
C ASN C 359 -9.04 38.59 -0.37
N TYR C 360 -10.11 38.30 0.42
CA TYR C 360 -10.71 36.96 0.46
C TYR C 360 -12.26 37.05 0.48
N LEU C 361 -12.94 35.96 0.13
CA LEU C 361 -14.41 35.93 0.13
C LEU C 361 -14.92 34.55 0.58
N ILE C 362 -15.74 34.53 1.64
CA ILE C 362 -16.41 33.31 2.08
C ILE C 362 -17.81 33.25 1.47
N THR C 363 -18.13 32.15 0.78
CA THR C 363 -19.44 31.97 0.18
C THR C 363 -20.13 30.72 0.77
N LEU C 364 -21.37 30.88 1.22
CA LEU C 364 -22.12 29.78 1.81
C LEU C 364 -23.25 29.35 0.87
N GLU C 365 -23.26 28.06 0.48
CA GLU C 365 -24.25 27.54 -0.46
C GLU C 365 -24.88 26.25 0.04
N THR C 366 -26.07 25.90 -0.50
CA THR C 366 -26.75 24.64 -0.19
C THR C 366 -26.68 23.69 -1.39
N VAL C 367 -25.94 22.58 -1.25
CA VAL C 367 -25.78 21.60 -2.33
C VAL C 367 -26.31 20.22 -1.86
N ASN C 368 -27.35 19.68 -2.57
CA ASN C 368 -27.99 18.38 -2.24
C ASN C 368 -28.65 18.43 -0.84
N ASN C 369 -29.21 19.60 -0.45
CA ASN C 369 -29.86 19.82 0.87
C ASN C 369 -28.81 19.93 2.01
N GLN C 370 -27.51 19.89 1.64
CA GLN C 370 -26.44 20.01 2.63
C GLN C 370 -25.65 21.34 2.44
N ASP C 371 -25.25 21.95 3.56
CA ASP C 371 -24.55 23.23 3.55
C ASP C 371 -23.07 23.05 3.12
N GLU C 372 -22.57 23.97 2.26
CA GLU C 372 -21.17 23.95 1.82
C GLU C 372 -20.52 25.33 2.00
N ILE C 374 -17.29 27.70 0.92
CA ILE C 374 -16.17 27.92 0.00
C ILE C 374 -15.39 29.19 0.40
N VAL C 375 -14.05 29.08 0.51
CA VAL C 375 -13.21 30.22 0.85
C VAL C 375 -12.31 30.59 -0.33
N GLU C 376 -12.63 31.70 -1.03
CA GLU C 376 -11.80 32.22 -2.12
C GLU C 376 -10.78 33.21 -1.59
N VAL C 377 -9.50 33.03 -1.93
CA VAL C 377 -8.45 33.94 -1.48
C VAL C 377 -7.46 34.21 -2.62
N GLU C 378 -7.18 35.51 -2.90
CA GLU C 378 -6.26 35.91 -3.97
C GLU C 378 -4.83 35.53 -3.64
N LEU C 379 -4.01 35.26 -4.67
CA LEU C 379 -2.61 34.99 -4.48
C LEU C 379 -1.81 36.29 -4.49
N SER C 380 -0.89 36.46 -3.50
CA SER C 380 -0.15 37.72 -3.28
C SER C 380 0.69 38.14 -4.51
N ASP C 381 1.03 37.18 -5.40
CA ASP C 381 1.85 37.46 -6.56
C ASP C 381 1.17 37.04 -7.86
N LEU C 382 1.68 37.54 -8.99
CA LEU C 382 1.28 37.10 -10.32
C LEU C 382 2.50 36.53 -11.05
N SER C 383 3.59 36.22 -10.28
CA SER C 383 4.86 35.74 -10.84
C SER C 383 4.81 34.23 -11.17
N THR C 384 5.93 33.69 -11.74
CA THR C 384 6.03 32.26 -12.12
C THR C 384 5.61 31.37 -10.95
N ASP C 385 4.45 30.71 -11.08
CA ASP C 385 3.89 29.90 -10.02
C ASP C 385 4.31 28.45 -10.15
N ASN C 386 4.63 27.80 -9.02
CA ASN C 386 4.82 26.36 -9.00
C ASN C 386 3.55 25.70 -8.51
N TYR C 387 2.93 24.89 -9.37
CA TYR C 387 1.65 24.26 -9.06
C TYR C 387 1.77 23.34 -7.84
N ILE C 388 2.71 22.38 -7.87
CA ILE C 388 2.88 21.38 -6.81
C ILE C 388 3.08 22.08 -5.44
N GLU C 389 3.90 23.14 -5.39
CA GLU C 389 4.18 23.85 -4.14
C GLU C 389 2.95 24.62 -3.64
N LEU C 390 2.23 25.33 -4.56
CA LEU C 390 1.04 26.10 -4.18
C LEU C 390 -0.12 25.17 -3.78
N GLU C 391 -0.20 23.98 -4.41
CA GLU C 391 -1.24 23.01 -4.06
C GLU C 391 -0.98 22.43 -2.65
N LYS C 392 0.31 22.21 -2.29
CA LYS C 392 0.69 21.76 -0.94
C LYS C 392 0.30 22.82 0.10
N ILE C 393 0.42 24.12 -0.28
CA ILE C 393 0.03 25.24 0.58
C ILE C 393 -1.48 25.28 0.75
N ARG C 394 -2.24 25.07 -0.36
CA ARG C 394 -3.70 25.08 -0.32
C ARG C 394 -4.23 23.99 0.61
N ARG C 395 -3.62 22.78 0.57
CA ARG C 395 -3.99 21.67 1.45
C ARG C 395 -3.70 22.02 2.92
N ASP C 396 -2.61 22.78 3.18
CA ASP C 396 -2.24 23.22 4.52
C ASP C 396 -3.22 24.29 5.02
N ILE C 397 -3.76 25.13 4.10
CA ILE C 397 -4.78 26.14 4.44
C ILE C 397 -6.07 25.43 4.86
N ILE C 398 -6.51 24.40 4.08
CA ILE C 398 -7.69 23.60 4.42
C ILE C 398 -7.50 22.96 5.80
N ARG C 399 -6.29 22.39 6.05
CA ARG C 399 -5.96 21.70 7.30
C ARG C 399 -6.03 22.67 8.50
N GLN C 400 -5.40 23.87 8.38
CA GLN C 400 -5.36 24.84 9.48
C GLN C 400 -6.74 25.48 9.70
N LEU C 401 -7.54 25.65 8.61
CA LEU C 401 -8.92 26.16 8.74
C LEU C 401 -9.81 25.12 9.42
N LYS C 402 -9.66 23.83 9.03
CA LYS C 402 -10.41 22.73 9.62
C LYS C 402 -10.20 22.67 11.14
N ASP C 403 -8.92 22.82 11.59
CA ASP C 403 -8.58 22.76 13.01
C ASP C 403 -9.13 23.98 13.78
N GLU C 404 -9.19 25.15 13.11
CA GLU C 404 -9.61 26.39 13.75
C GLU C 404 -11.15 26.48 13.87
N ILE C 405 -11.87 26.33 12.74
CA ILE C 405 -13.33 26.57 12.72
C ILE C 405 -14.13 25.22 12.91
N LEU C 406 -13.42 24.08 12.98
CA LEU C 406 -14.02 22.75 13.29
C LEU C 406 -14.99 22.26 12.17
N VAL C 407 -14.93 22.87 10.96
CA VAL C 407 -15.63 22.37 9.77
C VAL C 407 -14.64 22.32 8.61
N THR C 408 -14.85 21.40 7.66
CA THR C 408 -13.96 21.30 6.50
C THR C 408 -14.46 22.22 5.37
N PRO C 409 -13.72 23.32 5.07
CA PRO C 409 -14.16 24.23 4.01
C PRO C 409 -13.52 23.90 2.67
N LYS C 410 -14.08 24.45 1.58
CA LYS C 410 -13.48 24.33 0.26
C LYS C 410 -12.65 25.57 -0.05
N VAL C 411 -11.32 25.41 -0.14
CA VAL C 411 -10.44 26.55 -0.39
C VAL C 411 -10.08 26.62 -1.86
N LYS C 412 -10.26 27.80 -2.47
CA LYS C 412 -9.92 28.01 -3.86
C LYS C 412 -8.98 29.21 -4.00
N LEU C 413 -7.75 28.97 -4.49
CA LEU C 413 -6.78 30.05 -4.72
C LEU C 413 -7.09 30.75 -6.03
N VAL C 414 -7.51 32.03 -5.96
CA VAL C 414 -7.92 32.77 -7.16
C VAL C 414 -6.83 33.77 -7.56
N LYS C 415 -6.92 34.32 -8.79
CA LYS C 415 -5.93 35.25 -9.33
C LYS C 415 -5.99 36.59 -8.59
N LYS C 416 -4.83 37.28 -8.48
CA LYS C 416 -4.76 38.58 -7.81
C LYS C 416 -5.58 39.62 -8.57
N GLY C 417 -6.58 40.19 -7.90
CA GLY C 417 -7.46 41.19 -8.48
C GLY C 417 -8.77 40.63 -9.03
N SER C 418 -8.95 39.30 -8.93
CA SER C 418 -10.16 38.64 -9.45
C SER C 418 -11.38 38.87 -8.52
N LEU C 419 -11.14 38.87 -7.19
CA LEU C 419 -12.23 39.10 -6.22
C LEU C 419 -12.66 40.57 -6.22
N PRO C 420 -13.97 40.87 -5.99
CA PRO C 420 -14.42 42.26 -6.06
C PRO C 420 -13.85 43.13 -4.93
N GLN C 421 -13.57 44.42 -5.23
CA GLN C 421 -13.07 45.36 -4.24
C GLN C 421 -14.21 46.26 -3.74
N SER C 422 -14.44 46.30 -2.42
CA SER C 422 -15.55 47.04 -1.84
C SER C 422 -15.14 48.50 -1.49
N GLU C 423 -13.81 48.75 -1.29
CA GLU C 423 -13.28 50.08 -0.92
C GLU C 423 -13.96 50.60 0.39
N GLY C 424 -13.45 50.14 1.53
CA GLY C 424 -14.02 50.48 2.83
C GLY C 424 -14.44 49.25 3.61
N LYS C 425 -15.71 49.22 4.07
CA LYS C 425 -16.25 48.06 4.78
C LYS C 425 -16.40 46.87 3.80
N ALA C 426 -15.35 46.04 3.70
CA ALA C 426 -15.31 44.93 2.75
C ALA C 426 -16.28 43.83 3.14
N VAL C 427 -16.97 43.23 2.15
CA VAL C 427 -17.87 42.11 2.39
C VAL C 427 -17.09 40.80 2.32
N ARG C 428 -16.99 40.08 3.45
CA ARG C 428 -16.20 38.88 3.52
C ARG C 428 -17.08 37.63 3.48
N VAL C 429 -18.39 37.78 3.74
CA VAL C 429 -19.31 36.64 3.75
C VAL C 429 -20.48 36.88 2.78
N LYS C 430 -20.66 35.96 1.81
CA LYS C 430 -21.80 36.00 0.89
C LYS C 430 -22.66 34.73 1.06
N ASP C 431 -23.75 34.84 1.86
CA ASP C 431 -24.60 33.68 2.15
C ASP C 431 -25.66 33.51 1.04
N LEU C 432 -25.63 32.36 0.35
CA LEU C 432 -26.58 32.06 -0.74
C LEU C 432 -27.47 30.86 -0.37
N ARG C 433 -28.09 30.92 0.84
CA ARG C 433 -28.96 29.83 1.32
C ARG C 433 -30.37 30.34 1.59
N ASP C 434 -31.34 29.39 1.75
CA ASP C 434 -32.72 29.74 2.11
C ASP C 434 -32.82 30.25 3.55
N SER D 3 4.07 7.31 53.60
CA SER D 3 2.80 6.62 53.74
C SER D 3 1.94 6.75 52.45
N THR D 4 1.56 5.60 51.86
CA THR D 4 0.79 5.55 50.61
C THR D 4 -0.69 5.96 50.86
N GLN D 5 -1.30 6.70 49.91
CA GLN D 5 -2.71 7.15 50.02
C GLN D 5 -3.62 6.33 49.10
N TYR D 6 -4.78 5.87 49.63
CA TYR D 6 -5.68 5.01 48.87
C TYR D 6 -7.05 5.66 48.69
N TRP D 7 -7.67 5.46 47.52
CA TRP D 7 -9.04 5.91 47.24
C TRP D 7 -10.04 5.08 48.07
N GLU D 8 -9.85 3.74 48.09
CA GLU D 8 -10.65 2.82 48.91
C GLU D 8 -9.72 1.87 49.66
N GLU D 9 -9.11 2.36 50.78
CA GLU D 9 -8.11 1.62 51.53
C GLU D 9 -8.59 0.19 51.89
N GLU D 10 -9.82 0.06 52.43
CA GLU D 10 -10.36 -1.23 52.88
C GLU D 10 -10.30 -2.30 51.75
N ILE D 11 -10.53 -1.90 50.50
CA ILE D 11 -10.53 -2.83 49.36
C ILE D 11 -9.10 -2.99 48.79
N GLU D 12 -8.35 -1.88 48.65
CA GLU D 12 -7.05 -1.89 47.98
C GLU D 12 -5.97 -2.69 48.77
N ILE D 13 -6.05 -2.69 50.13
CA ILE D 13 -5.07 -3.46 50.95
C ILE D 13 -5.79 -4.64 51.67
N SER D 15 -6.94 -8.23 52.76
CA SER D 15 -6.18 -9.50 52.82
C SER D 15 -6.59 -10.43 51.69
N ARG D 16 -5.63 -11.23 51.19
CA ARG D 16 -5.89 -12.18 50.10
C ARG D 16 -7.06 -13.13 50.45
N GLU D 17 -7.15 -13.55 51.73
CA GLU D 17 -8.22 -14.45 52.20
C GLU D 17 -9.61 -13.78 52.06
N LYS D 18 -9.74 -12.51 52.51
CA LYS D 18 -11.02 -11.78 52.43
C LYS D 18 -11.29 -11.30 51.00
N LEU D 19 -10.22 -11.10 50.19
CA LEU D 19 -10.37 -10.73 48.79
C LEU D 19 -10.90 -11.91 47.98
N GLN D 20 -10.42 -13.13 48.27
CA GLN D 20 -10.92 -14.35 47.63
C GLN D 20 -12.35 -14.63 48.04
N GLU D 21 -12.68 -14.33 49.32
CA GLU D 21 -14.04 -14.49 49.84
C GLU D 21 -15.00 -13.53 49.12
N LEU D 22 -14.52 -12.28 48.84
CA LEU D 22 -15.30 -11.28 48.12
C LEU D 22 -15.51 -11.71 46.67
N GLN D 23 -14.45 -12.25 46.04
CA GLN D 23 -14.53 -12.73 44.66
C GLN D 23 -15.50 -13.89 44.53
N LEU D 24 -15.41 -14.87 45.45
CA LEU D 24 -16.28 -16.06 45.41
C LEU D 24 -17.77 -15.65 45.52
N GLN D 25 -18.07 -14.71 46.43
CA GLN D 25 -19.44 -14.20 46.62
C GLN D 25 -19.96 -13.55 45.33
N ARG D 26 -19.13 -12.70 44.70
CA ARG D 26 -19.51 -11.97 43.49
C ARG D 26 -19.50 -12.90 42.25
N LEU D 27 -18.68 -13.97 42.27
CA LEU D 27 -18.64 -14.93 41.17
C LEU D 27 -19.97 -15.72 41.09
N LYS D 28 -20.48 -16.20 42.26
CA LYS D 28 -21.77 -16.90 42.31
C LYS D 28 -22.89 -15.98 41.84
N LYS D 29 -22.85 -14.69 42.27
CA LYS D 29 -23.85 -13.70 41.88
C LYS D 29 -23.81 -13.44 40.37
N THR D 30 -22.58 -13.29 39.80
CA THR D 30 -22.40 -13.06 38.35
C THR D 30 -22.97 -14.24 37.54
N ILE D 31 -22.70 -15.48 37.97
CA ILE D 31 -23.19 -16.67 37.28
C ILE D 31 -24.76 -16.70 37.30
N ASN D 32 -25.36 -16.31 38.45
CA ASN D 32 -26.82 -16.31 38.58
C ASN D 32 -27.46 -15.22 37.71
N ILE D 33 -26.78 -14.06 37.55
CA ILE D 33 -27.27 -12.98 36.71
C ILE D 33 -27.15 -13.37 35.22
N ALA D 34 -25.94 -13.84 34.80
CA ALA D 34 -25.67 -14.23 33.41
C ALA D 34 -26.63 -15.32 32.94
N ALA D 35 -27.12 -16.14 33.89
CA ALA D 35 -28.04 -17.24 33.58
C ALA D 35 -29.36 -16.72 32.97
N ASN D 36 -29.68 -15.41 33.19
CA ASN D 36 -30.89 -14.79 32.65
C ASN D 36 -30.72 -14.38 31.18
N SER D 37 -29.44 -14.28 30.71
CA SER D 37 -29.18 -13.93 29.30
C SER D 37 -29.45 -15.13 28.38
N PRO D 38 -29.94 -14.89 27.14
CA PRO D 38 -30.21 -16.02 26.25
C PRO D 38 -28.95 -16.85 25.92
N TYR D 39 -27.78 -16.16 25.78
CA TYR D 39 -26.53 -16.84 25.41
C TYR D 39 -26.05 -17.79 26.52
N TYR D 40 -25.85 -17.27 27.75
CA TYR D 40 -25.30 -18.08 28.84
C TYR D 40 -26.31 -19.11 29.35
N LYS D 41 -27.61 -18.85 29.18
CA LYS D 41 -28.64 -19.83 29.57
C LYS D 41 -28.47 -21.12 28.74
N GLU D 42 -28.23 -20.96 27.41
CA GLU D 42 -28.00 -22.11 26.53
C GLU D 42 -26.65 -22.76 26.83
N VAL D 43 -25.58 -21.93 27.02
CA VAL D 43 -24.24 -22.42 27.34
C VAL D 43 -24.26 -23.22 28.65
N PHE D 44 -24.87 -22.65 29.70
CA PHE D 44 -24.98 -23.33 31.00
C PHE D 44 -25.79 -24.62 30.86
N SER D 45 -26.92 -24.57 30.12
CA SER D 45 -27.80 -25.74 29.91
C SER D 45 -27.06 -26.88 29.19
N LYS D 46 -26.24 -26.53 28.20
CA LYS D 46 -25.49 -27.52 27.41
C LYS D 46 -24.35 -28.15 28.21
N ASN D 47 -23.71 -27.37 29.09
CA ASN D 47 -22.52 -27.83 29.81
C ASN D 47 -22.83 -28.19 31.28
N GLY D 48 -24.10 -28.13 31.66
CA GLY D 48 -24.53 -28.46 33.01
C GLY D 48 -24.04 -27.47 34.07
N ILE D 49 -24.05 -26.17 33.75
CA ILE D 49 -23.66 -25.16 34.73
C ILE D 49 -24.91 -24.68 35.48
N THR D 50 -24.94 -24.92 36.79
CA THR D 50 -26.10 -24.57 37.63
C THR D 50 -25.69 -23.54 38.70
N GLY D 51 -26.64 -23.20 39.59
CA GLY D 51 -26.38 -22.30 40.72
C GLY D 51 -25.50 -22.94 41.79
N ASP D 52 -25.16 -24.23 41.61
CA ASP D 52 -24.35 -24.96 42.59
C ASP D 52 -22.99 -25.36 41.99
N SER D 53 -22.75 -25.02 40.70
CA SER D 53 -21.51 -25.39 40.02
C SER D 53 -20.30 -24.65 40.62
N ILE D 54 -20.52 -23.40 41.13
CA ILE D 54 -19.43 -22.59 41.72
C ILE D 54 -19.42 -22.74 43.24
N GLN D 55 -18.45 -23.51 43.78
CA GLN D 55 -18.28 -23.67 45.22
C GLN D 55 -16.93 -23.09 45.64
N SER D 56 -15.97 -23.06 44.71
CA SER D 56 -14.67 -22.44 44.93
C SER D 56 -14.29 -21.61 43.71
N LEU D 57 -13.25 -20.77 43.83
CA LEU D 57 -12.80 -19.94 42.70
C LEU D 57 -12.22 -20.81 41.57
N ASP D 58 -11.76 -22.02 41.90
CA ASP D 58 -11.20 -22.92 40.89
C ASP D 58 -12.33 -23.57 40.06
N ASP D 59 -13.58 -23.53 40.56
CA ASP D 59 -14.73 -24.10 39.85
C ASP D 59 -15.08 -23.29 38.59
N ILE D 60 -14.45 -22.11 38.41
CA ILE D 60 -14.70 -21.29 37.22
C ILE D 60 -14.25 -22.05 35.95
N ARG D 61 -13.36 -23.04 36.10
CA ARG D 61 -12.81 -23.78 34.96
C ARG D 61 -13.83 -24.84 34.44
N LYS D 62 -14.97 -25.00 35.13
CA LYS D 62 -16.07 -25.86 34.64
C LYS D 62 -16.78 -25.20 33.48
N ILE D 63 -16.83 -23.85 33.50
CA ILE D 63 -17.53 -23.06 32.49
C ILE D 63 -16.65 -22.90 31.24
N PRO D 64 -17.22 -23.06 30.00
CA PRO D 64 -16.42 -22.84 28.79
C PRO D 64 -16.05 -21.36 28.59
N PHE D 65 -15.07 -21.09 27.72
CA PHE D 65 -14.64 -19.72 27.44
C PHE D 65 -15.66 -19.00 26.57
N THR D 66 -15.75 -17.67 26.72
CA THR D 66 -16.54 -16.83 25.82
C THR D 66 -15.58 -16.11 24.85
N THR D 67 -15.76 -16.31 23.54
CA THR D 67 -14.85 -15.73 22.54
C THR D 67 -15.47 -14.51 21.85
N LYS D 68 -14.65 -13.75 21.10
CA LYS D 68 -15.12 -12.64 20.29
C LYS D 68 -16.09 -13.17 19.22
N SER D 69 -15.79 -14.37 18.67
CA SER D 69 -16.65 -15.01 17.65
CA SER D 69 -16.65 -15.00 17.65
C SER D 69 -18.05 -15.31 18.22
N ASP D 70 -18.10 -15.76 19.51
CA ASP D 70 -19.38 -16.05 20.19
C ASP D 70 -20.20 -14.76 20.36
N ARG D 72 -19.90 -11.98 18.48
CA ARG D 72 -20.32 -11.57 17.13
C ARG D 72 -21.55 -12.37 16.70
N ALA D 73 -21.59 -13.67 17.03
CA ALA D 73 -22.70 -14.55 16.66
C ALA D 73 -23.97 -14.17 17.40
N ASN D 74 -23.85 -13.62 18.61
CA ASN D 74 -25.00 -13.26 19.42
C ASN D 74 -25.21 -11.72 19.45
N TYR D 75 -24.70 -11.02 18.42
CA TYR D 75 -24.87 -9.57 18.28
C TYR D 75 -26.35 -9.23 17.93
N PRO D 76 -26.95 -8.21 18.58
CA PRO D 76 -26.32 -7.24 19.48
C PRO D 76 -26.57 -7.51 20.98
N PHE D 77 -27.71 -8.16 21.34
CA PHE D 77 -28.10 -8.24 22.74
C PHE D 77 -28.28 -9.72 23.24
N GLY D 78 -27.58 -10.66 22.60
CA GLY D 78 -27.64 -12.07 22.98
C GLY D 78 -27.10 -12.37 24.37
N LEU D 79 -26.17 -11.52 24.87
CA LEU D 79 -25.54 -11.72 26.17
C LEU D 79 -26.10 -10.74 27.25
N VAL D 80 -27.17 -10.00 26.91
CA VAL D 80 -27.81 -9.07 27.88
C VAL D 80 -28.62 -9.88 28.92
N ALA D 81 -28.31 -9.69 30.22
CA ALA D 81 -28.92 -10.47 31.29
C ALA D 81 -30.00 -9.66 32.05
N GLY D 82 -29.82 -8.35 32.12
CA GLY D 82 -30.73 -7.46 32.85
C GLY D 82 -31.90 -6.94 32.02
N ASP D 83 -32.73 -6.06 32.64
CA ASP D 83 -33.87 -5.45 31.95
C ASP D 83 -33.41 -4.21 31.21
N LYS D 85 -34.73 -2.40 28.82
CA LYS D 85 -35.73 -1.36 28.60
C LYS D 85 -35.88 -0.43 29.85
N ARG D 86 -35.76 -0.98 31.10
CA ARG D 86 -35.97 -0.16 32.32
C ARG D 86 -34.64 0.15 33.09
N ASP D 87 -33.55 -0.58 32.80
CA ASP D 87 -32.32 -0.35 33.55
C ASP D 87 -31.13 -0.02 32.63
N GLY D 88 -31.25 -0.32 31.34
CA GLY D 88 -30.19 -0.02 30.36
C GLY D 88 -30.04 1.47 30.11
N VAL D 89 -28.83 2.01 30.32
CA VAL D 89 -28.63 3.46 30.18
C VAL D 89 -27.51 3.79 29.13
N ARG D 90 -26.75 2.79 28.64
CA ARG D 90 -25.71 3.08 27.63
C ARG D 90 -25.29 1.84 26.83
N ILE D 91 -24.96 2.05 25.53
CA ILE D 91 -24.38 1.04 24.65
C ILE D 91 -23.02 1.52 24.17
N HIS D 92 -21.98 0.66 24.29
CA HIS D 92 -20.66 0.95 23.74
C HIS D 92 -20.27 -0.05 22.68
N SER D 93 -19.44 0.39 21.73
CA SER D 93 -18.94 -0.47 20.65
C SER D 93 -17.57 0.02 20.18
N SER D 94 -16.51 -0.82 20.33
CA SER D 94 -15.16 -0.46 19.86
C SER D 94 -14.86 -1.10 18.50
N SER D 95 -15.92 -1.35 17.69
CA SER D 95 -15.79 -1.99 16.38
C SER D 95 -15.53 -0.96 15.27
N ASN D 100 -17.46 -8.18 11.88
CA ASN D 100 -18.75 -8.01 12.55
C ASN D 100 -18.58 -7.23 13.88
N PRO D 101 -19.59 -6.43 14.28
CA PRO D 101 -19.42 -5.61 15.50
C PRO D 101 -19.82 -6.35 16.78
N THR D 102 -19.35 -5.84 17.94
CA THR D 102 -19.73 -6.36 19.27
C THR D 102 -20.14 -5.20 20.15
N VAL D 103 -21.08 -5.44 21.07
CA VAL D 103 -21.66 -4.37 21.85
C VAL D 103 -21.69 -4.72 23.35
N ILE D 104 -21.44 -3.70 24.23
CA ILE D 104 -21.56 -3.84 25.68
C ILE D 104 -22.66 -2.90 26.20
N VAL D 105 -23.66 -3.44 26.91
CA VAL D 105 -24.76 -2.63 27.44
C VAL D 105 -24.58 -2.44 28.94
N HIS D 106 -24.72 -1.20 29.43
CA HIS D 106 -24.49 -0.88 30.84
C HIS D 106 -25.77 -0.40 31.52
N SER D 107 -25.92 -0.73 32.81
CA SER D 107 -26.93 -0.13 33.67
C SER D 107 -26.29 1.00 34.49
N GLN D 108 -27.11 1.79 35.21
CA GLN D 108 -26.57 2.91 35.99
C GLN D 108 -25.55 2.39 37.03
N HIS D 109 -25.82 1.21 37.64
CA HIS D 109 -24.86 0.57 38.55
C HIS D 109 -23.53 0.32 37.83
N ASP D 110 -23.60 -0.23 36.60
CA ASP D 110 -22.41 -0.56 35.82
C ASP D 110 -21.58 0.69 35.51
N LEU D 111 -22.24 1.82 35.19
CA LEU D 111 -21.55 3.09 34.93
C LEU D 111 -20.88 3.63 36.20
N ASP D 112 -21.58 3.51 37.36
CA ASP D 112 -21.06 3.97 38.66
C ASP D 112 -19.84 3.15 39.08
N SER D 113 -19.93 1.79 38.94
CA SER D 113 -18.81 0.89 39.26
C SER D 113 -17.62 1.21 38.37
N TRP D 114 -17.88 1.50 37.09
CA TRP D 114 -16.87 1.82 36.10
C TRP D 114 -16.21 3.18 36.43
N ALA D 115 -17.02 4.20 36.77
CA ALA D 115 -16.50 5.53 37.14
C ALA D 115 -15.69 5.47 38.45
N ASN D 116 -16.08 4.59 39.40
CA ASN D 116 -15.37 4.44 40.66
C ASN D 116 -13.98 3.82 40.44
N LEU D 117 -13.88 2.82 39.54
CA LEU D 117 -12.60 2.16 39.23
C LEU D 117 -11.62 3.14 38.58
N VAL D 118 -12.11 4.03 37.68
CA VAL D 118 -11.26 5.03 37.02
C VAL D 118 -10.75 6.06 38.07
N ALA D 119 -11.66 6.52 38.96
CA ALA D 119 -11.29 7.43 40.06
C ALA D 119 -10.24 6.78 40.99
N ARG D 120 -10.42 5.48 41.29
CA ARG D 120 -9.46 4.72 42.08
C ARG D 120 -8.09 4.71 41.42
N CYS D 121 -8.05 4.48 40.08
CA CYS D 121 -6.81 4.48 39.28
C CYS D 121 -6.14 5.86 39.33
N LEU D 122 -6.89 6.93 38.98
CA LEU D 122 -6.35 8.29 38.95
C LEU D 122 -5.79 8.71 40.34
N TYR D 123 -6.53 8.38 41.42
CA TYR D 123 -6.10 8.71 42.79
C TYR D 123 -4.81 7.94 43.15
N VAL D 125 -2.26 7.11 41.29
CA VAL D 125 -1.05 7.66 40.69
C VAL D 125 -0.82 9.13 41.15
N GLY D 126 -1.62 9.60 42.12
CA GLY D 126 -1.42 10.90 42.75
C GLY D 126 -2.31 12.03 42.23
N ILE D 127 -3.22 11.71 41.30
CA ILE D 127 -4.14 12.72 40.77
C ILE D 127 -5.23 13.04 41.83
N ARG D 128 -5.51 14.35 42.05
CA ARG D 128 -6.48 14.80 43.06
C ARG D 128 -7.55 15.72 42.42
N LYS D 129 -8.59 16.11 43.20
CA LYS D 129 -9.66 16.98 42.70
CA LYS D 129 -9.67 16.98 42.70
C LYS D 129 -9.11 18.37 42.31
N THR D 130 -7.90 18.73 42.81
CA THR D 130 -7.28 20.03 42.52
C THR D 130 -6.59 20.01 41.15
N ASP D 131 -6.50 18.84 40.51
CA ASP D 131 -5.82 18.72 39.22
C ASP D 131 -6.74 19.11 38.07
N VAL D 132 -6.13 19.62 36.99
CA VAL D 132 -6.86 19.92 35.77
C VAL D 132 -6.64 18.77 34.76
N PHE D 133 -7.65 17.89 34.60
CA PHE D 133 -7.51 16.67 33.80
C PHE D 133 -7.96 16.88 32.36
N GLN D 134 -7.06 16.67 31.40
CA GLN D 134 -7.37 16.82 29.98
C GLN D 134 -7.43 15.44 29.30
N ASN D 135 -8.54 15.15 28.61
CA ASN D 135 -8.72 13.87 27.94
C ASN D 135 -8.57 14.04 26.42
N SER D 136 -7.51 13.46 25.83
CA SER D 136 -7.29 13.53 24.39
C SER D 136 -7.79 12.25 23.70
N SER D 137 -8.51 11.39 24.44
CA SER D 137 -9.10 10.19 23.87
C SER D 137 -10.37 10.55 23.11
N GLY D 138 -10.68 9.77 22.08
CA GLY D 138 -11.90 9.95 21.31
C GLY D 138 -13.13 9.69 22.15
N TYR D 139 -14.16 10.51 21.97
CA TYR D 139 -15.40 10.33 22.69
C TYR D 139 -16.40 9.53 21.82
N GLY D 140 -17.68 9.72 22.05
CA GLY D 140 -18.71 8.94 21.38
C GLY D 140 -18.73 7.49 21.84
N PHE D 142 -16.27 5.35 21.73
CA PHE D 142 -14.98 4.97 22.34
C PHE D 142 -15.05 5.08 23.85
N THR D 143 -14.74 3.99 24.55
CA THR D 143 -14.89 3.92 26.02
C THR D 143 -13.89 4.85 26.76
N GLY D 144 -12.80 5.21 26.09
CA GLY D 144 -11.77 6.07 26.67
C GLY D 144 -12.25 7.49 26.95
N GLY D 145 -13.20 7.97 26.14
CA GLY D 145 -13.76 9.30 26.28
C GLY D 145 -14.64 9.45 27.50
N LEU D 146 -15.84 8.81 27.47
CA LEU D 146 -16.79 8.88 28.58
C LEU D 146 -16.24 8.16 29.83
N GLY D 147 -15.36 7.18 29.62
CA GLY D 147 -14.74 6.43 30.71
C GLY D 147 -13.94 7.29 31.66
N PHE D 148 -12.96 8.04 31.11
CA PHE D 148 -12.15 8.93 31.92
C PHE D 148 -12.91 10.17 32.31
N GLN D 149 -13.90 10.59 31.48
CA GLN D 149 -14.72 11.77 31.80
C GLN D 149 -15.47 11.55 33.11
N TYR D 150 -16.16 10.39 33.24
CA TYR D 150 -16.94 10.07 34.46
C TYR D 150 -16.02 9.81 35.65
N GLY D 151 -14.87 9.15 35.39
CA GLY D 151 -13.88 8.86 36.41
C GLY D 151 -13.27 10.12 37.02
N ALA D 152 -12.82 11.05 36.14
CA ALA D 152 -12.19 12.31 36.57
C ALA D 152 -13.20 13.23 37.28
N GLU D 153 -14.46 13.26 36.79
CA GLU D 153 -15.52 14.05 37.46
C GLU D 153 -15.85 13.45 38.83
N ARG D 154 -15.87 12.10 38.92
CA ARG D 154 -16.09 11.40 40.20
C ARG D 154 -15.01 11.77 41.22
N LEU D 155 -13.75 11.90 40.76
CA LEU D 155 -12.64 12.33 41.63
C LEU D 155 -12.78 13.83 41.98
N GLY D 156 -13.30 14.61 41.03
CA GLY D 156 -13.55 16.04 41.24
C GLY D 156 -12.62 16.94 40.48
N CYS D 157 -11.85 16.37 39.50
CA CYS D 157 -10.91 17.14 38.68
C CYS D 157 -11.65 18.18 37.87
N LEU D 158 -10.96 19.28 37.54
CA LEU D 158 -11.44 20.21 36.54
C LEU D 158 -11.17 19.61 35.16
N THR D 159 -12.19 18.96 34.58
CA THR D 159 -11.98 18.18 33.35
C THR D 159 -11.96 19.08 32.12
N VAL D 160 -11.11 18.72 31.15
CA VAL D 160 -11.02 19.39 29.86
C VAL D 160 -11.31 18.36 28.74
N PRO D 161 -12.61 18.19 28.36
CA PRO D 161 -12.94 17.15 27.36
C PRO D 161 -12.49 17.57 25.95
N ALA D 162 -11.16 17.60 25.74
CA ALA D 162 -10.58 18.06 24.47
C ALA D 162 -10.90 17.08 23.33
N ALA D 163 -11.04 15.77 23.65
CA ALA D 163 -11.26 14.71 22.64
C ALA D 163 -10.01 14.53 21.74
N ALA D 164 -10.15 13.77 20.64
CA ALA D 164 -9.02 13.40 19.79
C ALA D 164 -8.57 14.54 18.87
N GLY D 165 -7.27 14.55 18.52
CA GLY D 165 -6.71 15.42 17.49
C GLY D 165 -6.62 16.89 17.84
N ASN D 166 -6.30 17.74 16.82
CA ASN D 166 -6.15 19.20 16.95
C ASN D 166 -5.08 19.54 18.00
N SER D 167 -3.82 19.18 17.70
CA SER D 167 -2.70 19.35 18.62
C SER D 167 -2.55 20.83 19.06
N LYS D 168 -2.74 21.79 18.10
CA LYS D 168 -2.63 23.23 18.43
C LYS D 168 -3.65 23.63 19.50
N ARG D 169 -4.85 23.04 19.45
CA ARG D 169 -5.90 23.32 20.44
C ARG D 169 -5.58 22.61 21.77
N GLN D 170 -5.02 21.37 21.70
CA GLN D 170 -4.59 20.62 22.88
C GLN D 170 -3.56 21.42 23.67
N ILE D 171 -2.55 21.98 22.96
CA ILE D 171 -1.48 22.77 23.57
C ILE D 171 -2.04 24.09 24.15
N LYS D 172 -3.03 24.69 23.46
CA LYS D 172 -3.65 25.92 23.93
C LYS D 172 -4.39 25.69 25.24
N PHE D 173 -5.12 24.55 25.35
CA PHE D 173 -5.84 24.19 26.57
C PHE D 173 -4.87 23.99 27.74
N ILE D 174 -3.74 23.26 27.51
CA ILE D 174 -2.74 23.01 28.55
C ILE D 174 -2.15 24.35 29.06
N SER D 175 -1.85 25.27 28.14
CA SER D 175 -1.23 26.54 28.49
C SER D 175 -2.21 27.48 29.22
N ASP D 176 -3.45 27.61 28.70
CA ASP D 176 -4.43 28.56 29.21
C ASP D 176 -5.16 28.04 30.45
N PHE D 177 -5.51 26.73 30.49
CA PHE D 177 -6.27 26.17 31.60
C PHE D 177 -5.35 25.57 32.67
N LYS D 178 -4.01 25.64 32.46
CA LYS D 178 -3.01 25.12 33.38
C LYS D 178 -3.27 23.62 33.68
N THR D 179 -3.38 22.80 32.61
CA THR D 179 -3.60 21.35 32.74
C THR D 179 -2.45 20.69 33.50
N THR D 180 -2.76 19.79 34.44
CA THR D 180 -1.73 19.11 35.24
C THR D 180 -1.72 17.60 34.93
N ALA D 181 -2.88 17.06 34.51
CA ALA D 181 -2.99 15.63 34.17
C ALA D 181 -3.55 15.45 32.76
N LEU D 182 -2.90 14.59 31.95
CA LEU D 182 -3.29 14.39 30.55
C LEU D 182 -3.44 12.91 30.22
N HIS D 183 -4.57 12.54 29.57
CA HIS D 183 -4.74 11.18 29.07
C HIS D 183 -4.53 11.14 27.57
N ALA D 184 -3.53 10.38 27.13
CA ALA D 184 -3.19 10.27 25.70
C ALA D 184 -2.55 8.93 25.40
N ILE D 185 -2.64 8.46 24.15
CA ILE D 185 -1.93 7.25 23.75
C ILE D 185 -0.44 7.58 23.60
N PRO D 186 0.46 6.62 23.90
CA PRO D 186 1.91 6.95 23.92
C PRO D 186 2.35 7.75 22.68
N SER D 187 1.95 7.31 21.47
CA SER D 187 2.36 7.96 20.21
C SER D 187 1.86 9.43 20.12
N TYR D 188 0.66 9.74 20.69
CA TYR D 188 0.14 11.11 20.62
C TYR D 188 0.80 12.01 21.66
N ALA D 189 1.27 11.43 22.79
CA ALA D 189 2.02 12.19 23.81
C ALA D 189 3.34 12.72 23.21
N ILE D 190 3.95 11.93 22.29
CA ILE D 190 5.17 12.33 21.60
C ILE D 190 4.83 13.41 20.56
N ARG D 191 3.69 13.26 19.85
CA ARG D 191 3.24 14.23 18.87
C ARG D 191 2.98 15.59 19.54
N LEU D 192 2.34 15.59 20.72
CA LEU D 192 2.05 16.83 21.45
C LEU D 192 3.34 17.55 21.86
N ALA D 193 4.36 16.79 22.34
CA ALA D 193 5.67 17.36 22.70
C ALA D 193 6.33 17.99 21.49
N GLU D 194 6.15 17.37 20.29
CA GLU D 194 6.70 17.88 19.05
C GLU D 194 6.00 19.19 18.65
N VAL D 195 4.65 19.24 18.76
CA VAL D 195 3.86 20.43 18.40
C VAL D 195 4.16 21.59 19.39
N PHE D 196 4.50 21.26 20.67
CA PHE D 196 4.91 22.27 21.66
C PHE D 196 6.14 23.03 21.15
N GLN D 197 7.16 22.29 20.66
CA GLN D 197 8.40 22.87 20.13
C GLN D 197 8.12 23.67 18.85
N GLU D 198 7.21 23.16 17.98
CA GLU D 198 6.84 23.86 16.73
C GLU D 198 6.22 25.24 17.04
N GLU D 199 5.45 25.33 18.16
CA GLU D 199 4.76 26.57 18.53
C GLU D 199 5.66 27.46 19.45
N GLY D 200 6.91 27.03 19.66
CA GLY D 200 7.87 27.80 20.44
C GLY D 200 7.67 27.70 21.94
N ILE D 201 7.21 26.53 22.42
CA ILE D 201 7.04 26.29 23.85
C ILE D 201 7.89 25.10 24.29
N ASP D 202 8.67 25.26 25.38
CA ASP D 202 9.47 24.16 25.94
C ASP D 202 8.55 23.10 26.54
N PRO D 203 8.50 21.87 25.96
CA PRO D 203 7.56 20.85 26.46
C PRO D 203 7.88 20.39 27.88
N ARG D 204 9.11 20.72 28.39
CA ARG D 204 9.51 20.37 29.75
C ARG D 204 9.07 21.46 30.77
N GLU D 205 8.61 22.62 30.27
CA GLU D 205 8.26 23.73 31.15
C GLU D 205 6.76 24.10 31.05
N THR D 206 5.88 23.09 31.14
CA THR D 206 4.44 23.33 31.18
C THR D 206 3.89 23.00 32.59
N THR D 207 2.59 23.12 32.77
CA THR D 207 1.96 22.82 34.07
C THR D 207 1.70 21.30 34.21
N LEU D 208 2.00 20.51 33.15
CA LEU D 208 1.79 19.07 33.15
C LEU D 208 2.64 18.38 34.23
N LYS D 209 2.05 17.47 35.01
CA LYS D 209 2.76 16.73 36.04
C LYS D 209 2.58 15.22 35.86
N THR D 210 1.36 14.78 35.49
CA THR D 210 1.06 13.36 35.38
C THR D 210 0.49 13.03 34.00
N LEU D 211 0.92 11.91 33.41
CA LEU D 211 0.36 11.45 32.15
C LEU D 211 -0.19 10.03 32.29
N VAL D 212 -1.34 9.78 31.70
CA VAL D 212 -1.93 8.46 31.68
C VAL D 212 -1.91 7.94 30.24
N ILE D 213 -1.10 6.90 29.98
CA ILE D 213 -0.96 6.36 28.63
C ILE D 213 -1.45 4.91 28.58
N GLY D 214 -2.18 4.59 27.51
CA GLY D 214 -2.70 3.24 27.31
C GLY D 214 -3.00 2.92 25.86
N ALA D 215 -3.88 1.92 25.63
CA ALA D 215 -4.37 1.51 24.29
C ALA D 215 -3.27 0.80 23.45
N GLU D 216 -2.10 1.45 23.27
CA GLU D 216 -1.01 0.89 22.44
C GLU D 216 -0.04 0.09 23.29
N PRO D 217 0.43 -1.08 22.80
CA PRO D 217 1.56 -1.75 23.46
C PRO D 217 2.83 -0.92 23.32
N HIS D 218 3.53 -0.67 24.42
CA HIS D 218 4.74 0.16 24.41
C HIS D 218 5.76 -0.35 25.41
N THR D 219 7.03 -0.01 25.22
CA THR D 219 8.09 -0.46 26.11
C THR D 219 8.25 0.53 27.27
N ASP D 220 8.90 0.08 28.36
CA ASP D 220 9.18 0.93 29.50
C ASP D 220 10.10 2.09 29.10
N GLU D 221 11.07 1.81 28.18
CA GLU D 221 11.99 2.84 27.73
CA GLU D 221 12.02 2.83 27.68
C GLU D 221 11.27 3.92 26.91
N GLN D 222 10.24 3.52 26.10
CA GLN D 222 9.44 4.50 25.36
C GLN D 222 8.70 5.42 26.33
N ARG D 223 8.24 4.86 27.46
CA ARG D 223 7.57 5.63 28.50
C ARG D 223 8.54 6.59 29.17
N ARG D 224 9.79 6.14 29.44
CA ARG D 224 10.83 6.99 30.04
C ARG D 224 11.20 8.12 29.09
N LYS D 225 11.16 7.84 27.77
CA LYS D 225 11.43 8.87 26.75
C LYS D 225 10.33 9.95 26.79
N ILE D 226 9.05 9.53 26.94
CA ILE D 226 7.92 10.47 27.07
C ILE D 226 8.06 11.31 28.37
N GLU D 227 8.51 10.67 29.48
CA GLU D 227 8.72 11.35 30.76
C GLU D 227 9.82 12.45 30.65
N ARG D 228 10.88 12.19 29.86
CA ARG D 228 11.98 13.16 29.68
C ARG D 228 11.53 14.31 28.79
N LEU D 230 8.45 15.65 28.31
CA LEU D 230 7.45 16.54 28.87
C LEU D 230 7.71 16.83 30.37
N ASN D 231 8.80 16.26 30.96
CA ASN D 231 9.12 16.42 32.39
C ASN D 231 7.89 16.02 33.25
N VAL D 232 7.35 14.81 33.01
CA VAL D 232 6.17 14.33 33.73
C VAL D 232 6.40 12.91 34.25
N LYS D 233 5.46 12.38 35.02
CA LYS D 233 5.42 10.98 35.39
C LYS D 233 4.31 10.29 34.62
N ALA D 234 4.66 9.30 33.79
CA ALA D 234 3.67 8.63 32.95
C ALA D 234 3.34 7.26 33.50
N TYR D 235 2.05 6.87 33.45
CA TYR D 235 1.60 5.61 34.03
C TYR D 235 0.83 4.78 33.01
N ASN D 236 1.11 3.45 32.95
CA ASN D 236 0.47 2.55 31.99
C ASN D 236 -0.98 2.23 32.41
N SER D 237 -1.94 2.47 31.48
CA SER D 237 -3.38 2.28 31.72
C SER D 237 -3.93 1.19 30.82
N PHE D 238 -4.50 0.13 31.41
CA PHE D 238 -5.05 -0.96 30.62
C PHE D 238 -6.58 -0.98 30.70
N GLY D 239 -7.21 -1.43 29.64
CA GLY D 239 -8.64 -1.59 29.60
C GLY D 239 -9.14 -1.99 28.25
N THR D 241 -13.17 -2.46 25.94
CA THR D 241 -14.61 -2.19 25.92
C THR D 241 -15.38 -3.31 26.67
N GLU D 242 -14.98 -4.57 26.45
CA GLU D 242 -15.65 -5.72 27.07
C GLU D 242 -15.63 -5.64 28.60
N ASN D 244 -15.64 -2.84 30.34
CA ASN D 244 -16.08 -1.43 30.61
C ASN D 244 -15.33 -0.47 29.70
N GLY D 245 -14.01 -0.52 29.78
CA GLY D 245 -13.11 0.40 29.09
C GLY D 245 -11.87 0.67 29.93
N PRO D 246 -11.59 1.96 30.25
CA PRO D 246 -10.48 2.25 31.19
C PRO D 246 -10.82 1.87 32.65
N GLY D 247 -9.79 1.77 33.51
CA GLY D 247 -9.95 1.47 34.93
C GLY D 247 -9.86 -0.02 35.27
N VAL D 248 -9.53 -0.85 34.28
CA VAL D 248 -9.43 -2.31 34.46
C VAL D 248 -8.09 -2.67 35.18
N ALA D 249 -6.96 -2.26 34.60
CA ALA D 249 -5.63 -2.44 35.23
C ALA D 249 -4.82 -1.18 35.09
N PHE D 250 -3.99 -0.87 36.08
CA PHE D 250 -3.31 0.41 36.15
C PHE D 250 -2.05 0.32 37.01
N GLU D 251 -0.95 0.95 36.56
CA GLU D 251 0.27 1.01 37.35
C GLU D 251 0.07 1.81 38.63
N CYS D 252 0.83 1.47 39.68
CA CYS D 252 0.89 2.31 40.87
C CYS D 252 2.08 3.26 40.74
N GLN D 253 2.42 4.00 41.80
CA GLN D 253 3.53 4.94 41.73
C GLN D 253 4.91 4.21 41.69
N GLU D 254 4.90 2.85 41.86
CA GLU D 254 6.12 2.03 41.72
C GLU D 254 6.47 1.85 40.24
N GLN D 255 5.48 2.03 39.33
CA GLN D 255 5.66 1.88 37.88
C GLN D 255 6.29 0.50 37.55
N ASN D 256 5.80 -0.56 38.21
CA ASN D 256 6.28 -1.92 37.99
C ASN D 256 5.10 -2.90 38.01
N GLY D 257 4.50 -3.11 36.84
CA GLY D 257 3.32 -3.95 36.71
C GLY D 257 2.04 -3.19 36.99
N HIS D 259 -1.66 -3.02 38.53
CA HIS D 259 -2.58 -3.62 39.49
C HIS D 259 -3.93 -3.89 38.85
N PHE D 260 -4.37 -5.15 38.88
CA PHE D 260 -5.69 -5.55 38.39
C PHE D 260 -6.67 -5.53 39.54
N TRP D 261 -7.77 -4.75 39.42
CA TRP D 261 -8.73 -4.64 40.52
C TRP D 261 -9.57 -5.92 40.64
N GLU D 262 -9.17 -6.81 41.57
CA GLU D 262 -9.72 -8.15 41.69
C GLU D 262 -11.10 -8.15 42.37
N ASP D 263 -11.55 -7.00 42.89
CA ASP D 263 -12.90 -6.90 43.45
C ASP D 263 -13.95 -6.81 42.32
N CYS D 264 -13.50 -6.44 41.09
CA CYS D 264 -14.42 -6.29 39.94
C CYS D 264 -14.06 -7.26 38.80
N TYR D 265 -12.91 -7.94 38.90
CA TYR D 265 -12.45 -8.84 37.82
C TYR D 265 -11.80 -10.10 38.38
N LEU D 266 -12.14 -11.27 37.79
CA LEU D 266 -11.44 -12.52 38.11
C LEU D 266 -10.44 -12.81 36.99
N VAL D 267 -9.14 -12.80 37.32
CA VAL D 267 -8.09 -12.89 36.32
C VAL D 267 -7.58 -14.33 36.15
N GLU D 268 -7.47 -14.78 34.89
CA GLU D 268 -6.88 -16.08 34.55
C GLU D 268 -5.83 -15.91 33.45
N ILE D 269 -4.69 -16.59 33.56
CA ILE D 269 -3.71 -16.63 32.49
C ILE D 269 -3.70 -18.06 31.91
N ILE D 270 -4.41 -18.24 30.79
CA ILE D 270 -4.64 -19.56 30.23
C ILE D 270 -3.65 -19.85 29.10
N ASP D 271 -3.25 -21.13 28.96
CA ASP D 271 -2.42 -21.57 27.84
C ASP D 271 -3.28 -21.68 26.56
N PRO D 272 -2.95 -20.91 25.49
CA PRO D 272 -3.82 -20.92 24.29
C PRO D 272 -3.91 -22.30 23.62
N GLU D 273 -2.92 -23.17 23.87
CA GLU D 273 -2.91 -24.50 23.27
C GLU D 273 -3.83 -25.48 24.04
N THR D 274 -3.50 -25.74 25.34
CA THR D 274 -4.25 -26.72 26.16
C THR D 274 -5.61 -26.16 26.63
N GLY D 275 -5.69 -24.85 26.85
CA GLY D 275 -6.87 -24.23 27.44
C GLY D 275 -6.87 -24.34 28.95
N GLU D 276 -5.71 -24.69 29.53
CA GLU D 276 -5.54 -24.84 30.97
C GLU D 276 -4.74 -23.66 31.55
N PRO D 277 -4.86 -23.38 32.87
CA PRO D 277 -4.05 -22.28 33.45
C PRO D 277 -2.56 -22.53 33.31
N VAL D 278 -1.78 -21.48 32.99
CA VAL D 278 -0.33 -21.60 32.85
C VAL D 278 0.32 -21.74 34.24
N PRO D 279 1.55 -22.31 34.33
CA PRO D 279 2.26 -22.31 35.62
C PRO D 279 2.39 -20.90 36.17
N GLU D 280 2.22 -20.74 37.49
CA GLU D 280 2.22 -19.42 38.16
C GLU D 280 3.41 -18.54 37.69
N GLY D 281 3.10 -17.45 36.98
CA GLY D 281 4.10 -16.47 36.54
C GLY D 281 4.51 -16.57 35.08
N GLU D 282 3.97 -17.59 34.35
CA GLU D 282 4.31 -17.78 32.93
C GLU D 282 3.43 -16.92 32.02
N ILE D 283 3.89 -16.64 30.79
CA ILE D 283 3.13 -15.84 29.83
C ILE D 283 2.05 -16.71 29.16
N GLY D 284 0.83 -16.20 29.15
CA GLY D 284 -0.30 -16.87 28.52
C GLY D 284 -1.37 -15.89 28.08
N GLU D 285 -2.53 -16.39 27.67
CA GLU D 285 -3.62 -15.53 27.23
C GLU D 285 -4.42 -15.02 28.45
N LEU D 286 -4.68 -13.70 28.49
CA LEU D 286 -5.46 -13.10 29.56
C LEU D 286 -6.95 -13.46 29.39
N VAL D 287 -7.54 -14.13 30.40
CA VAL D 287 -8.95 -14.53 30.37
C VAL D 287 -9.66 -13.91 31.58
N LEU D 288 -10.73 -13.13 31.32
CA LEU D 288 -11.33 -12.30 32.36
C LEU D 288 -12.80 -12.58 32.58
N THR D 289 -13.25 -12.49 33.86
CA THR D 289 -14.65 -12.60 34.25
C THR D 289 -15.05 -11.36 35.04
N THR D 290 -16.13 -10.67 34.63
CA THR D 290 -16.63 -9.49 35.38
C THR D 290 -17.23 -9.94 36.70
N LEU D 291 -17.06 -9.14 37.79
CA LEU D 291 -17.59 -9.49 39.10
C LEU D 291 -18.57 -8.42 39.64
N ASP D 292 -18.60 -7.21 39.01
CA ASP D 292 -19.48 -6.13 39.48
C ASP D 292 -20.41 -5.60 38.36
N ARG D 293 -20.52 -6.34 37.23
CA ARG D 293 -21.41 -5.96 36.13
C ARG D 293 -22.74 -6.72 36.23
N GLU D 294 -23.89 -6.04 35.96
CA GLU D 294 -25.21 -6.66 36.15
CA GLU D 294 -25.20 -6.67 36.14
C GLU D 294 -26.00 -6.73 34.82
N PRO D 297 -22.93 -9.15 32.10
CA PRO D 297 -21.67 -9.72 32.60
C PRO D 297 -21.00 -10.61 31.56
N LEU D 298 -19.67 -10.73 31.62
CA LEU D 298 -18.93 -11.62 30.75
C LEU D 298 -18.17 -12.64 31.55
N ILE D 299 -18.31 -13.92 31.20
CA ILE D 299 -17.69 -15.00 31.95
C ILE D 299 -16.57 -15.64 31.14
N ARG D 300 -15.34 -15.70 31.73
CA ARG D 300 -14.14 -16.29 31.10
C ARG D 300 -13.97 -15.81 29.65
N TYR D 301 -13.94 -14.48 29.44
CA TYR D 301 -13.78 -13.92 28.12
C TYR D 301 -12.33 -14.00 27.67
N ARG D 302 -12.08 -14.58 26.48
CA ARG D 302 -10.74 -14.68 25.92
C ARG D 302 -10.34 -13.35 25.24
N THR D 303 -9.48 -12.55 25.91
CA THR D 303 -9.13 -11.20 25.46
C THR D 303 -8.23 -11.23 24.22
N ARG D 304 -7.52 -12.37 23.99
CA ARG D 304 -6.51 -12.49 22.92
C ARG D 304 -5.22 -11.67 23.28
N ASP D 305 -5.15 -11.14 24.53
CA ASP D 305 -3.98 -10.42 25.01
C ASP D 305 -3.01 -11.36 25.70
N LEU D 306 -1.72 -11.21 25.43
CA LEU D 306 -0.70 -12.06 26.05
C LEU D 306 0.05 -11.29 27.12
N THR D 307 0.05 -11.83 28.35
CA THR D 307 0.76 -11.22 29.48
C THR D 307 0.98 -12.29 30.58
N ARG D 308 1.45 -11.86 31.75
CA ARG D 308 1.73 -12.76 32.88
C ARG D 308 1.44 -12.06 34.19
N ILE D 309 1.24 -12.82 35.26
CA ILE D 309 1.05 -12.25 36.58
C ILE D 309 2.40 -12.11 37.28
N LEU D 310 2.74 -10.90 37.75
CA LEU D 310 3.97 -10.70 38.54
C LEU D 310 3.76 -11.24 39.97
N PRO D 311 4.58 -12.24 40.40
CA PRO D 311 4.21 -13.01 41.61
C PRO D 311 4.32 -12.19 42.92
N GLY D 312 5.50 -11.63 43.18
CA GLY D 312 5.78 -10.93 44.44
C GLY D 312 4.76 -9.88 44.82
N LYS D 313 4.67 -9.55 46.12
CA LYS D 313 3.80 -8.47 46.59
C LYS D 313 4.43 -7.10 46.28
N CYS D 314 3.61 -6.06 46.14
CA CYS D 314 4.09 -4.76 45.73
C CYS D 314 4.45 -3.89 46.94
N PRO D 315 5.52 -3.04 46.82
CA PRO D 315 5.90 -2.17 47.95
C PRO D 315 4.84 -1.09 48.28
N CYS D 316 3.87 -0.83 47.35
CA CYS D 316 2.83 0.20 47.60
C CYS D 316 1.80 -0.30 48.68
N GLY D 317 1.86 -1.60 48.98
CA GLY D 317 1.01 -2.20 50.03
C GLY D 317 -0.29 -2.78 49.50
N ARG D 318 -0.61 -2.55 48.22
CA ARG D 318 -1.84 -3.05 47.63
C ARG D 318 -1.73 -4.57 47.38
N THR D 319 -2.81 -5.30 47.71
CA THR D 319 -2.79 -6.76 47.66
C THR D 319 -3.33 -7.29 46.31
N HIS D 320 -3.86 -6.39 45.46
CA HIS D 320 -4.38 -6.79 44.16
C HIS D 320 -3.24 -7.15 43.22
N LEU D 321 -3.38 -8.29 42.48
CA LEU D 321 -2.31 -8.83 41.64
C LEU D 321 -1.86 -7.81 40.55
N ARG D 322 -0.63 -7.95 40.08
CA ARG D 322 -0.09 -7.10 39.01
C ARG D 322 0.18 -7.92 37.77
N ILE D 323 -0.23 -7.41 36.61
CA ILE D 323 0.12 -8.04 35.34
C ILE D 323 1.27 -7.30 34.70
N ASP D 324 2.06 -8.00 33.88
CA ASP D 324 3.14 -7.37 33.14
C ASP D 324 2.56 -6.62 31.93
N ARG D 325 3.41 -5.83 31.24
CA ARG D 325 3.00 -5.13 30.01
C ARG D 325 2.43 -6.11 29.00
N ILE D 326 1.42 -5.69 28.23
CA ILE D 326 0.86 -6.55 27.19
C ILE D 326 1.88 -6.70 26.05
N LYS D 327 2.41 -7.94 25.86
CA LYS D 327 3.41 -8.22 24.81
C LYS D 327 2.79 -8.08 23.42
N GLY D 328 1.46 -7.98 23.37
CA GLY D 328 0.71 -7.82 22.13
C GLY D 328 -0.50 -8.71 22.04
N ARG D 329 -1.42 -8.38 21.11
CA ARG D 329 -2.59 -9.20 20.82
C ARG D 329 -2.18 -10.44 20.03
N SER D 330 -3.10 -11.43 19.93
CA SER D 330 -2.85 -12.63 19.12
C SER D 330 -2.95 -12.30 17.63
N ASP D 331 -3.80 -11.31 17.28
CA ASP D 331 -3.98 -10.90 15.88
C ASP D 331 -2.88 -9.89 15.44
N ASP D 332 -2.10 -9.36 16.41
CA ASP D 332 -0.95 -8.47 16.10
C ASP D 332 0.23 -9.29 15.57
N PHE D 334 2.49 -11.73 13.33
CA PHE D 334 2.62 -11.99 11.90
C PHE D 334 3.65 -13.09 11.64
N ILE D 335 3.49 -13.83 10.53
CA ILE D 335 4.39 -14.93 10.20
C ILE D 335 5.14 -14.63 8.90
N ILE D 336 6.48 -14.63 8.97
CA ILE D 336 7.32 -14.42 7.81
C ILE D 336 8.33 -15.58 7.69
N LYS D 337 8.42 -16.20 6.50
CA LYS D 337 9.29 -17.36 6.27
C LYS D 337 8.96 -18.53 7.27
N GLY D 338 7.70 -18.62 7.68
CA GLY D 338 7.23 -19.68 8.58
C GLY D 338 7.55 -19.42 10.04
N VAL D 339 8.14 -18.24 10.35
CA VAL D 339 8.53 -17.90 11.72
C VAL D 339 7.53 -16.90 12.33
N ASN D 340 6.99 -17.22 13.53
CA ASN D 340 6.06 -16.34 14.23
C ASN D 340 6.80 -15.17 14.86
N ILE D 341 6.35 -13.92 14.59
CA ILE D 341 7.01 -12.73 15.14
C ILE D 341 5.97 -11.77 15.72
N PHE D 342 6.28 -11.16 16.88
CA PHE D 342 5.46 -10.11 17.44
C PHE D 342 6.11 -8.75 17.19
N PRO D 343 5.30 -7.71 16.87
CA PRO D 343 5.89 -6.39 16.57
C PRO D 343 6.67 -5.81 17.77
N GLN D 345 8.67 -7.37 19.71
CA GLN D 345 10.04 -7.92 19.68
C GLN D 345 10.96 -6.99 18.89
N VAL D 346 10.43 -6.38 17.81
CA VAL D 346 11.16 -5.43 16.99
C VAL D 346 11.35 -4.11 17.76
N GLU D 347 10.26 -3.60 18.38
CA GLU D 347 10.30 -2.35 19.13
C GLU D 347 11.28 -2.43 20.33
N LYS D 348 11.27 -3.57 21.07
CA LYS D 348 12.12 -3.76 22.26
C LYS D 348 13.62 -3.65 21.89
N ILE D 349 13.97 -3.90 20.61
CA ILE D 349 15.35 -3.78 20.14
C ILE D 349 15.63 -2.34 19.68
N LEU D 350 14.68 -1.73 18.93
CA LEU D 350 14.84 -0.38 18.40
C LEU D 350 14.99 0.68 19.51
N VAL D 351 14.25 0.51 20.64
CA VAL D 351 14.27 1.49 21.76
C VAL D 351 15.66 1.53 22.45
N GLN D 352 16.48 0.47 22.29
CA GLN D 352 17.81 0.41 22.89
C GLN D 352 18.80 1.38 22.18
N PHE D 353 18.43 1.86 20.98
CA PHE D 353 19.28 2.76 20.21
C PHE D 353 18.80 4.22 20.33
N PRO D 354 19.59 5.09 21.04
CA PRO D 354 19.13 6.48 21.25
C PRO D 354 19.18 7.32 19.96
N GLU D 355 19.84 6.80 18.91
CA GLU D 355 19.94 7.51 17.63
C GLU D 355 18.64 7.40 16.83
N LEU D 356 17.74 6.48 17.24
CA LEU D 356 16.47 6.26 16.54
C LEU D 356 15.32 6.97 17.23
N GLY D 357 14.32 7.36 16.44
CA GLY D 357 13.08 7.94 16.95
C GLY D 357 12.07 6.87 17.35
N SER D 358 10.94 7.30 17.92
CA SER D 358 9.91 6.36 18.40
C SER D 358 9.04 5.82 17.25
N ASN D 359 8.98 6.56 16.12
CA ASN D 359 8.12 6.17 15.01
C ASN D 359 8.84 5.15 14.09
N TYR D 360 8.26 3.94 13.97
CA TYR D 360 8.80 2.89 13.10
C TYR D 360 7.67 2.20 12.33
N LEU D 361 8.00 1.53 11.21
CA LEU D 361 7.01 0.84 10.40
C LEU D 361 7.57 -0.46 9.84
N ILE D 362 6.91 -1.58 10.13
CA ILE D 362 7.27 -2.88 9.56
C ILE D 362 6.40 -3.14 8.34
N THR D 363 7.02 -3.41 7.19
CA THR D 363 6.28 -3.70 5.96
C THR D 363 6.61 -5.10 5.46
N LEU D 364 5.57 -5.90 5.17
CA LEU D 364 5.76 -7.27 4.69
C LEU D 364 5.36 -7.37 3.22
N GLU D 365 6.30 -7.81 2.38
CA GLU D 365 6.06 -7.91 0.94
C GLU D 365 6.49 -9.28 0.42
N THR D 366 5.83 -9.76 -0.62
CA THR D 366 6.25 -11.00 -1.26
C THR D 366 7.18 -10.66 -2.46
N VAL D 367 8.52 -10.53 -2.18
CA VAL D 367 9.53 -10.14 -3.19
C VAL D 367 9.55 -11.17 -4.34
N ASN D 368 8.70 -10.93 -5.38
CA ASN D 368 8.54 -11.80 -6.55
C ASN D 368 7.89 -13.17 -6.17
N ASN D 369 8.62 -13.99 -5.35
CA ASN D 369 8.11 -15.32 -4.97
C ASN D 369 8.37 -15.60 -3.46
N GLN D 370 9.35 -14.90 -2.85
CA GLN D 370 9.72 -15.11 -1.45
C GLN D 370 9.27 -13.93 -0.55
N ASP D 371 8.96 -14.21 0.73
CA ASP D 371 8.54 -13.18 1.69
C ASP D 371 9.72 -12.32 2.15
N GLU D 372 9.53 -10.98 2.21
CA GLU D 372 10.56 -10.04 2.66
C GLU D 372 10.02 -9.12 3.75
N ILE D 374 10.72 -5.57 5.77
CA ILE D 374 11.46 -4.31 5.83
C ILE D 374 11.05 -3.51 7.09
N VAL D 375 12.05 -3.02 7.84
CA VAL D 375 11.81 -2.24 9.06
C VAL D 375 12.30 -0.79 8.86
N GLU D 376 11.35 0.14 8.66
CA GLU D 376 11.67 1.57 8.57
C GLU D 376 11.61 2.22 9.94
N VAL D 377 12.66 2.97 10.31
CA VAL D 377 12.68 3.65 11.61
C VAL D 377 13.28 5.07 11.46
N GLU D 378 12.56 6.09 11.95
CA GLU D 378 13.01 7.49 11.87
C GLU D 378 14.24 7.73 12.72
N LEU D 379 15.08 8.68 12.33
CA LEU D 379 16.24 9.07 13.13
C LEU D 379 15.87 10.18 14.08
N SER D 380 16.39 10.13 15.32
CA SER D 380 16.16 11.20 16.28
C SER D 380 17.04 12.40 15.98
N ASP D 381 16.56 13.63 16.27
CA ASP D 381 17.29 14.87 16.01
C ASP D 381 18.61 14.93 16.82
N LEU D 382 18.71 14.13 17.91
CA LEU D 382 19.89 14.10 18.78
C LEU D 382 21.07 13.31 18.13
N SER D 383 20.83 12.66 16.96
CA SER D 383 21.86 11.85 16.28
C SER D 383 23.01 12.71 15.71
N THR D 384 24.25 12.15 15.72
CA THR D 384 25.47 12.84 15.26
C THR D 384 25.41 13.15 13.74
N ASP D 385 24.67 12.31 12.96
CA ASP D 385 24.47 12.49 11.50
C ASP D 385 25.76 12.10 10.69
N ASN D 386 26.77 11.48 11.36
CA ASN D 386 27.93 10.89 10.68
C ASN D 386 27.50 9.62 9.95
N TYR D 387 27.76 9.53 8.62
CA TYR D 387 27.32 8.37 7.83
C TYR D 387 27.93 7.06 8.33
N ILE D 388 29.29 7.00 8.43
CA ILE D 388 30.00 5.77 8.83
C ILE D 388 29.50 5.27 10.21
N GLU D 389 29.29 6.20 11.17
CA GLU D 389 28.86 5.86 12.52
C GLU D 389 27.38 5.36 12.53
N LEU D 390 26.49 5.99 11.72
CA LEU D 390 25.08 5.58 11.64
C LEU D 390 24.91 4.28 10.86
N GLU D 391 25.78 4.05 9.85
CA GLU D 391 25.72 2.81 9.07
C GLU D 391 26.16 1.61 9.92
N LYS D 392 27.18 1.82 10.80
CA LYS D 392 27.63 0.78 11.76
C LYS D 392 26.51 0.45 12.73
N ILE D 393 25.69 1.47 13.12
CA ILE D 393 24.56 1.30 14.01
C ILE D 393 23.44 0.51 13.29
N ARG D 394 23.17 0.84 12.00
CA ARG D 394 22.15 0.15 11.21
C ARG D 394 22.47 -1.34 11.09
N ARG D 395 23.76 -1.69 10.85
CA ARG D 395 24.19 -3.08 10.76
C ARG D 395 24.01 -3.81 12.11
N ASP D 396 24.21 -3.08 13.23
CA ASP D 396 24.04 -3.62 14.57
C ASP D 396 22.53 -3.85 14.87
N ILE D 397 21.67 -2.99 14.30
CA ILE D 397 20.20 -3.14 14.43
C ILE D 397 19.76 -4.43 13.70
N ILE D 398 20.26 -4.64 12.45
CA ILE D 398 19.96 -5.86 11.68
C ILE D 398 20.43 -7.10 12.46
N ARG D 399 21.66 -7.02 13.05
CA ARG D 399 22.26 -8.13 13.80
C ARG D 399 21.40 -8.49 15.03
N GLN D 400 21.02 -7.47 15.84
CA GLN D 400 20.24 -7.70 17.07
C GLN D 400 18.80 -8.15 16.75
N LEU D 401 18.22 -7.66 15.63
CA LEU D 401 16.89 -8.10 15.18
C LEU D 401 16.94 -9.54 14.70
N LYS D 402 17.98 -9.90 13.92
CA LYS D 402 18.17 -11.27 13.41
C LYS D 402 18.23 -12.28 14.56
N ASP D 403 18.96 -11.95 15.65
CA ASP D 403 19.12 -12.83 16.81
C ASP D 403 17.80 -12.97 17.59
N GLU D 404 16.99 -11.89 17.63
CA GLU D 404 15.76 -11.86 18.41
C GLU D 404 14.60 -12.58 17.68
N ILE D 405 14.30 -12.18 16.42
CA ILE D 405 13.12 -12.68 15.72
C ILE D 405 13.47 -13.90 14.81
N LEU D 406 14.77 -14.27 14.74
CA LEU D 406 15.25 -15.48 14.02
C LEU D 406 15.01 -15.40 12.47
N VAL D 407 14.75 -14.18 11.95
CA VAL D 407 14.70 -13.93 10.49
C VAL D 407 15.55 -12.70 10.20
N THR D 408 16.18 -12.64 9.01
CA THR D 408 17.00 -11.49 8.64
C THR D 408 16.11 -10.39 7.99
N PRO D 409 15.90 -9.24 8.68
CA PRO D 409 15.06 -8.20 8.09
C PRO D 409 15.88 -7.14 7.36
N LYS D 410 15.21 -6.32 6.53
CA LYS D 410 15.85 -5.19 5.88
C LYS D 410 15.57 -3.92 6.67
N VAL D 411 16.62 -3.32 7.26
CA VAL D 411 16.45 -2.12 8.08
C VAL D 411 16.81 -0.87 7.27
N LYS D 412 15.91 0.12 7.24
CA LYS D 412 16.14 1.36 6.53
C LYS D 412 15.94 2.56 7.47
N LEU D 413 17.00 3.35 7.69
CA LEU D 413 16.91 4.54 8.53
C LEU D 413 16.33 5.69 7.72
N VAL D 414 15.13 6.16 8.08
CA VAL D 414 14.44 7.21 7.33
C VAL D 414 14.50 8.56 8.07
N LYS D 415 14.17 9.66 7.37
CA LYS D 415 14.22 11.02 7.94
C LYS D 415 13.12 11.21 9.02
N LYS D 416 13.40 12.05 10.03
CA LYS D 416 12.45 12.31 11.10
C LYS D 416 11.20 13.02 10.54
N GLY D 417 10.04 12.37 10.71
CA GLY D 417 8.77 12.91 10.23
C GLY D 417 8.34 12.35 8.89
N SER D 418 9.18 11.48 8.28
CA SER D 418 8.88 10.91 6.96
C SER D 418 7.80 9.83 7.05
N LEU D 419 7.82 9.00 8.13
CA LEU D 419 6.84 7.93 8.31
C LEU D 419 5.46 8.51 8.68
N PRO D 420 4.36 7.89 8.21
CA PRO D 420 3.03 8.45 8.48
C PRO D 420 2.62 8.30 9.96
N GLN D 421 1.88 9.28 10.48
CA GLN D 421 1.33 9.22 11.83
C GLN D 421 -0.16 8.88 11.76
N SER D 422 -0.56 7.75 12.39
CA SER D 422 -1.96 7.29 12.36
C SER D 422 -2.86 8.20 13.20
N GLU D 423 -4.17 8.28 12.85
CA GLU D 423 -5.14 9.10 13.58
C GLU D 423 -5.36 8.51 14.99
N GLY D 424 -5.73 7.23 15.05
CA GLY D 424 -5.89 6.53 16.31
C GLY D 424 -4.62 5.81 16.72
N LYS D 425 -4.74 4.49 17.06
CA LYS D 425 -3.58 3.67 17.41
CA LYS D 425 -3.59 3.67 17.42
C LYS D 425 -2.59 3.64 16.27
N ALA D 426 -1.28 3.72 16.59
CA ALA D 426 -0.24 3.70 15.58
C ALA D 426 -0.18 2.35 14.88
N VAL D 427 -0.11 2.36 13.55
CA VAL D 427 0.00 1.14 12.77
C VAL D 427 1.48 0.80 12.61
N ARG D 428 1.92 -0.33 13.18
CA ARG D 428 3.33 -0.69 13.16
C ARG D 428 3.61 -1.76 12.09
N VAL D 429 2.55 -2.46 11.62
CA VAL D 429 2.72 -3.51 10.62
C VAL D 429 1.82 -3.24 9.39
N LYS D 430 2.44 -3.16 8.19
CA LYS D 430 1.71 -3.00 6.94
C LYS D 430 1.97 -4.22 6.03
N ASP D 431 1.05 -5.20 6.03
CA ASP D 431 1.22 -6.43 5.26
C ASP D 431 0.72 -6.24 3.82
N LEU D 432 1.63 -6.39 2.83
CA LEU D 432 1.30 -6.22 1.42
C LEU D 432 1.44 -7.56 0.67
N ARG D 433 0.78 -8.61 1.19
CA ARG D 433 0.80 -9.94 0.57
C ARG D 433 -0.65 -10.41 0.26
N ASP D 434 -1.09 -11.54 0.88
CA ASP D 434 -2.45 -12.07 0.68
C ASP D 434 -3.02 -12.59 2.00
#